data_1TEI
#
_entry.id   1TEI
#
_cell.length_a   176.500
_cell.length_b   122.800
_cell.length_c   124.600
_cell.angle_alpha   90.00
_cell.angle_beta   134.20
_cell.angle_gamma   90.00
#
_symmetry.space_group_name_H-M   'C 1 2 1'
#
loop_
_entity.id
_entity.type
_entity.pdbx_description
1 polymer 'CONCANAVALIN A'
2 branched 2-acetamido-2-deoxy-beta-D-glucopyranose-(1-2)-alpha-D-mannopyranose-(1-3)-[2-acetamido-2-deoxy-beta-D-glucopyranose-(1-2)-alpha-D-mannopyranose-(1-6)]alpha-D-mannopyranose
3 non-polymer 'MANGANESE (II) ION'
4 non-polymer 'CALCIUM ION'
5 water water
#
_entity_poly.entity_id   1
_entity_poly.type   'polypeptide(L)'
_entity_poly.pdbx_seq_one_letter_code
;ADTIVAVELDTYPNTDIGDPSYPHIGIDIKSVRSKKTAKWNMQNGKVGTAHIIYNSVDKRLSAVVSYPNADSATVSYDVD
LDNVLPEWVRVGLSASTGLYKETNTILSWSFTSKLKSNSTHETNALHFMFNQFSKDQKDLILQGDATTGTDGNLELTRVS
SNGSPQGSSVGRALFYAPVHIWESSAVVASFEATFTFLIKSPDSHPADGIAFFISNIDSSIPSGSTGRLLGLFPDAN
;
_entity_poly.pdbx_strand_id   A,B,C,D,E,F,G,H
#
loop_
_chem_comp.id
_chem_comp.type
_chem_comp.name
_chem_comp.formula
CA non-polymer 'CALCIUM ION' 'Ca 2'
MAN D-saccharide, alpha linking alpha-D-mannopyranose 'C6 H12 O6'
MN non-polymer 'MANGANESE (II) ION' 'Mn 2'
NAG D-saccharide, beta linking 2-acetamido-2-deoxy-beta-D-glucopyranose 'C8 H15 N O6'
#
# COMPACT_ATOMS: atom_id res chain seq x y z
N ALA A 1 18.33 11.14 13.82
CA ALA A 1 17.01 11.80 13.61
C ALA A 1 16.99 12.37 12.20
N ASP A 2 15.82 12.81 11.75
CA ASP A 2 15.69 13.38 10.43
C ASP A 2 16.20 14.83 10.43
N THR A 3 16.68 15.28 9.28
CA THR A 3 17.16 16.64 9.13
C THR A 3 16.02 17.29 8.38
N ILE A 4 15.41 18.30 8.96
CA ILE A 4 14.29 18.98 8.33
C ILE A 4 14.45 20.48 8.14
N VAL A 5 14.02 20.95 6.98
CA VAL A 5 14.06 22.36 6.65
C VAL A 5 12.68 22.51 6.10
N ALA A 6 11.91 23.42 6.68
CA ALA A 6 10.56 23.60 6.20
C ALA A 6 10.03 24.99 6.29
N VAL A 7 8.95 25.21 5.55
CA VAL A 7 8.29 26.51 5.53
C VAL A 7 6.88 26.10 5.97
N GLU A 8 6.51 26.54 7.16
CA GLU A 8 5.21 26.23 7.71
C GLU A 8 4.15 27.32 7.59
N LEU A 9 2.93 26.89 7.30
CA LEU A 9 1.76 27.74 7.16
C LEU A 9 1.03 27.27 8.43
N ASP A 10 1.45 27.83 9.56
CA ASP A 10 0.93 27.53 10.87
C ASP A 10 -0.38 28.24 11.20
N THR A 11 -1.48 27.48 11.22
CA THR A 11 -2.79 28.05 11.51
C THR A 11 -3.20 28.18 12.99
N TYR A 12 -2.55 27.44 13.87
CA TYR A 12 -2.88 27.50 15.28
C TYR A 12 -1.71 27.98 16.14
N PRO A 13 -1.92 29.06 16.90
CA PRO A 13 -0.84 29.56 17.75
C PRO A 13 -0.61 28.82 19.08
N ASN A 14 0.56 28.20 19.21
CA ASN A 14 0.94 27.46 20.41
C ASN A 14 1.98 28.34 21.07
N THR A 15 1.51 29.33 21.82
CA THR A 15 2.42 30.24 22.49
C THR A 15 3.37 29.58 23.49
N ASP A 16 2.99 28.43 24.05
CA ASP A 16 3.88 27.76 25.00
C ASP A 16 5.17 27.24 24.37
N ILE A 17 5.16 26.97 23.07
CA ILE A 17 6.37 26.48 22.40
C ILE A 17 6.97 27.53 21.48
N GLY A 18 6.66 28.79 21.74
CA GLY A 18 7.21 29.87 20.92
C GLY A 18 6.45 30.51 19.77
N ASP A 19 5.27 30.02 19.44
CA ASP A 19 4.51 30.60 18.34
C ASP A 19 4.02 32.01 18.69
N PRO A 20 3.83 32.87 17.69
CA PRO A 20 3.34 34.24 17.92
C PRO A 20 1.84 34.02 18.24
N SER A 21 1.14 35.01 18.80
CA SER A 21 -0.28 34.82 19.12
C SER A 21 -1.28 34.96 17.98
N TYR A 22 -0.89 34.51 16.79
CA TYR A 22 -1.74 34.58 15.61
C TYR A 22 -1.24 33.62 14.55
N PRO A 23 -2.08 33.33 13.54
CA PRO A 23 -1.70 32.43 12.45
C PRO A 23 -0.48 33.07 11.82
N HIS A 24 0.47 32.26 11.38
CA HIS A 24 1.67 32.81 10.77
C HIS A 24 2.36 31.82 9.85
N ILE A 25 3.37 32.30 9.13
CA ILE A 25 4.13 31.46 8.21
C ILE A 25 5.53 31.54 8.84
N GLY A 26 6.30 30.46 8.78
CA GLY A 26 7.63 30.52 9.38
C GLY A 26 8.62 29.63 8.69
N ILE A 27 9.88 29.86 8.99
CA ILE A 27 10.96 29.09 8.41
C ILE A 27 11.55 28.29 9.55
N ASP A 28 11.45 26.95 9.45
CA ASP A 28 11.97 26.03 10.45
C ASP A 28 13.19 25.30 10.02
N ILE A 29 14.27 25.43 10.77
CA ILE A 29 15.51 24.77 10.44
C ILE A 29 15.78 23.78 11.56
N LYS A 30 15.50 22.50 11.32
CA LYS A 30 15.69 21.43 12.29
C LYS A 30 14.92 21.55 13.62
N SER A 31 13.96 22.47 13.68
CA SER A 31 13.18 22.65 14.88
C SER A 31 11.83 23.28 14.56
N VAL A 32 10.82 22.93 15.34
CA VAL A 32 9.48 23.46 15.14
C VAL A 32 9.44 24.93 15.58
N ARG A 33 10.42 25.36 16.36
CA ARG A 33 10.48 26.74 16.83
C ARG A 33 11.10 27.58 15.70
N SER A 34 10.23 28.09 14.82
CA SER A 34 10.64 28.89 13.68
C SER A 34 11.73 29.89 13.97
N LYS A 35 12.74 29.92 13.10
CA LYS A 35 13.85 30.83 13.25
C LYS A 35 13.35 32.24 12.90
N LYS A 36 12.29 32.33 12.09
CA LYS A 36 11.73 33.62 11.69
C LYS A 36 10.28 33.40 11.30
N THR A 37 9.40 34.33 11.65
CA THR A 37 7.98 34.21 11.31
C THR A 37 7.36 35.54 10.84
N ALA A 38 6.16 35.49 10.31
CA ALA A 38 5.46 36.68 9.83
C ALA A 38 3.97 36.45 10.01
N LYS A 39 3.23 37.48 10.39
CA LYS A 39 1.80 37.38 10.58
C LYS A 39 1.15 36.96 9.28
N TRP A 40 0.22 36.01 9.35
CA TRP A 40 -0.48 35.51 8.17
C TRP A 40 -1.98 35.59 8.38
N ASN A 41 -2.64 36.35 7.51
CA ASN A 41 -4.09 36.52 7.59
C ASN A 41 -4.75 35.39 6.85
N MET A 42 -4.79 34.25 7.51
CA MET A 42 -5.38 33.05 6.96
C MET A 42 -6.85 33.25 6.65
N GLN A 43 -7.27 32.82 5.47
CA GLN A 43 -8.65 32.94 5.06
C GLN A 43 -9.35 31.60 4.96
N ASN A 44 -10.08 31.28 6.01
CA ASN A 44 -10.82 30.04 6.11
C ASN A 44 -11.71 29.78 4.90
N GLY A 45 -11.57 28.61 4.29
CA GLY A 45 -12.38 28.28 3.14
C GLY A 45 -11.96 28.80 1.78
N LYS A 46 -10.87 29.55 1.70
CA LYS A 46 -10.41 30.05 0.43
C LYS A 46 -9.11 29.43 -0.06
N VAL A 47 -8.99 29.32 -1.37
CA VAL A 47 -7.81 28.74 -2.00
C VAL A 47 -6.69 29.77 -1.98
N GLY A 48 -5.55 29.40 -1.43
CA GLY A 48 -4.44 30.32 -1.38
C GLY A 48 -3.27 29.74 -2.14
N THR A 49 -2.22 30.54 -2.27
CA THR A 49 -1.01 30.11 -2.98
C THR A 49 0.24 30.40 -2.17
N ALA A 50 1.14 29.41 -2.12
CA ALA A 50 2.40 29.52 -1.39
C ALA A 50 3.49 29.40 -2.44
N HIS A 51 4.54 30.17 -2.28
CA HIS A 51 5.65 30.16 -3.20
C HIS A 51 6.93 30.26 -2.39
N ILE A 52 7.79 29.25 -2.50
CA ILE A 52 9.06 29.20 -1.79
C ILE A 52 10.20 29.29 -2.80
N ILE A 53 11.24 30.06 -2.50
CA ILE A 53 12.39 30.21 -3.39
C ILE A 53 13.66 30.23 -2.58
N TYR A 54 14.76 29.84 -3.22
CA TYR A 54 16.07 29.80 -2.61
C TYR A 54 17.13 29.71 -3.69
N ASN A 55 18.30 30.32 -3.45
CA ASN A 55 19.40 30.29 -4.41
C ASN A 55 20.72 30.32 -3.62
N SER A 56 21.72 29.59 -4.09
CA SER A 56 23.03 29.50 -3.42
C SER A 56 23.87 30.77 -3.42
N VAL A 57 23.54 31.71 -4.30
CA VAL A 57 24.28 32.97 -4.36
C VAL A 57 23.92 33.86 -3.18
N ASP A 58 22.63 33.98 -2.87
CA ASP A 58 22.18 34.80 -1.77
C ASP A 58 22.07 34.02 -0.49
N LYS A 59 21.93 32.70 -0.62
CA LYS A 59 21.82 31.81 0.52
C LYS A 59 20.71 32.36 1.41
N ARG A 60 19.57 32.62 0.78
CA ARG A 60 18.40 33.17 1.44
C ARG A 60 17.12 32.40 1.04
N LEU A 61 16.41 31.88 2.04
CA LEU A 61 15.18 31.13 1.80
C LEU A 61 13.98 32.06 2.05
N SER A 62 13.13 32.21 1.05
CA SER A 62 11.98 33.09 1.21
C SER A 62 10.70 32.41 0.81
N ALA A 63 9.60 32.87 1.40
CA ALA A 63 8.28 32.34 1.13
C ALA A 63 7.27 33.47 1.10
N VAL A 64 6.30 33.32 0.21
CA VAL A 64 5.23 34.29 0.04
C VAL A 64 3.95 33.49 -0.01
N VAL A 65 2.97 33.88 0.81
CA VAL A 65 1.68 33.20 0.85
C VAL A 65 0.65 34.28 0.56
N SER A 66 -0.33 34.01 -0.29
CA SER A 66 -1.31 35.03 -0.57
C SER A 66 -2.60 34.44 -1.08
N TYR A 67 -3.64 35.25 -1.03
CA TYR A 67 -4.97 34.87 -1.48
C TYR A 67 -5.29 35.90 -2.54
N PRO A 68 -6.03 35.51 -3.59
CA PRO A 68 -6.35 36.49 -4.62
C PRO A 68 -6.97 37.72 -3.96
N ASN A 69 -6.62 38.91 -4.46
CA ASN A 69 -7.15 40.16 -3.91
C ASN A 69 -6.95 40.38 -2.40
N ALA A 70 -5.72 40.20 -1.95
CA ALA A 70 -5.38 40.37 -0.55
C ALA A 70 -3.86 40.53 -0.47
N ASP A 71 -3.39 41.14 0.60
CA ASP A 71 -1.95 41.32 0.77
C ASP A 71 -1.33 39.93 0.87
N SER A 72 -0.03 39.86 0.70
CA SER A 72 0.64 38.57 0.79
C SER A 72 1.55 38.64 2.01
N ALA A 73 1.69 37.53 2.72
CA ALA A 73 2.56 37.47 3.90
C ALA A 73 3.91 37.03 3.34
N THR A 74 5.00 37.60 3.87
CA THR A 74 6.33 37.26 3.40
C THR A 74 7.26 37.00 4.58
N VAL A 75 8.17 36.06 4.39
CA VAL A 75 9.12 35.72 5.43
C VAL A 75 10.37 35.25 4.71
N SER A 76 11.51 35.70 5.20
CA SER A 76 12.79 35.36 4.62
C SER A 76 13.79 35.07 5.74
N TYR A 77 14.81 34.28 5.43
CA TYR A 77 15.82 33.94 6.43
C TYR A 77 17.13 33.52 5.75
N ASP A 78 18.25 34.03 6.26
CA ASP A 78 19.54 33.68 5.67
C ASP A 78 19.99 32.34 6.23
N VAL A 79 20.20 31.38 5.34
CA VAL A 79 20.64 30.05 5.73
C VAL A 79 21.41 29.36 4.61
N ASP A 80 22.61 28.89 4.93
CA ASP A 80 23.42 28.20 3.95
C ASP A 80 23.00 26.71 4.02
N LEU A 81 22.22 26.26 3.04
CA LEU A 81 21.78 24.87 3.03
C LEU A 81 22.86 23.80 2.92
N ASP A 82 24.05 24.14 2.44
CA ASP A 82 25.13 23.15 2.31
C ASP A 82 25.50 22.63 3.69
N ASN A 83 25.31 23.45 4.72
CA ASN A 83 25.66 23.04 6.07
C ASN A 83 24.50 22.47 6.87
N VAL A 84 23.31 22.46 6.29
CA VAL A 84 22.18 21.93 7.01
C VAL A 84 21.61 20.65 6.42
N LEU A 85 21.58 20.57 5.11
CA LEU A 85 21.05 19.39 4.48
C LEU A 85 22.06 18.50 3.81
N PRO A 86 21.73 17.20 3.69
CA PRO A 86 22.68 16.30 3.03
C PRO A 86 22.60 16.64 1.54
N GLU A 87 23.57 16.20 0.75
CA GLU A 87 23.60 16.48 -0.69
C GLU A 87 22.33 16.08 -1.45
N TRP A 88 21.77 14.92 -1.10
CA TRP A 88 20.56 14.37 -1.71
C TRP A 88 19.43 14.38 -0.71
N VAL A 89 18.28 14.90 -1.12
CA VAL A 89 17.11 14.99 -0.24
C VAL A 89 15.83 14.61 -0.98
N ARG A 90 14.70 14.71 -0.29
CA ARG A 90 13.40 14.41 -0.87
C ARG A 90 12.59 15.63 -0.47
N VAL A 91 11.71 16.08 -1.35
CA VAL A 91 10.90 17.25 -1.04
C VAL A 91 9.46 16.81 -0.87
N GLY A 92 8.73 17.48 0.01
CA GLY A 92 7.35 17.10 0.20
C GLY A 92 6.49 18.11 0.90
N LEU A 93 5.26 17.70 1.16
CA LEU A 93 4.28 18.53 1.84
C LEU A 93 3.76 17.73 3.03
N SER A 94 3.59 18.40 4.16
CA SER A 94 3.12 17.76 5.37
C SER A 94 2.00 18.59 6.01
N ALA A 95 1.16 17.96 6.81
CA ALA A 95 0.06 18.66 7.45
C ALA A 95 -0.41 17.83 8.62
N SER A 96 -1.09 18.45 9.57
CA SER A 96 -1.59 17.73 10.73
C SER A 96 -2.73 18.47 11.39
N THR A 97 -3.44 17.77 12.27
CA THR A 97 -4.57 18.32 13.02
C THR A 97 -4.35 17.73 14.41
N GLY A 98 -4.92 18.34 15.45
CA GLY A 98 -4.76 17.85 16.80
C GLY A 98 -6.13 17.75 17.44
N LEU A 99 -6.36 18.52 18.50
CA LEU A 99 -7.64 18.54 19.19
C LEU A 99 -8.61 19.28 18.28
N TYR A 100 -8.09 20.30 17.60
CA TYR A 100 -8.85 21.12 16.66
C TYR A 100 -8.45 20.62 15.25
N LYS A 101 -9.27 20.87 14.24
CA LYS A 101 -8.97 20.39 12.90
C LYS A 101 -9.23 21.38 11.78
N GLU A 102 -8.93 20.94 10.56
CA GLU A 102 -9.11 21.75 9.34
C GLU A 102 -8.76 20.84 8.18
N THR A 103 -9.27 21.12 6.98
CA THR A 103 -8.94 20.30 5.81
C THR A 103 -7.59 20.85 5.34
N ASN A 104 -6.72 19.96 4.89
CA ASN A 104 -5.40 20.37 4.40
C ASN A 104 -5.30 19.90 2.95
N THR A 105 -6.17 20.45 2.12
CA THR A 105 -6.23 20.13 0.72
C THR A 105 -5.21 20.84 -0.17
N ILE A 106 -4.48 20.08 -0.97
CA ILE A 106 -3.49 20.62 -1.88
C ILE A 106 -4.09 20.46 -3.27
N LEU A 107 -4.31 21.56 -3.97
CA LEU A 107 -4.89 21.53 -5.32
C LEU A 107 -3.88 21.47 -6.45
N SER A 108 -2.63 21.85 -6.19
CA SER A 108 -1.59 21.83 -7.20
C SER A 108 -0.24 21.98 -6.53
N TRP A 109 0.81 21.48 -7.17
CA TRP A 109 2.13 21.58 -6.59
C TRP A 109 3.17 21.51 -7.67
N SER A 110 4.17 22.38 -7.62
CA SER A 110 5.22 22.32 -8.63
C SER A 110 6.56 22.61 -7.96
N PHE A 111 7.61 22.03 -8.53
CA PHE A 111 8.94 22.21 -7.99
C PHE A 111 9.97 22.20 -9.10
N THR A 112 10.96 23.08 -8.98
CA THR A 112 12.02 23.18 -9.97
C THR A 112 13.33 23.32 -9.20
N SER A 113 14.30 22.51 -9.57
CA SER A 113 15.59 22.54 -8.92
C SER A 113 16.62 22.60 -10.02
N LYS A 114 17.63 23.44 -9.87
CA LYS A 114 18.70 23.58 -10.87
C LYS A 114 20.07 23.64 -10.21
N LEU A 115 21.03 22.97 -10.81
CA LEU A 115 22.40 22.93 -10.30
C LEU A 115 23.32 23.27 -11.45
N LYS A 116 24.13 24.30 -11.33
CA LYS A 116 25.03 24.63 -12.41
C LYS A 116 26.45 24.40 -11.94
N SER A 117 27.16 23.48 -12.61
CA SER A 117 28.53 23.18 -12.24
C SER A 117 29.55 23.91 -13.12
N ASN A 118 30.84 23.72 -12.80
CA ASN A 118 31.92 24.37 -13.53
C ASN A 118 32.11 23.81 -14.93
N SER A 119 31.23 24.22 -15.84
CA SER A 119 31.26 23.79 -17.24
C SER A 119 30.29 24.68 -18.06
N THR A 120 30.34 24.58 -19.39
CA THR A 120 29.47 25.37 -20.29
C THR A 120 28.04 24.81 -20.43
N HIS A 121 27.06 25.59 -19.99
CA HIS A 121 25.64 25.21 -20.06
C HIS A 121 25.37 23.86 -19.38
N GLU A 122 26.35 23.36 -18.63
CA GLU A 122 26.21 22.10 -17.93
C GLU A 122 25.48 22.34 -16.63
N THR A 123 24.16 22.33 -16.77
CA THR A 123 23.22 22.53 -15.71
C THR A 123 22.38 21.27 -15.59
N ASN A 124 22.18 20.81 -14.36
CA ASN A 124 21.38 19.62 -14.12
C ASN A 124 20.09 20.18 -13.56
N ALA A 125 18.96 19.62 -13.96
CA ALA A 125 17.70 20.13 -13.45
C ALA A 125 16.61 19.08 -13.30
N LEU A 126 15.66 19.39 -12.44
CA LEU A 126 14.53 18.50 -12.18
C LEU A 126 13.35 19.39 -12.04
N HIS A 127 12.26 18.98 -12.67
CA HIS A 127 11.04 19.76 -12.59
C HIS A 127 9.81 18.88 -12.70
N PHE A 128 8.87 19.07 -11.77
CA PHE A 128 7.63 18.31 -11.78
C PHE A 128 6.51 19.30 -11.46
N MET A 129 5.36 19.10 -12.08
CA MET A 129 4.20 19.96 -11.87
C MET A 129 2.94 19.12 -11.86
N PHE A 130 2.19 19.18 -10.77
CA PHE A 130 0.96 18.45 -10.62
C PHE A 130 -0.16 19.46 -10.51
N ASN A 131 -1.10 19.41 -11.44
CA ASN A 131 -2.24 20.34 -11.41
C ASN A 131 -3.50 19.52 -11.14
N GLN A 132 -3.29 18.20 -11.08
CA GLN A 132 -4.35 17.23 -10.84
C GLN A 132 -3.66 16.00 -10.26
N PHE A 133 -4.25 15.38 -9.24
CA PHE A 133 -3.69 14.19 -8.62
C PHE A 133 -4.64 13.05 -8.88
N SER A 134 -4.11 11.87 -9.19
CA SER A 134 -4.96 10.72 -9.46
C SER A 134 -5.03 9.78 -8.25
N LYS A 135 -5.95 8.83 -8.31
CA LYS A 135 -6.15 7.87 -7.24
C LYS A 135 -4.88 7.05 -7.01
N ASP A 136 -4.22 6.72 -8.11
CA ASP A 136 -2.99 5.95 -8.04
C ASP A 136 -1.88 6.82 -8.58
N GLN A 137 -1.32 7.65 -7.69
CA GLN A 137 -0.24 8.57 -8.02
C GLN A 137 1.11 7.88 -7.74
N LYS A 138 1.55 7.06 -8.69
CA LYS A 138 2.80 6.34 -8.53
C LYS A 138 4.11 7.08 -8.29
N ASP A 139 4.15 8.38 -8.59
CA ASP A 139 5.38 9.15 -8.38
C ASP A 139 5.40 9.94 -7.06
N LEU A 140 4.42 9.65 -6.21
CA LEU A 140 4.31 10.30 -4.92
C LEU A 140 4.36 9.24 -3.88
N ILE A 141 5.07 9.51 -2.80
CA ILE A 141 5.19 8.55 -1.72
C ILE A 141 4.26 9.14 -0.66
N LEU A 142 3.10 8.51 -0.45
CA LEU A 142 2.15 8.99 0.54
C LEU A 142 2.43 8.37 1.89
N GLN A 143 2.43 9.18 2.95
CA GLN A 143 2.69 8.69 4.29
C GLN A 143 1.54 9.13 5.18
N GLY A 144 1.28 8.36 6.24
CA GLY A 144 0.22 8.70 7.17
C GLY A 144 -1.16 8.67 6.56
N ASP A 145 -1.96 9.68 6.88
CA ASP A 145 -3.33 9.79 6.37
C ASP A 145 -3.52 10.45 5.01
N ALA A 146 -2.44 10.74 4.32
CA ALA A 146 -2.50 11.38 3.01
C ALA A 146 -3.09 10.50 1.92
N THR A 147 -4.01 11.05 1.13
CA THR A 147 -4.65 10.30 0.05
C THR A 147 -4.85 11.21 -1.14
N THR A 148 -4.96 10.64 -2.33
CA THR A 148 -5.16 11.40 -3.55
C THR A 148 -6.40 10.88 -4.26
N GLY A 149 -6.85 11.60 -5.29
CA GLY A 149 -8.02 11.17 -6.03
C GLY A 149 -9.34 11.84 -5.77
N THR A 150 -9.62 12.19 -4.52
CA THR A 150 -10.90 12.84 -4.20
C THR A 150 -11.00 14.19 -4.93
N ASP A 151 -11.72 14.19 -6.06
CA ASP A 151 -11.92 15.39 -6.87
C ASP A 151 -10.62 15.84 -7.56
N GLY A 152 -9.64 14.94 -7.60
CA GLY A 152 -8.37 15.27 -8.23
C GLY A 152 -7.43 16.07 -7.34
N ASN A 153 -7.70 16.07 -6.03
CA ASN A 153 -6.88 16.80 -5.07
C ASN A 153 -6.07 15.86 -4.19
N LEU A 154 -5.18 16.45 -3.40
CA LEU A 154 -4.35 15.70 -2.49
C LEU A 154 -4.76 16.09 -1.08
N GLU A 155 -5.37 15.15 -0.34
CA GLU A 155 -5.79 15.41 1.02
C GLU A 155 -4.69 14.95 1.96
N LEU A 156 -3.94 15.88 2.53
CA LEU A 156 -2.87 15.53 3.45
C LEU A 156 -3.38 14.88 4.71
N THR A 157 -4.43 15.44 5.30
CA THR A 157 -4.97 14.86 6.53
C THR A 157 -6.37 14.29 6.28
N ARG A 158 -6.75 13.35 7.14
CA ARG A 158 -8.03 12.65 7.13
C ARG A 158 -9.28 13.55 7.06
N VAL A 159 -10.13 13.27 6.08
CA VAL A 159 -11.37 13.99 5.86
C VAL A 159 -12.41 12.87 5.66
N SER A 160 -13.56 12.95 6.33
CA SER A 160 -14.56 11.89 6.17
C SER A 160 -15.31 12.01 4.82
N SER A 161 -16.09 10.98 4.49
CA SER A 161 -16.87 10.95 3.23
C SER A 161 -17.73 12.20 2.97
N ASN A 162 -18.42 12.65 4.02
CA ASN A 162 -19.29 13.83 3.93
C ASN A 162 -18.48 15.13 3.70
N GLY A 163 -17.17 15.06 3.87
CA GLY A 163 -16.34 16.24 3.65
C GLY A 163 -15.88 17.05 4.85
N SER A 164 -15.92 16.49 6.05
CA SER A 164 -15.49 17.25 7.22
C SER A 164 -14.17 16.70 7.78
N PRO A 165 -13.29 17.59 8.23
CA PRO A 165 -11.98 17.24 8.78
C PRO A 165 -11.97 16.48 10.12
N GLN A 166 -10.98 15.61 10.29
CA GLN A 166 -10.81 14.80 11.49
C GLN A 166 -9.66 15.30 12.32
N GLY A 167 -9.74 15.12 13.63
CA GLY A 167 -8.68 15.59 14.51
C GLY A 167 -7.59 14.53 14.59
N SER A 168 -6.46 14.85 15.21
CA SER A 168 -5.34 13.90 15.36
C SER A 168 -4.98 13.16 14.08
N SER A 169 -4.77 13.89 13.01
CA SER A 169 -4.42 13.31 11.74
C SER A 169 -3.09 13.90 11.23
N VAL A 170 -2.30 13.09 10.55
CA VAL A 170 -1.01 13.51 9.99
C VAL A 170 -0.87 12.85 8.66
N GLY A 171 -0.25 13.54 7.72
CA GLY A 171 -0.06 13.00 6.40
C GLY A 171 0.99 13.83 5.67
N ARG A 172 1.71 13.16 4.78
CA ARG A 172 2.76 13.80 3.98
C ARG A 172 2.73 13.17 2.62
N ALA A 173 3.33 13.86 1.67
CA ALA A 173 3.42 13.38 0.29
C ALA A 173 4.77 13.86 -0.15
N LEU A 174 5.65 12.93 -0.52
CA LEU A 174 6.98 13.30 -0.98
C LEU A 174 7.14 12.86 -2.42
N PHE A 175 7.89 13.63 -3.21
CA PHE A 175 8.07 13.26 -4.59
C PHE A 175 8.97 12.04 -4.54
N TYR A 176 8.63 11.06 -5.35
CA TYR A 176 9.36 9.80 -5.42
C TYR A 176 10.86 9.87 -5.60
N ALA A 177 11.31 10.60 -6.62
CA ALA A 177 12.75 10.73 -6.90
C ALA A 177 13.49 11.64 -5.97
N PRO A 178 14.70 11.24 -5.58
CA PRO A 178 15.56 12.02 -4.69
C PRO A 178 15.98 13.28 -5.47
N VAL A 179 16.23 14.36 -4.76
CA VAL A 179 16.63 15.60 -5.41
C VAL A 179 18.05 15.96 -4.98
N HIS A 180 18.90 16.30 -5.95
CA HIS A 180 20.29 16.67 -5.65
C HIS A 180 20.23 18.17 -5.35
N ILE A 181 20.02 18.52 -4.09
CA ILE A 181 19.92 19.90 -3.66
C ILE A 181 21.14 20.80 -3.68
N TRP A 182 22.31 20.22 -3.54
CA TRP A 182 23.54 21.01 -3.57
C TRP A 182 24.71 20.12 -3.90
N GLU A 183 25.82 20.74 -4.29
CA GLU A 183 27.02 20.01 -4.63
C GLU A 183 28.16 20.98 -4.42
N SER A 184 29.25 20.48 -3.87
CA SER A 184 30.43 21.31 -3.62
C SER A 184 31.00 22.01 -4.87
N SER A 185 30.81 21.41 -6.05
CA SER A 185 31.31 21.97 -7.32
C SER A 185 30.29 22.82 -8.08
N ALA A 186 29.23 23.27 -7.43
CA ALA A 186 28.21 24.07 -8.10
C ALA A 186 28.40 25.57 -8.00
N VAL A 187 28.37 26.22 -9.15
CA VAL A 187 28.53 27.65 -9.22
C VAL A 187 27.24 28.25 -8.65
N VAL A 188 26.09 27.74 -9.08
CA VAL A 188 24.81 28.22 -8.61
C VAL A 188 23.89 27.02 -8.42
N ALA A 189 23.11 27.04 -7.36
CA ALA A 189 22.17 25.96 -7.06
C ALA A 189 20.94 26.72 -6.63
N SER A 190 19.77 26.32 -7.10
CA SER A 190 18.55 27.01 -6.71
C SER A 190 17.32 26.14 -6.89
N PHE A 191 16.28 26.42 -6.14
CA PHE A 191 15.05 25.66 -6.27
C PHE A 191 13.90 26.61 -6.08
N GLU A 192 12.72 26.19 -6.51
CA GLU A 192 11.52 27.00 -6.41
C GLU A 192 10.37 26.02 -6.27
N ALA A 193 9.42 26.32 -5.38
CA ALA A 193 8.28 25.46 -5.18
C ALA A 193 7.03 26.32 -5.10
N THR A 194 5.92 25.77 -5.56
CA THR A 194 4.68 26.50 -5.54
C THR A 194 3.58 25.49 -5.32
N PHE A 195 2.58 25.87 -4.53
CA PHE A 195 1.47 24.99 -4.27
C PHE A 195 0.26 25.80 -3.83
N THR A 196 -0.92 25.33 -4.20
CA THR A 196 -2.16 26.02 -3.84
C THR A 196 -2.86 25.09 -2.84
N PHE A 197 -3.44 25.68 -1.81
CA PHE A 197 -4.11 24.89 -0.80
C PHE A 197 -5.47 25.46 -0.49
N LEU A 198 -6.25 24.69 0.26
CA LEU A 198 -7.58 25.07 0.67
C LEU A 198 -7.74 24.59 2.09
N ILE A 199 -7.74 25.53 3.03
CA ILE A 199 -7.89 25.20 4.43
C ILE A 199 -9.30 25.59 4.86
N LYS A 200 -10.12 24.59 5.16
CA LYS A 200 -11.50 24.79 5.57
C LYS A 200 -11.67 24.19 6.94
N SER A 201 -12.35 24.91 7.82
CA SER A 201 -12.54 24.40 9.16
C SER A 201 -13.87 24.75 9.77
N PRO A 202 -14.54 23.74 10.37
CA PRO A 202 -15.86 23.89 11.00
C PRO A 202 -15.76 24.59 12.31
N ASP A 203 -14.65 24.30 12.99
CA ASP A 203 -14.31 24.86 14.26
C ASP A 203 -13.75 26.23 14.41
N SER A 204 -13.92 26.76 15.62
CA SER A 204 -13.48 28.06 16.09
C SER A 204 -12.13 28.52 15.64
N HIS A 205 -11.11 27.80 16.08
CA HIS A 205 -9.75 28.13 15.73
C HIS A 205 -9.24 26.90 14.96
N PRO A 206 -8.94 27.06 13.66
CA PRO A 206 -8.44 25.94 12.86
C PRO A 206 -7.05 25.49 13.36
N ALA A 207 -6.67 24.26 13.03
CA ALA A 207 -5.38 23.67 13.43
C ALA A 207 -5.13 22.43 12.57
N ASP A 208 -3.87 22.05 12.34
CA ASP A 208 -2.70 22.75 12.84
C ASP A 208 -1.84 23.48 11.80
N GLY A 209 -1.91 23.07 10.54
CA GLY A 209 -1.12 23.73 9.52
C GLY A 209 -0.57 22.84 8.44
N ILE A 210 0.01 23.46 7.42
CA ILE A 210 0.59 22.75 6.29
C ILE A 210 2.04 23.19 6.22
N ALA A 211 2.90 22.35 5.67
CA ALA A 211 4.31 22.71 5.57
C ALA A 211 4.95 22.09 4.36
N PHE A 212 5.83 22.85 3.72
CA PHE A 212 6.55 22.37 2.56
C PHE A 212 7.87 22.08 3.21
N PHE A 213 8.42 20.90 2.95
CA PHE A 213 9.70 20.56 3.58
C PHE A 213 10.66 19.83 2.67
N ILE A 214 11.90 19.79 3.12
CA ILE A 214 13.00 19.14 2.43
C ILE A 214 13.62 18.28 3.53
N SER A 215 13.88 17.01 3.24
CA SER A 215 14.46 16.14 4.25
C SER A 215 15.36 15.04 3.68
N ASN A 216 15.98 14.29 4.59
CA ASN A 216 16.84 13.21 4.22
C ASN A 216 15.91 12.24 3.49
N ILE A 217 16.45 11.55 2.50
CA ILE A 217 15.71 10.61 1.69
C ILE A 217 14.76 9.64 2.37
N ASP A 218 15.23 9.02 3.46
CA ASP A 218 14.47 8.02 4.24
C ASP A 218 13.61 8.53 5.40
N SER A 219 13.26 9.80 5.37
CA SER A 219 12.44 10.40 6.40
C SER A 219 11.06 9.79 6.45
N SER A 220 10.46 9.80 7.64
CA SER A 220 9.12 9.27 7.82
C SER A 220 8.52 10.04 9.00
N ILE A 221 7.19 10.05 9.11
CA ILE A 221 6.49 10.75 10.18
C ILE A 221 6.91 10.27 11.57
N PRO A 222 7.42 11.21 12.42
CA PRO A 222 7.86 10.91 13.80
C PRO A 222 6.64 10.52 14.61
N SER A 223 6.83 9.65 15.59
CA SER A 223 5.68 9.27 16.37
C SER A 223 5.15 10.40 17.23
N GLY A 224 3.83 10.55 17.21
CA GLY A 224 3.20 11.59 17.97
C GLY A 224 3.32 12.96 17.34
N SER A 225 3.65 13.03 16.05
CA SER A 225 3.77 14.33 15.40
C SER A 225 2.48 15.00 14.96
N THR A 226 1.36 14.56 15.51
CA THR A 226 0.08 15.16 15.17
C THR A 226 0.09 16.48 15.93
N GLY A 227 -0.97 17.25 15.80
CA GLY A 227 -1.01 18.53 16.49
C GLY A 227 0.12 19.47 16.07
N ARG A 228 0.51 20.34 16.99
CA ARG A 228 1.55 21.32 16.75
C ARG A 228 2.86 20.86 16.10
N LEU A 229 3.14 19.56 16.04
CA LEU A 229 4.40 19.13 15.42
C LEU A 229 4.41 19.01 13.90
N LEU A 230 3.24 19.26 13.30
CA LEU A 230 3.07 19.23 11.85
C LEU A 230 3.58 18.01 11.10
N GLY A 231 3.72 16.87 11.78
CA GLY A 231 4.20 15.66 11.14
C GLY A 231 5.65 15.74 10.72
N LEU A 232 6.35 16.75 11.23
CA LEU A 232 7.75 16.94 10.90
C LEU A 232 8.71 16.69 12.04
N PHE A 233 8.35 17.13 13.23
CA PHE A 233 9.25 16.95 14.39
C PHE A 233 8.80 15.98 15.45
N PRO A 234 9.77 15.30 16.10
CA PRO A 234 9.55 14.32 17.17
C PRO A 234 9.20 15.00 18.47
N ASP A 235 9.75 16.18 18.72
CA ASP A 235 9.48 16.91 19.95
C ASP A 235 9.41 18.41 19.65
N ALA A 236 9.13 19.22 20.68
CA ALA A 236 9.03 20.66 20.50
C ALA A 236 10.28 21.44 20.87
N ASN A 237 11.43 20.79 20.86
CA ASN A 237 12.68 21.49 21.20
C ASN A 237 13.23 22.28 20.04
N ALA B 1 8.73 -10.85 -19.05
CA ALA B 1 7.49 -10.37 -19.74
C ALA B 1 7.33 -8.85 -19.62
N ASP B 2 8.37 -8.14 -20.00
CA ASP B 2 8.33 -6.69 -19.94
C ASP B 2 7.74 -6.13 -21.24
N THR B 3 7.14 -4.94 -21.16
CA THR B 3 6.56 -4.31 -22.34
C THR B 3 7.62 -3.27 -22.69
N ILE B 4 8.25 -3.43 -23.84
CA ILE B 4 9.29 -2.51 -24.26
C ILE B 4 9.00 -1.77 -25.55
N VAL B 5 9.26 -0.47 -25.52
CA VAL B 5 9.09 0.40 -26.69
C VAL B 5 10.46 1.04 -26.69
N ALA B 6 11.21 0.86 -27.78
CA ALA B 6 12.55 1.42 -27.85
C ALA B 6 12.95 1.98 -29.19
N VAL B 7 13.97 2.83 -29.16
CA VAL B 7 14.54 3.48 -30.33
C VAL B 7 15.96 3.03 -30.21
N GLU B 8 16.37 2.14 -31.10
CA GLU B 8 17.72 1.62 -31.07
C GLU B 8 18.68 2.23 -32.07
N LEU B 9 19.91 2.40 -31.62
CA LEU B 9 21.00 2.94 -32.42
C LEU B 9 21.81 1.65 -32.55
N ASP B 10 21.41 0.81 -33.50
CA ASP B 10 22.04 -0.48 -33.78
C ASP B 10 23.34 -0.42 -34.59
N THR B 11 24.48 -0.67 -33.93
CA THR B 11 25.77 -0.63 -34.60
C THR B 11 26.23 -1.90 -35.32
N TYR B 12 25.66 -3.04 -34.97
CA TYR B 12 26.08 -4.27 -35.62
C TYR B 12 24.93 -4.94 -36.31
N PRO B 13 25.06 -5.17 -37.61
CA PRO B 13 23.97 -5.83 -38.35
C PRO B 13 23.91 -7.33 -38.12
N ASN B 14 22.80 -7.78 -37.56
CA ASN B 14 22.59 -9.20 -37.28
C ASN B 14 21.48 -9.59 -38.23
N THR B 15 21.84 -9.69 -39.50
CA THR B 15 20.88 -10.05 -40.53
C THR B 15 20.15 -11.36 -40.27
N ASP B 16 20.71 -12.26 -39.46
CA ASP B 16 20.01 -13.52 -39.22
C ASP B 16 18.73 -13.30 -38.46
N ILE B 17 18.61 -12.14 -37.80
CA ILE B 17 17.41 -11.83 -37.03
C ILE B 17 16.61 -10.63 -37.57
N GLY B 18 16.82 -10.33 -38.85
CA GLY B 18 16.10 -9.22 -39.49
C GLY B 18 16.79 -7.88 -39.69
N ASP B 19 17.99 -7.70 -39.14
CA ASP B 19 18.70 -6.44 -39.29
C ASP B 19 19.07 -6.16 -40.74
N PRO B 20 19.13 -4.87 -41.09
CA PRO B 20 19.50 -4.51 -42.46
C PRO B 20 21.00 -4.84 -42.47
N SER B 21 21.60 -4.95 -43.63
CA SER B 21 23.02 -5.27 -43.67
C SER B 21 23.96 -4.08 -43.45
N TYR B 22 23.58 -3.17 -42.56
CA TYR B 22 24.39 -1.98 -42.25
C TYR B 22 23.93 -1.35 -40.93
N PRO B 23 24.77 -0.50 -40.30
CA PRO B 23 24.39 0.15 -39.04
C PRO B 23 23.08 0.91 -39.29
N HIS B 24 22.20 0.91 -38.30
CA HIS B 24 20.92 1.58 -38.48
C HIS B 24 20.26 2.00 -37.16
N ILE B 25 19.18 2.76 -37.29
CA ILE B 25 18.44 3.20 -36.12
C ILE B 25 17.09 2.57 -36.36
N GLY B 26 16.40 2.16 -35.32
CA GLY B 26 15.10 1.55 -35.54
C GLY B 26 14.13 1.75 -34.41
N ILE B 27 12.86 1.50 -34.69
CA ILE B 27 11.80 1.65 -33.71
C ILE B 27 11.30 0.26 -33.39
N ASP B 28 11.53 -0.16 -32.16
CA ASP B 28 11.13 -1.48 -31.72
C ASP B 28 9.93 -1.45 -30.82
N ILE B 29 8.89 -2.19 -31.18
CA ILE B 29 7.69 -2.24 -30.37
C ILE B 29 7.55 -3.67 -29.90
N LYS B 30 7.95 -3.92 -28.67
CA LYS B 30 7.87 -5.25 -28.08
C LYS B 30 8.71 -6.36 -28.72
N SER B 31 9.62 -6.01 -29.63
CA SER B 31 10.48 -6.99 -30.29
C SER B 31 11.72 -6.34 -30.82
N VAL B 32 12.81 -7.09 -30.82
CA VAL B 32 14.09 -6.58 -31.31
C VAL B 32 14.07 -6.41 -32.82
N ARG B 33 13.07 -7.00 -33.48
CA ARG B 33 12.95 -6.89 -34.92
C ARG B 33 12.21 -5.58 -35.18
N SER B 34 12.97 -4.51 -35.39
CA SER B 34 12.42 -3.18 -35.63
C SER B 34 11.25 -3.14 -36.61
N LYS B 35 10.21 -2.39 -36.26
CA LYS B 35 9.05 -2.29 -37.12
C LYS B 35 9.42 -1.36 -38.28
N LYS B 36 10.47 -0.57 -38.08
CA LYS B 36 10.93 0.38 -39.10
C LYS B 36 12.37 0.76 -38.79
N THR B 37 13.19 0.91 -39.81
CA THR B 37 14.60 1.28 -39.63
C THR B 37 15.04 2.27 -40.70
N ALA B 38 16.25 2.79 -40.55
CA ALA B 38 16.81 3.73 -41.49
C ALA B 38 18.33 3.59 -41.43
N LYS B 39 18.99 3.66 -42.57
CA LYS B 39 20.44 3.55 -42.63
C LYS B 39 21.04 4.66 -41.78
N TRP B 40 22.05 4.29 -40.99
CA TRP B 40 22.74 5.22 -40.11
C TRP B 40 24.25 5.19 -40.31
N ASN B 41 24.81 6.31 -40.72
CA ASN B 41 26.25 6.41 -40.95
C ASN B 41 26.98 6.71 -39.65
N MET B 42 27.07 5.68 -38.81
CA MET B 42 27.73 5.77 -37.53
C MET B 42 29.19 6.22 -37.64
N GLN B 43 29.58 7.19 -36.82
CA GLN B 43 30.95 7.69 -36.86
C GLN B 43 31.77 7.37 -35.63
N ASN B 44 32.53 6.29 -35.75
CA ASN B 44 33.40 5.81 -34.69
C ASN B 44 34.26 6.87 -34.04
N GLY B 45 34.14 7.02 -32.73
CA GLY B 45 34.94 8.00 -32.02
C GLY B 45 34.39 9.39 -31.92
N LYS B 46 33.24 9.65 -32.52
CA LYS B 46 32.66 10.98 -32.44
C LYS B 46 31.38 11.07 -31.60
N VAL B 47 31.19 12.22 -30.98
CA VAL B 47 30.03 12.47 -30.14
C VAL B 47 28.83 12.79 -31.02
N GLY B 48 27.78 11.99 -30.87
CA GLY B 48 26.57 12.19 -31.64
C GLY B 48 25.39 12.59 -30.78
N THR B 49 24.28 12.94 -31.42
CA THR B 49 23.09 13.33 -30.70
C THR B 49 21.84 12.63 -31.21
N ALA B 50 21.03 12.12 -30.30
CA ALA B 50 19.81 11.43 -30.65
C ALA B 50 18.68 12.27 -30.07
N HIS B 51 17.62 12.42 -30.85
CA HIS B 51 16.47 13.20 -30.41
C HIS B 51 15.21 12.41 -30.75
N ILE B 52 14.45 12.00 -29.72
CA ILE B 52 13.21 11.23 -29.89
C ILE B 52 12.01 12.10 -29.51
N ILE B 53 10.94 12.00 -30.28
CA ILE B 53 9.75 12.78 -29.99
C ILE B 53 8.46 12.00 -30.27
N TYR B 54 7.39 12.34 -29.55
CA TYR B 54 6.11 11.68 -29.71
C TYR B 54 4.99 12.53 -29.15
N ASN B 55 3.81 12.49 -29.77
CA ASN B 55 2.68 13.25 -29.29
C ASN B 55 1.42 12.45 -29.61
N SER B 56 0.44 12.49 -28.70
CA SER B 56 -0.81 11.76 -28.86
C SER B 56 -1.72 12.22 -29.97
N VAL B 57 -1.45 13.39 -30.54
CA VAL B 57 -2.30 13.89 -31.63
C VAL B 57 -1.98 13.11 -32.90
N ASP B 58 -0.71 13.08 -33.28
CA ASP B 58 -0.27 12.36 -34.48
C ASP B 58 -0.03 10.89 -34.23
N LYS B 59 0.19 10.55 -32.96
CA LYS B 59 0.43 9.17 -32.56
C LYS B 59 1.54 8.64 -33.47
N ARG B 60 2.62 9.43 -33.54
CA ARG B 60 3.78 9.10 -34.37
C ARG B 60 5.07 9.27 -33.55
N LEU B 61 5.87 8.20 -33.51
CA LEU B 61 7.13 8.20 -32.78
C LEU B 61 8.24 8.43 -33.78
N SER B 62 9.04 9.47 -33.58
CA SER B 62 10.13 9.76 -34.49
C SER B 62 11.45 9.95 -33.77
N ALA B 63 12.53 9.71 -34.50
CA ALA B 63 13.85 9.84 -33.94
C ALA B 63 14.79 10.39 -35.00
N VAL B 64 15.76 11.17 -34.56
CA VAL B 64 16.75 11.76 -35.45
C VAL B 64 18.08 11.56 -34.75
N VAL B 65 19.07 11.09 -35.49
CA VAL B 65 20.40 10.87 -34.94
C VAL B 65 21.31 11.63 -35.89
N SER B 66 22.28 12.37 -35.34
CA SER B 66 23.19 13.12 -36.19
C SER B 66 24.49 13.48 -35.51
N TYR B 67 25.48 13.82 -36.33
CA TYR B 67 26.81 14.20 -35.87
C TYR B 67 27.03 15.59 -36.50
N PRO B 68 27.91 16.42 -35.92
CA PRO B 68 28.14 17.76 -36.51
C PRO B 68 28.66 17.71 -37.95
N ASN B 69 28.24 18.68 -38.77
CA ASN B 69 28.66 18.76 -40.17
C ASN B 69 28.48 17.40 -40.87
N ALA B 70 27.31 16.79 -40.66
CA ALA B 70 26.97 15.48 -41.26
C ALA B 70 25.46 15.32 -41.40
N ASP B 71 25.05 14.46 -42.34
CA ASP B 71 23.62 14.22 -42.56
C ASP B 71 23.06 13.46 -41.37
N SER B 72 21.79 13.69 -41.09
CA SER B 72 21.16 13.02 -39.98
C SER B 72 20.28 11.89 -40.50
N ALA B 73 20.17 10.84 -39.71
CA ALA B 73 19.36 9.68 -40.04
C ALA B 73 18.00 9.91 -39.36
N THR B 74 16.91 9.62 -40.06
CA THR B 74 15.59 9.81 -39.48
C THR B 74 14.74 8.57 -39.63
N VAL B 75 13.89 8.31 -38.65
CA VAL B 75 13.02 7.15 -38.69
C VAL B 75 11.75 7.51 -37.93
N SER B 76 10.61 7.17 -38.49
CA SER B 76 9.32 7.45 -37.88
C SER B 76 8.40 6.24 -37.99
N TYR B 77 7.42 6.14 -37.11
CA TYR B 77 6.50 5.02 -37.14
C TYR B 77 5.21 5.38 -36.43
N ASP B 78 4.09 5.03 -37.04
CA ASP B 78 2.80 5.31 -36.43
C ASP B 78 2.46 4.26 -35.39
N VAL B 79 2.30 4.71 -34.15
CA VAL B 79 1.98 3.80 -33.06
C VAL B 79 1.21 4.49 -31.94
N ASP B 80 0.06 3.93 -31.58
CA ASP B 80 -0.76 4.50 -30.52
C ASP B 80 -0.27 3.89 -29.22
N LEU B 81 0.56 4.63 -28.49
CA LEU B 81 1.09 4.12 -27.24
C LEU B 81 0.05 3.73 -26.19
N ASP B 82 -1.16 4.27 -26.28
CA ASP B 82 -2.19 3.92 -25.30
C ASP B 82 -2.44 2.44 -25.34
N ASN B 83 -2.24 1.83 -26.51
CA ASN B 83 -2.46 0.41 -26.67
C ASN B 83 -1.23 -0.44 -26.53
N VAL B 84 -0.09 0.15 -26.19
CA VAL B 84 1.09 -0.69 -26.06
C VAL B 84 1.71 -0.63 -24.67
N LEU B 85 1.74 0.56 -24.11
CA LEU B 85 2.31 0.75 -22.79
C LEU B 85 1.33 0.95 -21.66
N PRO B 86 1.73 0.55 -20.45
CA PRO B 86 0.82 0.75 -19.32
C PRO B 86 0.80 2.25 -19.06
N GLU B 87 -0.18 2.71 -18.28
CA GLU B 87 -0.29 4.14 -17.96
C GLU B 87 0.97 4.73 -17.33
N TRP B 88 1.61 3.96 -16.45
CA TRP B 88 2.82 4.39 -15.77
C TRP B 88 3.97 3.54 -16.25
N VAL B 89 5.09 4.19 -16.57
CA VAL B 89 6.27 3.50 -17.07
C VAL B 89 7.52 4.17 -16.51
N ARG B 90 8.67 3.62 -16.88
CA ARG B 90 9.96 4.14 -16.47
C ARG B 90 10.66 4.31 -17.81
N VAL B 91 11.48 5.33 -17.94
CA VAL B 91 12.20 5.57 -19.18
C VAL B 91 13.66 5.36 -18.89
N GLY B 92 14.43 4.94 -19.89
CA GLY B 92 15.84 4.72 -19.64
C GLY B 92 16.66 4.52 -20.87
N LEU B 93 17.93 4.21 -20.65
CA LEU B 93 18.86 3.98 -21.74
C LEU B 93 19.45 2.62 -21.53
N SER B 94 19.71 1.90 -22.61
CA SER B 94 20.28 0.57 -22.54
C SER B 94 21.39 0.42 -23.57
N ALA B 95 22.32 -0.48 -23.30
CA ALA B 95 23.44 -0.72 -24.22
C ALA B 95 24.01 -2.11 -23.97
N SER B 96 24.69 -2.67 -24.96
CA SER B 96 25.28 -3.99 -24.83
C SER B 96 26.38 -4.23 -25.83
N THR B 97 27.19 -5.25 -25.55
CA THR B 97 28.30 -5.65 -26.42
C THR B 97 28.21 -7.17 -26.43
N GLY B 98 28.85 -7.80 -27.41
CA GLY B 98 28.83 -9.26 -27.50
C GLY B 98 30.25 -9.72 -27.76
N LEU B 99 30.45 -10.43 -28.87
CA LEU B 99 31.78 -10.91 -29.23
C LEU B 99 32.56 -9.62 -29.52
N TYR B 100 31.94 -8.70 -30.25
CA TYR B 100 32.57 -7.43 -30.58
C TYR B 100 32.08 -6.38 -29.59
N LYS B 101 32.93 -5.41 -29.30
CA LYS B 101 32.59 -4.34 -28.36
C LYS B 101 32.71 -2.92 -28.90
N GLU B 102 32.39 -1.96 -28.02
CA GLU B 102 32.42 -0.54 -28.32
C GLU B 102 32.06 0.11 -26.99
N THR B 103 32.45 1.36 -26.79
CA THR B 103 32.12 2.04 -25.54
C THR B 103 30.73 2.60 -25.81
N ASN B 104 29.89 2.62 -24.78
CA ASN B 104 28.53 3.13 -24.91
C ASN B 104 28.40 4.22 -23.88
N THR B 105 29.15 5.28 -24.13
CA THR B 105 29.18 6.45 -23.27
C THR B 105 28.09 7.49 -23.55
N ILE B 106 27.37 7.87 -22.50
CA ILE B 106 26.29 8.85 -22.56
C ILE B 106 26.83 10.11 -21.88
N LEU B 107 26.96 11.20 -22.63
CA LEU B 107 27.47 12.46 -22.10
C LEU B 107 26.39 13.39 -21.52
N SER B 108 25.14 13.20 -21.94
CA SER B 108 24.04 14.02 -21.44
C SER B 108 22.73 13.33 -21.79
N TRP B 109 21.67 13.64 -21.04
CA TRP B 109 20.37 13.04 -21.27
C TRP B 109 19.27 13.89 -20.65
N SER B 110 18.25 14.21 -21.43
CA SER B 110 17.15 15.02 -20.93
C SER B 110 15.87 14.40 -21.41
N PHE B 111 14.82 14.61 -20.63
CA PHE B 111 13.50 14.08 -20.95
C PHE B 111 12.41 15.01 -20.45
N THR B 112 11.38 15.18 -21.27
CA THR B 112 10.26 16.04 -20.93
C THR B 112 8.97 15.32 -21.29
N SER B 113 8.08 15.23 -20.33
CA SER B 113 6.80 14.57 -20.53
C SER B 113 5.67 15.53 -20.09
N LYS B 114 4.66 15.69 -20.94
CA LYS B 114 3.53 16.57 -20.64
C LYS B 114 2.18 15.92 -20.90
N LEU B 115 1.26 16.11 -19.97
CA LEU B 115 -0.09 15.56 -20.06
C LEU B 115 -1.08 16.69 -19.88
N LYS B 116 -1.94 16.92 -20.85
CA LYS B 116 -2.91 17.97 -20.71
C LYS B 116 -4.28 17.34 -20.62
N SER B 117 -4.91 17.42 -19.45
CA SER B 117 -6.24 16.84 -19.22
C SER B 117 -7.38 17.81 -19.59
N ASN B 118 -8.62 17.39 -19.37
CA ASN B 118 -9.77 18.23 -19.69
C ASN B 118 -10.03 19.36 -18.70
N SER B 119 -9.15 20.38 -18.71
CA SER B 119 -9.26 21.53 -17.83
C SER B 119 -8.37 22.69 -18.29
N THR B 120 -8.65 23.88 -17.77
CA THR B 120 -7.90 25.09 -18.09
C THR B 120 -6.44 25.09 -17.62
N HIS B 121 -5.51 25.03 -18.59
CA HIS B 121 -4.07 25.02 -18.32
C HIS B 121 -3.66 23.89 -17.38
N GLU B 122 -4.57 22.96 -17.11
CA GLU B 122 -4.27 21.84 -16.22
C GLU B 122 -3.41 20.82 -16.95
N THR B 123 -2.12 21.09 -16.91
CA THR B 123 -1.10 20.28 -17.53
C THR B 123 -0.21 19.72 -16.43
N ASN B 124 0.11 18.44 -16.53
CA ASN B 124 0.97 17.77 -15.56
C ASN B 124 2.24 17.57 -16.37
N ALA B 125 3.38 17.80 -15.76
CA ALA B 125 4.63 17.63 -16.48
C ALA B 125 5.77 17.12 -15.62
N LEU B 126 6.77 16.55 -16.27
CA LEU B 126 7.95 16.02 -15.61
C LEU B 126 9.11 16.32 -16.55
N HIS B 127 10.21 16.81 -16.00
CA HIS B 127 11.36 17.11 -16.80
C HIS B 127 12.61 16.98 -15.98
N PHE B 128 13.62 16.35 -16.58
CA PHE B 128 14.90 16.15 -15.94
C PHE B 128 15.96 16.33 -17.01
N MET B 129 17.08 16.92 -16.61
CA MET B 129 18.19 17.14 -17.53
C MET B 129 19.52 16.85 -16.84
N PHE B 130 20.30 15.95 -17.43
CA PHE B 130 21.60 15.57 -16.90
C PHE B 130 22.67 15.99 -17.90
N ASN B 131 23.53 16.93 -17.52
CA ASN B 131 24.59 17.38 -18.40
C ASN B 131 25.92 16.89 -17.83
N GLN B 132 25.85 16.27 -16.67
CA GLN B 132 26.99 15.73 -15.96
C GLN B 132 26.45 14.71 -14.99
N PHE B 133 27.06 13.54 -14.93
CA PHE B 133 26.59 12.50 -14.02
C PHE B 133 27.58 12.42 -12.89
N SER B 134 27.11 12.21 -11.67
CA SER B 134 28.02 12.12 -10.53
C SER B 134 28.19 10.67 -10.14
N LYS B 135 29.22 10.40 -9.36
CA LYS B 135 29.51 9.06 -8.90
C LYS B 135 28.34 8.41 -8.16
N ASP B 136 27.65 9.23 -7.38
CA ASP B 136 26.52 8.75 -6.62
C ASP B 136 25.30 9.48 -7.16
N GLN B 137 24.77 8.96 -8.25
CA GLN B 137 23.60 9.54 -8.91
C GLN B 137 22.33 8.90 -8.32
N LYS B 138 21.92 9.35 -7.15
CA LYS B 138 20.73 8.80 -6.51
C LYS B 138 19.40 8.83 -7.22
N ASP B 139 19.24 9.61 -8.30
CA ASP B 139 17.96 9.64 -9.02
C ASP B 139 17.92 8.71 -10.21
N LEU B 140 18.98 7.93 -10.38
CA LEU B 140 19.10 6.96 -11.47
C LEU B 140 19.19 5.55 -10.91
N ILE B 141 18.54 4.61 -11.58
CA ILE B 141 18.55 3.22 -11.15
C ILE B 141 19.49 2.56 -12.14
N LEU B 142 20.69 2.20 -11.70
CA LEU B 142 21.66 1.55 -12.58
C LEU B 142 21.51 0.04 -12.56
N GLN B 143 21.45 -0.57 -13.72
CA GLN B 143 21.30 -2.02 -13.83
C GLN B 143 22.48 -2.57 -14.65
N GLY B 144 22.82 -3.85 -14.41
CA GLY B 144 23.92 -4.45 -15.14
C GLY B 144 25.26 -3.81 -14.86
N ASP B 145 26.05 -3.61 -15.91
CA ASP B 145 27.39 -3.02 -15.79
C ASP B 145 27.46 -1.49 -15.87
N ALA B 146 26.31 -0.83 -15.90
CA ALA B 146 26.26 0.62 -15.98
C ALA B 146 26.86 1.31 -14.75
N THR B 147 27.68 2.33 -14.99
CA THR B 147 28.30 3.07 -13.90
C THR B 147 28.39 4.52 -14.31
N THR B 148 28.48 5.40 -13.31
CA THR B 148 28.57 6.83 -13.53
C THR B 148 29.80 7.38 -12.82
N GLY B 149 30.13 8.64 -13.08
CA GLY B 149 31.30 9.23 -12.44
C GLY B 149 32.58 9.37 -13.23
N THR B 150 32.87 8.43 -14.11
CA THR B 150 34.08 8.46 -14.93
C THR B 150 34.07 9.69 -15.83
N ASP B 151 34.69 10.78 -15.37
CA ASP B 151 34.76 12.05 -16.12
C ASP B 151 33.40 12.74 -16.23
N GLY B 152 32.49 12.37 -15.33
CA GLY B 152 31.17 12.97 -15.34
C GLY B 152 30.24 12.34 -16.38
N ASN B 153 30.62 11.17 -16.89
CA ASN B 153 29.82 10.47 -17.90
C ASN B 153 29.15 9.22 -17.37
N LEU B 154 28.28 8.66 -18.18
CA LEU B 154 27.55 7.45 -17.83
C LEU B 154 28.01 6.35 -18.77
N GLU B 155 28.65 5.33 -18.22
CA GLU B 155 29.13 4.22 -19.02
C GLU B 155 28.11 3.09 -18.91
N LEU B 156 27.30 2.93 -19.95
CA LEU B 156 26.29 1.89 -19.96
C LEU B 156 26.90 0.49 -19.89
N THR B 157 27.97 0.26 -20.64
CA THR B 157 28.63 -1.04 -20.64
C THR B 157 30.05 -0.94 -20.06
N ARG B 158 30.54 -2.06 -19.55
CA ARG B 158 31.87 -2.16 -18.95
C ARG B 158 33.03 -1.67 -19.81
N VAL B 159 33.85 -0.81 -19.19
CA VAL B 159 35.03 -0.22 -19.83
C VAL B 159 36.17 -0.43 -18.84
N SER B 160 37.27 -0.99 -19.31
CA SER B 160 38.42 -1.24 -18.45
C SER B 160 39.03 0.10 -17.99
N SER B 161 39.93 0.03 -17.02
CA SER B 161 40.59 1.21 -16.46
C SER B 161 41.44 2.02 -17.45
N ASN B 162 41.95 1.38 -18.49
CA ASN B 162 42.77 2.09 -19.47
C ASN B 162 41.83 2.78 -20.48
N GLY B 163 40.56 2.37 -20.46
CA GLY B 163 39.57 2.93 -21.35
C GLY B 163 39.04 2.01 -22.43
N SER B 164 39.52 0.77 -22.51
CA SER B 164 39.02 -0.14 -23.55
C SER B 164 37.70 -0.84 -23.22
N PRO B 165 36.77 -0.86 -24.17
CA PRO B 165 35.48 -1.50 -23.99
C PRO B 165 35.61 -3.02 -23.84
N GLN B 166 34.72 -3.63 -23.06
CA GLN B 166 34.74 -5.06 -22.82
C GLN B 166 33.59 -5.74 -23.56
N GLY B 167 33.81 -6.97 -23.98
CA GLY B 167 32.77 -7.69 -24.70
C GLY B 167 31.81 -8.24 -23.67
N SER B 168 30.73 -8.89 -24.11
CA SER B 168 29.73 -9.46 -23.21
C SER B 168 29.40 -8.54 -22.02
N SER B 169 28.76 -7.42 -22.30
CA SER B 169 28.41 -6.49 -21.25
C SER B 169 27.05 -5.86 -21.52
N VAL B 170 26.28 -5.65 -20.47
CA VAL B 170 24.95 -5.05 -20.60
C VAL B 170 24.81 -4.10 -19.46
N GLY B 171 24.18 -2.96 -19.74
CA GLY B 171 23.97 -1.95 -18.74
C GLY B 171 22.77 -1.10 -19.11
N ARG B 172 22.07 -0.62 -18.10
CA ARG B 172 20.91 0.21 -18.31
C ARG B 172 20.87 1.24 -17.20
N ALA B 173 20.18 2.34 -17.44
CA ALA B 173 20.06 3.40 -16.47
C ALA B 173 18.64 3.88 -16.68
N LEU B 174 17.83 3.81 -15.62
CA LEU B 174 16.44 4.24 -15.68
C LEU B 174 16.22 5.41 -14.70
N PHE B 175 15.39 6.36 -15.08
CA PHE B 175 15.14 7.47 -14.20
C PHE B 175 14.35 6.90 -13.01
N TYR B 176 14.73 7.31 -11.82
CA TYR B 176 14.10 6.84 -10.61
C TYR B 176 12.59 6.92 -10.52
N ALA B 177 12.04 8.10 -10.75
CA ALA B 177 10.60 8.28 -10.68
C ALA B 177 9.81 7.72 -11.86
N PRO B 178 8.66 7.07 -11.57
CA PRO B 178 7.81 6.51 -12.62
C PRO B 178 7.27 7.71 -13.40
N VAL B 179 6.97 7.50 -14.68
CA VAL B 179 6.46 8.56 -15.52
C VAL B 179 5.04 8.20 -15.96
N HIS B 180 4.13 9.16 -15.87
CA HIS B 180 2.74 8.94 -16.27
C HIS B 180 2.72 9.28 -17.76
N ILE B 181 2.96 8.26 -18.59
CA ILE B 181 3.00 8.43 -20.05
C ILE B 181 1.72 8.76 -20.81
N TRP B 182 0.57 8.30 -20.32
CA TRP B 182 -0.68 8.60 -21.00
C TRP B 182 -1.84 8.51 -20.03
N GLU B 183 -2.99 9.04 -20.43
CA GLU B 183 -4.15 8.99 -19.56
C GLU B 183 -5.36 9.10 -20.48
N SER B 184 -6.36 8.27 -20.25
CA SER B 184 -7.56 8.27 -21.07
C SER B 184 -8.24 9.65 -21.16
N SER B 185 -8.09 10.46 -20.12
CA SER B 185 -8.67 11.81 -20.06
C SER B 185 -7.76 12.93 -20.55
N ALA B 186 -6.68 12.58 -21.25
CA ALA B 186 -5.75 13.57 -21.75
C ALA B 186 -6.03 14.07 -23.15
N VAL B 187 -6.15 15.39 -23.29
CA VAL B 187 -6.42 16.01 -24.57
C VAL B 187 -5.18 15.83 -25.42
N VAL B 188 -4.02 16.11 -24.82
CA VAL B 188 -2.74 15.98 -25.52
C VAL B 188 -1.72 15.41 -24.54
N ALA B 189 -0.92 14.45 -25.00
CA ALA B 189 0.08 13.84 -24.18
C ALA B 189 1.29 13.81 -25.10
N SER B 190 2.47 14.15 -24.61
CA SER B 190 3.63 14.13 -25.48
C SER B 190 4.89 14.04 -24.67
N PHE B 191 5.96 13.55 -25.29
CA PHE B 191 7.24 13.44 -24.60
C PHE B 191 8.33 13.76 -25.57
N GLU B 192 9.52 14.01 -25.03
CA GLU B 192 10.68 14.35 -25.85
C GLU B 192 11.93 13.90 -25.11
N ALA B 193 12.85 13.26 -25.81
CA ALA B 193 14.08 12.78 -25.19
C ALA B 193 15.25 13.16 -26.06
N THR B 194 16.38 13.47 -25.43
CA THR B 194 17.58 13.86 -26.13
C THR B 194 18.76 13.36 -25.32
N PHE B 195 19.77 12.85 -26.01
CA PHE B 195 20.97 12.35 -25.34
C PHE B 195 22.14 12.36 -26.32
N THR B 196 23.33 12.59 -25.79
CA THR B 196 24.52 12.61 -26.61
C THR B 196 25.34 11.40 -26.16
N PHE B 197 25.89 10.70 -27.14
CA PHE B 197 26.67 9.52 -26.85
C PHE B 197 28.01 9.57 -27.58
N LEU B 198 28.87 8.63 -27.21
CA LEU B 198 30.19 8.51 -27.78
C LEU B 198 30.46 7.02 -27.92
N ILE B 199 30.40 6.51 -29.14
CA ILE B 199 30.65 5.10 -29.39
C ILE B 199 32.05 4.99 -29.99
N LYS B 200 32.94 4.39 -29.23
CA LYS B 200 34.32 4.21 -29.66
C LYS B 200 34.62 2.72 -29.70
N SER B 201 35.24 2.27 -30.77
CA SER B 201 35.56 0.88 -30.90
C SER B 201 36.90 0.66 -31.56
N PRO B 202 37.78 -0.09 -30.90
CA PRO B 202 39.12 -0.39 -31.41
C PRO B 202 39.13 -1.54 -32.40
N ASP B 203 38.04 -2.29 -32.47
CA ASP B 203 37.98 -3.40 -33.38
C ASP B 203 37.19 -3.20 -34.67
N SER B 204 37.43 -4.10 -35.62
CA SER B 204 36.81 -4.12 -36.95
C SER B 204 35.43 -3.49 -37.07
N HIS B 205 34.44 -4.23 -36.57
CA HIS B 205 33.05 -3.79 -36.60
C HIS B 205 32.59 -3.65 -35.16
N PRO B 206 32.13 -2.46 -34.76
CA PRO B 206 31.63 -2.16 -33.42
C PRO B 206 30.32 -2.92 -33.16
N ALA B 207 29.98 -3.14 -31.89
CA ALA B 207 28.77 -3.84 -31.50
C ALA B 207 28.53 -3.57 -30.00
N ASP B 208 27.28 -3.60 -29.52
CA ASP B 208 26.11 -3.88 -30.33
C ASP B 208 25.17 -2.71 -30.55
N GLY B 209 25.20 -1.72 -29.66
CA GLY B 209 24.32 -0.58 -29.81
C GLY B 209 23.80 0.03 -28.52
N ILE B 210 23.06 1.12 -28.65
CA ILE B 210 22.49 1.83 -27.51
C ILE B 210 21.02 1.99 -27.85
N ALA B 211 20.16 2.08 -26.82
CA ALA B 211 18.75 2.22 -27.07
C ALA B 211 18.10 3.05 -26.00
N PHE B 212 17.15 3.86 -26.41
CA PHE B 212 16.44 4.69 -25.45
C PHE B 212 15.18 3.85 -25.35
N PHE B 213 14.70 3.57 -24.14
CA PHE B 213 13.49 2.76 -24.00
C PHE B 213 12.52 3.19 -22.91
N ILE B 214 11.28 2.75 -23.07
CA ILE B 214 10.21 3.04 -22.15
C ILE B 214 9.68 1.65 -21.76
N SER B 215 9.48 1.39 -20.47
CA SER B 215 9.00 0.08 -20.07
C SER B 215 8.13 0.14 -18.83
N ASN B 216 7.65 -1.04 -18.44
CA ASN B 216 6.81 -1.18 -17.25
C ASN B 216 7.75 -0.81 -16.12
N ILE B 217 7.20 -0.23 -15.07
CA ILE B 217 7.98 0.20 -13.93
C ILE B 217 9.05 -0.76 -13.37
N ASP B 218 8.67 -2.02 -13.24
CA ASP B 218 9.56 -3.05 -12.70
C ASP B 218 10.49 -3.84 -13.63
N SER B 219 10.73 -3.31 -14.82
CA SER B 219 11.60 -3.96 -15.78
C SER B 219 13.04 -4.13 -15.32
N SER B 220 13.67 -5.17 -15.81
CA SER B 220 15.07 -5.43 -15.46
C SER B 220 15.70 -6.14 -16.63
N ILE B 221 17.03 -6.18 -16.66
CA ILE B 221 17.73 -6.84 -17.76
C ILE B 221 17.38 -8.31 -17.88
N PRO B 222 16.82 -8.72 -19.03
CA PRO B 222 16.44 -10.11 -19.28
C PRO B 222 17.70 -10.98 -19.31
N SER B 223 17.55 -12.24 -18.89
CA SER B 223 18.68 -13.20 -18.86
C SER B 223 19.34 -13.41 -20.22
N GLY B 224 20.66 -13.18 -20.24
CA GLY B 224 21.43 -13.34 -21.45
C GLY B 224 21.12 -12.37 -22.60
N SER B 225 20.69 -11.16 -22.27
CA SER B 225 20.38 -10.20 -23.31
C SER B 225 21.57 -9.34 -23.71
N THR B 226 22.77 -9.92 -23.64
CA THR B 226 23.96 -9.20 -24.03
C THR B 226 23.91 -9.26 -25.58
N GLY B 227 24.97 -8.81 -26.25
CA GLY B 227 24.96 -8.83 -27.70
C GLY B 227 23.75 -8.20 -28.38
N ARG B 228 23.38 -8.74 -29.54
CA ARG B 228 22.25 -8.25 -30.33
C ARG B 228 20.95 -7.92 -29.62
N LEU B 229 20.73 -8.43 -28.42
CA LEU B 229 19.48 -8.16 -27.71
C LEU B 229 19.40 -6.81 -26.99
N LEU B 230 20.50 -6.07 -27.01
CA LEU B 230 20.59 -4.74 -26.39
C LEU B 230 20.08 -4.57 -24.95
N GLY B 231 20.13 -5.64 -24.16
CA GLY B 231 19.67 -5.60 -22.77
C GLY B 231 18.20 -5.27 -22.62
N LEU B 232 17.43 -5.48 -23.69
CA LEU B 232 16.01 -5.17 -23.65
C LEU B 232 15.08 -6.37 -23.83
N PHE B 233 15.48 -7.28 -24.72
CA PHE B 233 14.68 -8.46 -25.00
C PHE B 233 15.24 -9.80 -24.54
N PRO B 234 14.35 -10.73 -24.18
CA PRO B 234 14.71 -12.07 -23.72
C PRO B 234 15.12 -12.98 -24.88
N ASP B 235 14.51 -12.78 -26.04
CA ASP B 235 14.80 -13.57 -27.22
C ASP B 235 14.75 -12.70 -28.47
N ALA B 236 15.09 -13.28 -29.61
CA ALA B 236 15.10 -12.56 -30.89
C ALA B 236 13.80 -12.65 -31.68
N ASN B 237 12.76 -13.11 -31.01
CA ASN B 237 11.47 -13.24 -31.64
C ASN B 237 10.93 -11.83 -31.96
N ALA C 1 17.77 61.62 -20.29
CA ALA C 1 18.90 60.72 -19.95
C ALA C 1 18.33 59.33 -19.60
N ASP C 2 18.92 58.29 -20.17
CA ASP C 2 18.49 56.93 -19.95
C ASP C 2 18.58 56.45 -18.50
N THR C 3 17.74 55.48 -18.13
CA THR C 3 17.72 54.92 -16.78
C THR C 3 18.43 53.60 -16.97
N ILE C 4 19.60 53.43 -16.36
CA ILE C 4 20.34 52.19 -16.51
C ILE C 4 20.63 51.43 -15.23
N VAL C 5 20.43 50.13 -15.29
CA VAL C 5 20.70 49.23 -14.17
C VAL C 5 21.55 48.19 -14.90
N ALA C 6 22.78 48.01 -14.45
CA ALA C 6 23.68 47.06 -15.11
C ALA C 6 24.60 46.33 -14.17
N VAL C 7 25.15 45.24 -14.69
CA VAL C 7 26.08 44.39 -13.97
C VAL C 7 27.25 44.42 -14.91
N GLU C 8 28.32 45.03 -14.46
CA GLU C 8 29.53 45.15 -15.26
C GLU C 8 30.65 44.21 -14.90
N LEU C 9 31.34 43.77 -15.94
CA LEU C 9 32.49 42.86 -15.84
C LEU C 9 33.58 43.86 -16.30
N ASP C 10 33.99 44.69 -15.35
CA ASP C 10 35.00 45.72 -15.57
C ASP C 10 36.43 45.15 -15.56
N THR C 11 37.06 45.14 -16.74
CA THR C 11 38.42 44.63 -16.88
C THR C 11 39.56 45.62 -16.68
N TYR C 12 39.29 46.92 -16.82
CA TYR C 12 40.33 47.93 -16.65
C TYR C 12 40.00 48.88 -15.51
N PRO C 13 40.89 48.98 -14.52
CA PRO C 13 40.62 49.88 -13.40
C PRO C 13 40.91 51.36 -13.63
N ASN C 14 39.87 52.18 -13.44
CA ASN C 14 39.95 53.62 -13.63
C ASN C 14 39.73 54.19 -12.24
N THR C 15 40.78 54.19 -11.42
CA THR C 15 40.69 54.71 -10.06
C THR C 15 40.23 56.15 -10.00
N ASP C 16 40.67 56.98 -10.93
CA ASP C 16 40.25 58.36 -10.92
C ASP C 16 38.75 58.53 -10.88
N ILE C 17 37.98 57.51 -11.29
CA ILE C 17 36.51 57.62 -11.27
C ILE C 17 35.83 56.67 -10.27
N GLY C 18 36.60 56.15 -9.33
CA GLY C 18 36.03 55.25 -8.33
C GLY C 18 36.27 53.75 -8.43
N ASP C 19 36.89 53.31 -9.51
CA ASP C 19 37.16 51.89 -9.69
C ASP C 19 38.15 51.37 -8.67
N PRO C 20 38.01 50.09 -8.27
CA PRO C 20 38.96 49.53 -7.31
C PRO C 20 40.23 49.32 -8.13
N SER C 21 41.34 49.12 -7.44
CA SER C 21 42.62 48.91 -8.08
C SER C 21 42.82 47.59 -8.85
N TYR C 22 41.75 46.91 -9.23
CA TYR C 22 41.87 45.64 -9.96
C TYR C 22 40.62 45.31 -10.79
N PRO C 23 40.69 44.28 -11.67
CA PRO C 23 39.53 43.90 -12.48
C PRO C 23 38.43 43.50 -11.49
N HIS C 24 37.19 43.86 -11.79
CA HIS C 24 36.10 43.54 -10.88
C HIS C 24 34.76 43.47 -11.58
N ILE C 25 33.75 43.08 -10.83
CA ILE C 25 32.39 43.00 -11.34
C ILE C 25 31.64 43.95 -10.41
N GLY C 26 30.66 44.67 -10.94
CA GLY C 26 29.92 45.58 -10.08
C GLY C 26 28.48 45.77 -10.48
N ILE C 27 27.70 46.31 -9.55
CA ILE C 27 26.30 46.55 -9.78
C ILE C 27 26.12 48.05 -9.90
N ASP C 28 25.79 48.53 -11.09
CA ASP C 28 25.60 49.96 -11.31
C ASP C 28 24.15 50.36 -11.41
N ILE C 29 23.74 51.30 -10.58
CA ILE C 29 22.37 51.76 -10.61
C ILE C 29 22.43 53.22 -11.02
N LYS C 30 22.12 53.48 -12.28
CA LYS C 30 22.12 54.82 -12.85
C LYS C 30 23.45 55.59 -12.86
N SER C 31 24.55 54.90 -12.58
CA SER C 31 25.87 55.56 -12.57
C SER C 31 26.99 54.53 -12.78
N VAL C 32 28.07 54.96 -13.45
CA VAL C 32 29.20 54.07 -13.69
C VAL C 32 29.95 53.77 -12.41
N ARG C 33 29.72 54.57 -11.38
CA ARG C 33 30.39 54.36 -10.09
C ARG C 33 29.56 53.31 -9.37
N SER C 34 29.97 52.04 -9.52
CA SER C 34 29.31 50.89 -8.92
C SER C 34 28.90 51.04 -7.45
N LYS C 35 27.66 50.70 -7.13
CA LYS C 35 27.18 50.80 -5.76
C LYS C 35 27.80 49.67 -4.93
N LYS C 36 28.33 48.66 -5.59
CA LYS C 36 28.94 47.52 -4.91
C LYS C 36 29.79 46.77 -5.92
N THR C 37 30.97 46.33 -5.49
CA THR C 37 31.88 45.59 -6.38
C THR C 37 32.55 44.41 -5.68
N ALA C 38 33.23 43.59 -6.46
CA ALA C 38 33.93 42.41 -5.95
C ALA C 38 35.11 42.12 -6.86
N LYS C 39 36.23 41.74 -6.26
CA LYS C 39 37.42 41.44 -7.02
C LYS C 39 37.11 40.32 -7.99
N TRP C 40 37.61 40.44 -9.22
CA TRP C 40 37.38 39.45 -10.24
C TRP C 40 38.68 39.05 -10.94
N ASN C 41 39.04 37.78 -10.82
CA ASN C 41 40.26 37.26 -11.43
C ASN C 41 40.00 36.89 -12.88
N MET C 42 39.88 37.91 -13.70
CA MET C 42 39.64 37.76 -15.13
C MET C 42 40.75 36.92 -15.75
N GLN C 43 40.39 35.99 -16.62
CA GLN C 43 41.36 35.12 -17.28
C GLN C 43 41.39 35.35 -18.77
N ASN C 44 42.39 36.12 -19.19
CA ASN C 44 42.61 36.46 -20.59
C ASN C 44 42.66 35.22 -21.48
N GLY C 45 41.82 35.20 -22.51
CA GLY C 45 41.78 34.08 -23.43
C GLY C 45 40.83 32.93 -23.12
N LYS C 46 40.20 32.96 -21.95
CA LYS C 46 39.28 31.90 -21.57
C LYS C 46 37.79 32.30 -21.57
N VAL C 47 36.95 31.30 -21.87
CA VAL C 47 35.52 31.47 -21.91
C VAL C 47 34.99 31.41 -20.49
N GLY C 48 34.27 32.45 -20.08
CA GLY C 48 33.71 32.48 -18.75
C GLY C 48 32.19 32.54 -18.80
N THR C 49 31.56 32.46 -17.64
CA THR C 49 30.12 32.49 -17.57
C THR C 49 29.63 33.47 -16.52
N ALA C 50 28.64 34.26 -16.88
CA ALA C 50 28.05 35.23 -15.97
C ALA C 50 26.62 34.81 -15.75
N HIS C 51 26.14 34.97 -14.53
CA HIS C 51 24.78 34.61 -14.21
C HIS C 51 24.24 35.71 -13.31
N ILE C 52 23.17 36.36 -13.76
CA ILE C 52 22.53 37.44 -13.00
C ILE C 52 21.12 36.98 -12.60
N ILE C 53 20.73 37.25 -11.35
CA ILE C 53 19.41 36.86 -10.88
C ILE C 53 18.84 37.97 -10.00
N TYR C 54 17.52 38.06 -9.98
CA TYR C 54 16.79 39.05 -9.19
C TYR C 54 15.36 38.57 -8.95
N ASN C 55 14.79 38.94 -7.81
CA ASN C 55 13.41 38.55 -7.47
C ASN C 55 12.79 39.65 -6.56
N SER C 56 11.54 40.00 -6.82
CA SER C 56 10.85 41.03 -6.04
C SER C 56 10.60 40.73 -4.55
N VAL C 57 10.76 39.48 -4.12
CA VAL C 57 10.54 39.16 -2.72
C VAL C 57 11.73 39.68 -1.90
N ASP C 58 12.94 39.35 -2.32
CA ASP C 58 14.14 39.78 -1.61
C ASP C 58 14.60 41.16 -2.05
N LYS C 59 14.22 41.54 -3.27
CA LYS C 59 14.60 42.83 -3.83
C LYS C 59 16.10 42.92 -3.75
N ARG C 60 16.74 41.86 -4.24
CA ARG C 60 18.18 41.74 -4.26
C ARG C 60 18.70 41.30 -5.63
N LEU C 61 19.63 42.07 -6.17
CA LEU C 61 20.23 41.78 -7.47
C LEU C 61 21.60 41.14 -7.25
N SER C 62 21.79 39.94 -7.80
CA SER C 62 23.07 39.26 -7.62
C SER C 62 23.66 38.78 -8.93
N ALA C 63 24.97 38.65 -8.95
CA ALA C 63 25.69 38.20 -10.12
C ALA C 63 26.85 37.31 -9.69
N VAL C 64 27.12 36.29 -10.49
CA VAL C 64 28.21 35.35 -10.22
C VAL C 64 28.91 35.20 -11.53
N VAL C 65 30.24 35.32 -11.52
CA VAL C 65 31.03 35.18 -12.73
C VAL C 65 32.06 34.11 -12.41
N SER C 66 32.30 33.19 -13.32
CA SER C 66 33.28 32.15 -13.05
C SER C 66 33.82 31.52 -14.30
N TYR C 67 34.95 30.86 -14.12
CA TYR C 67 35.63 30.16 -15.20
C TYR C 67 35.76 28.70 -14.74
N PRO C 68 35.82 27.76 -15.67
CA PRO C 68 35.95 26.35 -15.28
C PRO C 68 37.07 26.12 -14.26
N ASN C 69 36.77 25.37 -13.20
CA ASN C 69 37.76 25.05 -12.15
C ASN C 69 38.34 26.23 -11.41
N ALA C 70 37.64 27.34 -11.42
CA ALA C 70 38.15 28.50 -10.73
C ALA C 70 37.10 29.03 -9.78
N ASP C 71 37.53 29.82 -8.81
CA ASP C 71 36.64 30.40 -7.83
C ASP C 71 35.83 31.43 -8.55
N SER C 72 34.62 31.62 -8.09
CA SER C 72 33.77 32.57 -8.73
C SER C 72 33.74 33.83 -7.95
N ALA C 73 33.44 34.91 -8.64
CA ALA C 73 33.36 36.21 -8.03
C ALA C 73 31.86 36.41 -7.86
N THR C 74 31.47 36.93 -6.70
CA THR C 74 30.06 37.18 -6.40
C THR C 74 29.85 38.60 -5.88
N VAL C 75 28.75 39.22 -6.32
CA VAL C 75 28.41 40.57 -5.90
C VAL C 75 26.91 40.58 -5.79
N SER C 76 26.42 41.26 -4.76
CA SER C 76 25.00 41.35 -4.52
C SER C 76 24.67 42.76 -4.01
N TYR C 77 23.45 43.23 -4.24
CA TYR C 77 23.07 44.56 -3.77
C TYR C 77 21.57 44.68 -3.62
N ASP C 78 21.10 45.24 -2.51
CA ASP C 78 19.66 45.41 -2.28
C ASP C 78 19.15 46.60 -3.04
N VAL C 79 18.22 46.34 -3.96
CA VAL C 79 17.65 47.40 -4.76
C VAL C 79 16.25 47.06 -5.20
N ASP C 80 15.34 47.98 -4.94
CA ASP C 80 13.95 47.79 -5.30
C ASP C 80 13.81 48.37 -6.71
N LEU C 81 13.77 47.50 -7.71
CA LEU C 81 13.65 47.95 -9.10
C LEU C 81 12.37 48.70 -9.44
N ASP C 82 11.35 48.61 -8.61
CA ASP C 82 10.10 49.31 -8.88
C ASP C 82 10.34 50.81 -8.86
N ASN C 83 11.26 51.25 -8.02
CA ASN C 83 11.57 52.68 -7.91
C ASN C 83 12.71 53.17 -8.75
N VAL C 84 13.33 52.28 -9.53
CA VAL C 84 14.44 52.68 -10.35
C VAL C 84 14.12 52.62 -11.83
N LEU C 85 13.52 51.52 -12.26
CA LEU C 85 13.18 51.31 -13.66
C LEU C 85 11.73 51.50 -14.02
N PRO C 86 11.46 51.85 -15.28
CA PRO C 86 10.06 52.01 -15.67
C PRO C 86 9.45 50.59 -15.77
N GLU C 87 8.14 50.50 -15.90
CA GLU C 87 7.46 49.21 -15.99
C GLU C 87 7.92 48.33 -17.16
N TRP C 88 8.16 48.95 -18.31
CA TRP C 88 8.61 48.26 -19.53
C TRP C 88 10.02 48.68 -19.83
N VAL C 89 10.88 47.71 -20.11
CA VAL C 89 12.27 47.99 -20.40
C VAL C 89 12.74 47.08 -21.51
N ARG C 90 14.03 47.18 -21.83
CA ARG C 90 14.69 46.38 -22.86
C ARG C 90 15.93 45.86 -22.14
N VAL C 91 16.34 44.65 -22.45
CA VAL C 91 17.51 44.09 -21.82
C VAL C 91 18.59 43.90 -22.87
N GLY C 92 19.84 44.01 -22.47
CA GLY C 92 20.90 43.84 -23.44
C GLY C 92 22.28 43.66 -22.89
N LEU C 93 23.23 43.61 -23.81
CA LEU C 93 24.61 43.44 -23.48
C LEU C 93 25.39 44.62 -24.10
N SER C 94 26.32 45.18 -23.34
CA SER C 94 27.11 46.29 -23.81
C SER C 94 28.61 46.01 -23.60
N ALA C 95 29.46 46.68 -24.37
CA ALA C 95 30.90 46.50 -24.26
C ALA C 95 31.62 47.67 -24.90
N SER C 96 32.85 47.91 -24.47
CA SER C 96 33.64 49.00 -25.01
C SER C 96 35.15 48.82 -24.85
N THR C 97 35.90 49.60 -25.62
CA THR C 97 37.35 49.60 -25.59
C THR C 97 37.72 51.09 -25.67
N GLY C 98 38.96 51.45 -25.31
CA GLY C 98 39.40 52.83 -25.36
C GLY C 98 40.80 52.84 -25.90
N LEU C 99 41.77 53.32 -25.12
CA LEU C 99 43.15 53.34 -25.57
C LEU C 99 43.56 51.88 -25.69
N TYR C 100 43.23 51.11 -24.66
CA TYR C 100 43.53 49.68 -24.61
C TYR C 100 42.33 48.91 -25.14
N LYS C 101 42.55 47.70 -25.66
CA LYS C 101 41.46 46.89 -26.20
C LYS C 101 41.39 45.45 -25.72
N GLU C 102 40.40 44.73 -26.23
CA GLU C 102 40.12 43.32 -25.90
C GLU C 102 38.92 42.92 -26.76
N THR C 103 38.74 41.64 -26.97
CA THR C 103 37.60 41.18 -27.75
C THR C 103 36.51 41.06 -26.71
N ASN C 104 35.28 41.35 -27.10
CA ASN C 104 34.15 41.25 -26.19
C ASN C 104 33.14 40.35 -26.89
N THR C 105 33.56 39.09 -27.06
CA THR C 105 32.80 38.05 -27.70
C THR C 105 31.79 37.34 -26.78
N ILE C 106 30.55 37.29 -27.23
CA ILE C 106 29.48 36.65 -26.50
C ILE C 106 29.16 35.36 -27.28
N LEU C 107 29.33 34.21 -26.62
CA LEU C 107 29.07 32.93 -27.27
C LEU C 107 27.66 32.39 -27.06
N SER C 108 26.97 32.86 -26.02
CA SER C 108 25.61 32.43 -25.73
C SER C 108 24.96 33.42 -24.77
N TRP C 109 23.64 33.53 -24.81
CA TRP C 109 22.95 34.44 -23.93
C TRP C 109 21.52 33.99 -23.75
N SER C 110 21.05 33.94 -22.52
CA SER C 110 19.66 33.53 -22.29
C SER C 110 19.09 34.43 -21.20
N PHE C 111 17.79 34.68 -21.31
CA PHE C 111 17.05 35.52 -20.37
C PHE C 111 15.64 34.98 -20.07
N THR C 112 15.25 35.01 -18.79
CA THR C 112 13.93 34.54 -18.38
C THR C 112 13.36 35.56 -17.43
N SER C 113 12.13 35.98 -17.71
CA SER C 113 11.45 36.96 -16.90
C SER C 113 10.07 36.42 -16.58
N LYS C 114 9.68 36.48 -15.30
CA LYS C 114 8.37 35.98 -14.88
C LYS C 114 7.65 36.95 -13.96
N LEU C 115 6.36 37.13 -14.21
CA LEU C 115 5.51 38.02 -13.45
C LEU C 115 4.30 37.22 -12.98
N LYS C 116 4.05 37.19 -11.68
CA LYS C 116 2.91 36.47 -11.16
C LYS C 116 1.93 37.47 -10.53
N SER C 117 0.75 37.64 -11.13
CA SER C 117 -0.25 38.57 -10.60
C SER C 117 -1.19 37.96 -9.56
N ASN C 118 -2.08 38.76 -8.99
CA ASN C 118 -3.01 38.25 -7.99
C ASN C 118 -4.10 37.37 -8.59
N SER C 119 -3.69 36.16 -9.00
CA SER C 119 -4.59 35.18 -9.59
C SER C 119 -3.94 33.79 -9.64
N THR C 120 -4.78 32.76 -9.81
CA THR C 120 -4.32 31.36 -9.89
C THR C 120 -3.52 31.07 -11.17
N HIS C 121 -2.30 30.58 -10.98
CA HIS C 121 -1.39 30.22 -12.05
C HIS C 121 -1.24 31.32 -13.12
N GLU C 122 -1.81 32.48 -12.85
CA GLU C 122 -1.71 33.55 -13.81
C GLU C 122 -0.32 34.14 -13.72
N THR C 123 0.56 33.57 -14.54
CA THR C 123 1.95 33.95 -14.63
C THR C 123 2.25 34.37 -16.06
N ASN C 124 2.86 35.54 -16.23
CA ASN C 124 3.21 36.01 -17.57
C ASN C 124 4.70 35.76 -17.64
N ALA C 125 5.18 35.27 -18.76
CA ALA C 125 6.60 34.99 -18.88
C ALA C 125 7.18 35.23 -20.25
N LEU C 126 8.49 35.50 -20.27
CA LEU C 126 9.24 35.73 -21.50
C LEU C 126 10.58 35.00 -21.33
N HIS C 127 10.97 34.26 -22.36
CA HIS C 127 12.21 33.55 -22.30
C HIS C 127 12.80 33.40 -23.66
N PHE C 128 14.10 33.68 -23.77
CA PHE C 128 14.79 33.57 -25.03
C PHE C 128 16.17 32.98 -24.77
N MET C 129 16.66 32.17 -25.69
CA MET C 129 17.96 31.55 -25.51
C MET C 129 18.73 31.49 -26.83
N PHE C 130 19.91 32.10 -26.86
CA PHE C 130 20.74 32.10 -28.06
C PHE C 130 22.01 31.35 -27.75
N ASN C 131 22.25 30.28 -28.48
CA ASN C 131 23.45 29.47 -28.28
C ASN C 131 24.30 29.59 -29.55
N GLN C 132 23.77 30.34 -30.50
CA GLN C 132 24.40 30.56 -31.77
C GLN C 132 23.73 31.81 -32.34
N PHE C 133 24.52 32.72 -32.89
CA PHE C 133 23.97 33.94 -33.46
C PHE C 133 24.20 33.88 -34.96
N SER C 134 23.22 34.33 -35.73
CA SER C 134 23.36 34.30 -37.19
C SER C 134 23.73 35.68 -37.71
N LYS C 135 24.05 35.75 -39.00
CA LYS C 135 24.43 36.98 -39.66
C LYS C 135 23.34 38.01 -39.65
N ASP C 136 22.13 37.53 -39.80
CA ASP C 136 20.94 38.36 -39.81
C ASP C 136 20.08 37.93 -38.62
N GLN C 137 20.42 38.45 -37.45
CA GLN C 137 19.70 38.15 -36.23
C GLN C 137 18.57 39.17 -36.03
N LYS C 138 17.48 39.00 -36.77
CA LYS C 138 16.34 39.90 -36.71
C LYS C 138 15.70 40.22 -35.37
N ASP C 139 15.91 39.38 -34.37
CA ASP C 139 15.31 39.65 -33.06
C ASP C 139 16.23 40.42 -32.13
N LEU C 140 17.37 40.84 -32.64
CA LEU C 140 18.32 41.60 -31.85
C LEU C 140 18.48 42.95 -32.48
N ILE C 141 18.60 43.98 -31.66
CA ILE C 141 18.78 45.33 -32.13
C ILE C 141 20.26 45.59 -31.88
N LEU C 142 21.07 45.62 -32.93
CA LEU C 142 22.50 45.86 -32.77
C LEU C 142 22.80 47.36 -32.84
N GLN C 143 23.56 47.87 -31.87
CA GLN C 143 23.93 49.28 -31.81
C GLN C 143 25.46 49.42 -31.81
N GLY C 144 25.96 50.54 -32.34
CA GLY C 144 27.39 50.76 -32.37
C GLY C 144 28.12 49.80 -33.30
N ASP C 145 29.22 49.25 -32.82
CA ASP C 145 30.05 48.32 -33.59
C ASP C 145 29.71 46.84 -33.45
N ALA C 146 28.62 46.53 -32.75
CA ALA C 146 28.20 45.15 -32.52
C ALA C 146 27.78 44.45 -33.80
N THR C 147 28.29 43.24 -34.00
CA THR C 147 27.96 42.46 -35.20
C THR C 147 27.81 41.01 -34.80
N THR C 148 27.10 40.25 -35.62
CA THR C 148 26.88 38.83 -35.35
C THR C 148 27.27 38.03 -36.58
N GLY C 149 27.35 36.71 -36.43
CA GLY C 149 27.70 35.85 -37.56
C GLY C 149 29.11 35.30 -37.59
N THR C 150 30.05 36.08 -37.08
CA THR C 150 31.43 35.64 -37.06
C THR C 150 31.54 34.36 -36.24
N ASP C 151 31.53 33.22 -36.93
CA ASP C 151 31.64 31.90 -36.27
C ASP C 151 30.45 31.66 -35.35
N GLY C 152 29.32 32.30 -35.66
CA GLY C 152 28.12 32.13 -34.86
C GLY C 152 28.17 32.84 -33.51
N ASN C 153 29.08 33.81 -33.37
CA ASN C 153 29.21 34.56 -32.12
C ASN C 153 28.75 35.98 -32.31
N LEU C 154 28.63 36.69 -31.20
CA LEU C 154 28.20 38.09 -31.19
C LEU C 154 29.40 38.92 -30.76
N GLU C 155 29.93 39.75 -31.65
CA GLU C 155 31.08 40.59 -31.31
C GLU C 155 30.54 41.95 -30.93
N LEU C 156 30.57 42.26 -29.65
CA LEU C 156 30.06 43.55 -29.20
C LEU C 156 30.91 44.72 -29.71
N THR C 157 32.22 44.60 -29.64
CA THR C 157 33.10 45.66 -30.10
C THR C 157 33.84 45.16 -31.32
N ARG C 158 34.29 46.13 -32.12
CA ARG C 158 35.02 45.89 -33.36
C ARG C 158 36.26 45.02 -33.30
N VAL C 159 36.32 44.09 -34.25
CA VAL C 159 37.43 43.16 -34.35
C VAL C 159 37.77 43.15 -35.84
N SER C 160 39.05 43.09 -36.17
CA SER C 160 39.48 43.08 -37.56
C SER C 160 39.37 41.69 -38.15
N SER C 161 39.37 41.64 -39.47
CA SER C 161 39.28 40.40 -40.23
C SER C 161 40.34 39.37 -39.79
N ASN C 162 41.54 39.82 -39.42
CA ASN C 162 42.58 38.88 -38.99
C ASN C 162 42.29 38.39 -37.57
N GLY C 163 41.23 38.95 -36.97
CA GLY C 163 40.82 38.57 -35.63
C GLY C 163 41.32 39.39 -34.45
N SER C 164 41.95 40.53 -34.68
CA SER C 164 42.44 41.32 -33.55
C SER C 164 41.47 42.42 -33.11
N PRO C 165 41.41 42.71 -31.81
CA PRO C 165 40.50 43.73 -31.29
C PRO C 165 40.93 45.17 -31.59
N GLN C 166 39.96 46.07 -31.71
CA GLN C 166 40.22 47.48 -31.99
C GLN C 166 39.95 48.35 -30.76
N GLY C 167 40.64 49.48 -30.70
CA GLY C 167 40.47 50.40 -29.60
C GLY C 167 39.32 51.32 -29.98
N SER C 168 38.94 52.19 -29.04
CA SER C 168 37.86 53.16 -29.24
C SER C 168 36.60 52.59 -29.92
N SER C 169 36.10 51.48 -29.39
CA SER C 169 34.92 50.81 -29.93
C SER C 169 33.81 50.61 -28.89
N VAL C 170 32.56 50.68 -29.33
CA VAL C 170 31.41 50.49 -28.45
C VAL C 170 30.36 49.73 -29.23
N GLY C 171 29.64 48.86 -28.55
CA GLY C 171 28.61 48.09 -29.20
C GLY C 171 27.66 47.50 -28.18
N ARG C 172 26.41 47.36 -28.58
CA ARG C 172 25.42 46.79 -27.69
C ARG C 172 24.52 45.93 -28.55
N ALA C 173 23.75 45.08 -27.89
CA ALA C 173 22.82 44.19 -28.56
C ALA C 173 21.66 44.11 -27.57
N LEU C 174 20.47 44.54 -27.99
CA LEU C 174 19.30 44.50 -27.11
C LEU C 174 18.28 43.55 -27.70
N PHE C 175 17.54 42.83 -26.85
CA PHE C 175 16.54 41.91 -27.39
C PHE C 175 15.45 42.79 -27.98
N TYR C 176 15.00 42.45 -29.16
CA TYR C 176 13.98 43.22 -29.83
C TYR C 176 12.71 43.60 -29.06
N ALA C 177 12.06 42.62 -28.44
CA ALA C 177 10.84 42.86 -27.69
C ALA C 177 11.03 43.49 -26.32
N PRO C 178 10.17 44.46 -25.98
CA PRO C 178 10.22 45.13 -24.69
C PRO C 178 9.87 44.08 -23.64
N VAL C 179 10.36 44.23 -22.42
CA VAL C 179 10.09 43.26 -21.37
C VAL C 179 9.34 43.96 -20.26
N HIS C 180 8.32 43.30 -19.73
CA HIS C 180 7.54 43.88 -18.66
C HIS C 180 8.22 43.44 -17.36
N ILE C 181 9.18 44.23 -16.92
CA ILE C 181 9.94 43.92 -15.72
C ILE C 181 9.24 43.93 -14.36
N TRP C 182 8.21 44.74 -14.20
CA TRP C 182 7.51 44.77 -12.92
C TRP C 182 6.11 45.29 -13.11
N GLU C 183 5.29 45.12 -12.09
CA GLU C 183 3.91 45.57 -12.15
C GLU C 183 3.46 45.71 -10.71
N SER C 184 2.80 46.82 -10.40
CA SER C 184 2.32 47.08 -9.04
C SER C 184 1.45 45.95 -8.46
N SER C 185 0.76 45.22 -9.33
CA SER C 185 -0.12 44.11 -8.92
C SER C 185 0.51 42.72 -8.97
N ALA C 186 1.83 42.65 -9.03
CA ALA C 186 2.52 41.37 -9.08
C ALA C 186 2.92 40.85 -7.69
N VAL C 187 2.51 39.62 -7.40
CA VAL C 187 2.82 38.98 -6.12
C VAL C 187 4.31 38.70 -6.10
N VAL C 188 4.82 38.22 -7.24
CA VAL C 188 6.23 37.88 -7.43
C VAL C 188 6.67 38.22 -8.88
N ALA C 189 7.82 38.86 -9.02
CA ALA C 189 8.37 39.22 -10.32
C ALA C 189 9.84 38.82 -10.22
N SER C 190 10.37 38.17 -11.24
CA SER C 190 11.75 37.77 -11.16
C SER C 190 12.34 37.58 -12.53
N PHE C 191 13.65 37.68 -12.63
CA PHE C 191 14.32 37.49 -13.91
C PHE C 191 15.66 36.80 -13.68
N GLU C 192 16.20 36.24 -14.74
CA GLU C 192 17.45 35.53 -14.67
C GLU C 192 18.14 35.64 -16.03
N ALA C 193 19.43 35.97 -16.04
CA ALA C 193 20.17 36.10 -17.28
C ALA C 193 21.44 35.32 -17.15
N THR C 194 21.93 34.80 -18.27
CA THR C 194 23.15 34.03 -18.28
C THR C 194 23.80 34.25 -19.62
N PHE C 195 25.11 34.38 -19.65
CA PHE C 195 25.81 34.57 -20.91
C PHE C 195 27.25 34.13 -20.76
N THR C 196 27.83 33.61 -21.84
CA THR C 196 29.22 33.18 -21.79
C THR C 196 29.97 34.12 -22.70
N PHE C 197 31.11 34.57 -22.24
CA PHE C 197 31.94 35.50 -22.99
C PHE C 197 33.39 35.02 -23.16
N LEU C 198 34.12 35.71 -24.04
CA LEU C 198 35.52 35.40 -24.31
C LEU C 198 36.25 36.71 -24.47
N ILE C 199 36.98 37.10 -23.44
CA ILE C 199 37.74 38.33 -23.45
C ILE C 199 39.19 37.98 -23.74
N LYS C 200 39.66 38.38 -24.91
CA LYS C 200 41.03 38.11 -25.31
C LYS C 200 41.72 39.43 -25.61
N SER C 201 42.93 39.60 -25.10
CA SER C 201 43.65 40.85 -25.34
C SER C 201 45.13 40.62 -25.61
N PRO C 202 45.66 41.23 -26.69
CA PRO C 202 47.07 41.08 -27.05
C PRO C 202 47.94 42.03 -26.24
N ASP C 203 47.34 43.15 -25.83
CA ASP C 203 48.08 44.12 -25.06
C ASP C 203 48.13 43.96 -23.53
N SER C 204 49.08 44.69 -22.94
CA SER C 204 49.36 44.72 -21.51
C SER C 204 48.18 44.57 -20.57
N HIS C 205 47.37 45.61 -20.48
CA HIS C 205 46.21 45.55 -19.61
C HIS C 205 45.00 45.66 -20.51
N PRO C 206 44.12 44.66 -20.47
CA PRO C 206 42.91 44.65 -21.31
C PRO C 206 41.93 45.75 -20.85
N ALA C 207 41.03 46.15 -21.74
CA ALA C 207 40.01 47.18 -21.45
C ALA C 207 38.92 47.12 -22.54
N ASP C 208 37.69 47.56 -22.25
CA ASP C 208 37.27 48.09 -20.95
C ASP C 208 36.33 47.23 -20.14
N GLY C 209 35.55 46.40 -20.83
CA GLY C 209 34.62 45.54 -20.13
C GLY C 209 33.34 45.23 -20.88
N ILE C 210 32.53 44.37 -20.26
CA ILE C 210 31.25 43.94 -20.80
C ILE C 210 30.24 44.19 -19.71
N ALA C 211 29.01 44.45 -20.10
CA ALA C 211 27.98 44.70 -19.11
C ALA C 211 26.61 44.21 -19.57
N PHE C 212 25.88 43.57 -18.65
CA PHE C 212 24.55 43.09 -18.95
C PHE C 212 23.74 44.25 -18.39
N PHE C 213 22.78 44.79 -19.13
CA PHE C 213 22.00 45.91 -18.63
C PHE C 213 20.52 45.87 -18.96
N ILE C 214 19.76 46.67 -18.21
CA ILE C 214 18.30 46.81 -18.36
C ILE C 214 18.10 48.31 -18.51
N SER C 215 17.32 48.72 -19.49
CA SER C 215 17.10 50.15 -19.71
C SER C 215 15.72 50.50 -20.28
N ASN C 216 15.47 51.81 -20.42
CA ASN C 216 14.20 52.32 -20.96
C ASN C 216 14.22 51.83 -22.41
N ILE C 217 13.05 51.52 -22.95
CA ILE C 217 12.92 51.04 -24.30
C ILE C 217 13.69 51.74 -25.41
N ASP C 218 13.69 53.05 -25.39
CA ASP C 218 14.37 53.86 -26.40
C ASP C 218 15.83 54.25 -26.16
N SER C 219 16.51 53.52 -25.29
CA SER C 219 17.89 53.83 -25.00
C SER C 219 18.82 53.61 -26.21
N SER C 220 19.91 54.36 -26.24
CA SER C 220 20.88 54.25 -27.32
C SER C 220 22.22 54.61 -26.71
N ILE C 221 23.30 54.31 -27.43
CA ILE C 221 24.63 54.61 -26.94
C ILE C 221 24.86 56.10 -26.79
N PRO C 222 25.24 56.56 -25.58
CA PRO C 222 25.49 57.99 -25.35
C PRO C 222 26.73 58.36 -26.17
N SER C 223 26.74 59.54 -26.80
CA SER C 223 27.91 59.95 -27.60
C SER C 223 29.16 60.02 -26.73
N GLY C 224 30.27 59.50 -27.26
CA GLY C 224 31.52 59.51 -26.54
C GLY C 224 31.63 58.57 -25.35
N SER C 225 30.87 57.49 -25.35
CA SER C 225 30.90 56.52 -24.24
C SER C 225 31.82 55.30 -24.41
N THR C 226 32.89 55.45 -25.19
CA THR C 226 33.81 54.35 -25.38
C THR C 226 34.62 54.30 -24.07
N GLY C 227 35.62 53.43 -24.00
CA GLY C 227 36.37 53.37 -22.77
C GLY C 227 35.57 53.10 -21.50
N ARG C 228 36.06 53.66 -20.39
CA ARG C 228 35.47 53.53 -19.06
C ARG C 228 33.97 53.62 -18.90
N LEU C 229 33.29 54.30 -19.82
CA LEU C 229 31.84 54.44 -19.75
C LEU C 229 31.02 53.24 -20.20
N LEU C 230 31.69 52.19 -20.72
CA LEU C 230 31.06 50.95 -21.19
C LEU C 230 29.85 51.04 -22.13
N GLY C 231 29.74 52.13 -22.86
CA GLY C 231 28.63 52.29 -23.78
C GLY C 231 27.30 52.44 -23.07
N LEU C 232 27.35 52.74 -21.78
CA LEU C 232 26.14 52.90 -21.00
C LEU C 232 25.90 54.29 -20.46
N PHE C 233 26.94 54.93 -19.96
CA PHE C 233 26.81 56.27 -19.39
C PHE C 233 27.36 57.44 -20.19
N PRO C 234 26.70 58.62 -20.06
CA PRO C 234 27.10 59.85 -20.75
C PRO C 234 28.32 60.53 -20.12
N ASP C 235 28.47 60.36 -18.81
CA ASP C 235 29.58 60.94 -18.10
C ASP C 235 29.94 59.99 -16.97
N ALA C 236 30.96 60.32 -16.20
CA ALA C 236 31.35 59.46 -15.09
C ALA C 236 30.77 59.85 -13.73
N ASN C 237 29.61 60.50 -13.71
CA ASN C 237 29.02 60.89 -12.43
C ASN C 237 28.33 59.74 -11.70
N ALA D 1 2.88 40.40 -51.91
CA ALA D 1 1.77 39.88 -51.06
C ALA D 1 2.37 39.09 -49.88
N ASP D 2 1.57 38.94 -48.83
CA ASP D 2 2.00 38.22 -47.65
C ASP D 2 1.94 36.70 -47.83
N THR D 3 2.75 35.98 -47.06
CA THR D 3 2.80 34.53 -47.10
C THR D 3 2.13 34.19 -45.78
N ILE D 4 1.02 33.45 -45.84
CA ILE D 4 0.29 33.08 -44.64
C ILE D 4 0.09 31.59 -44.45
N VAL D 5 0.29 31.15 -43.22
CA VAL D 5 0.12 29.75 -42.86
C VAL D 5 -0.73 29.97 -41.61
N ALA D 6 -1.95 29.46 -41.62
CA ALA D 6 -2.82 29.63 -40.47
C ALA D 6 -3.68 28.43 -40.15
N VAL D 7 -4.20 28.43 -38.92
CA VAL D 7 -5.06 27.39 -38.42
C VAL D 7 -6.28 28.22 -38.05
N GLU D 8 -7.34 28.04 -38.80
CA GLU D 8 -8.55 28.78 -38.55
C GLU D 8 -9.64 28.01 -37.81
N LEU D 9 -10.34 28.72 -36.94
CA LEU D 9 -11.45 28.20 -36.13
C LEU D 9 -12.58 29.00 -36.83
N ASP D 10 -13.04 28.46 -37.95
CA ASP D 10 -14.09 29.03 -38.80
C ASP D 10 -15.50 28.77 -38.27
N THR D 11 -16.15 29.82 -37.79
CA THR D 11 -17.50 29.67 -37.26
C THR D 11 -18.64 29.81 -38.25
N TYR D 12 -18.38 30.44 -39.40
CA TYR D 12 -19.45 30.61 -40.38
C TYR D 12 -19.09 29.94 -41.70
N PRO D 13 -19.93 29.00 -42.15
CA PRO D 13 -19.67 28.31 -43.42
C PRO D 13 -20.01 29.11 -44.67
N ASN D 14 -19.00 29.29 -45.51
CA ASN D 14 -19.13 30.02 -46.76
C ASN D 14 -18.94 28.96 -47.85
N THR D 15 -19.98 28.16 -48.06
CA THR D 15 -19.96 27.09 -49.05
C THR D 15 -19.49 27.52 -50.43
N ASP D 16 -19.78 28.77 -50.82
CA ASP D 16 -19.36 29.27 -52.13
C ASP D 16 -17.85 29.28 -52.30
N ILE D 17 -17.10 29.57 -51.25
CA ILE D 17 -15.66 29.59 -51.41
C ILE D 17 -14.96 28.32 -50.93
N GLY D 18 -15.71 27.22 -50.82
CA GLY D 18 -15.11 25.96 -50.39
C GLY D 18 -15.31 25.48 -48.97
N ASP D 19 -15.97 26.27 -48.12
CA ASP D 19 -16.18 25.86 -46.75
C ASP D 19 -17.13 24.69 -46.64
N PRO D 20 -16.97 23.82 -45.62
CA PRO D 20 -17.88 22.69 -45.45
C PRO D 20 -19.16 23.39 -44.95
N SER D 21 -20.28 22.69 -44.90
CA SER D 21 -21.52 23.33 -44.45
C SER D 21 -21.74 23.41 -42.94
N TYR D 22 -20.66 23.41 -42.18
CA TYR D 22 -20.76 23.47 -40.71
C TYR D 22 -19.51 24.12 -40.13
N PRO D 23 -19.59 24.62 -38.88
CA PRO D 23 -18.42 25.23 -38.24
C PRO D 23 -17.29 24.20 -38.30
N HIS D 24 -16.08 24.65 -38.57
CA HIS D 24 -14.96 23.72 -38.66
C HIS D 24 -13.64 24.41 -38.29
N ILE D 25 -12.57 23.63 -38.30
CA ILE D 25 -11.23 24.11 -37.99
C ILE D 25 -10.48 23.70 -39.25
N GLY D 26 -9.52 24.49 -39.69
CA GLY D 26 -8.81 24.12 -40.89
C GLY D 26 -7.40 24.66 -40.96
N ILE D 27 -6.61 24.05 -41.84
CA ILE D 27 -5.24 24.43 -42.04
C ILE D 27 -5.14 25.14 -43.39
N ASP D 28 -4.83 26.43 -43.37
CA ASP D 28 -4.73 27.21 -44.60
C ASP D 28 -3.29 27.52 -44.99
N ILE D 29 -2.89 27.09 -46.17
CA ILE D 29 -1.55 27.35 -46.62
C ILE D 29 -1.64 28.32 -47.79
N LYS D 30 -1.42 29.59 -47.51
CA LYS D 30 -1.45 30.68 -48.49
C LYS D 30 -2.78 30.92 -49.17
N SER D 31 -3.87 30.38 -48.62
CA SER D 31 -5.18 30.57 -49.22
C SER D 31 -6.26 30.33 -48.19
N VAL D 32 -7.37 31.06 -48.29
CA VAL D 32 -8.46 30.90 -47.34
C VAL D 32 -9.18 29.55 -47.54
N ARG D 33 -8.87 28.88 -48.66
CA ARG D 33 -9.47 27.60 -48.97
C ARG D 33 -8.60 26.54 -48.31
N SER D 34 -8.98 26.16 -47.10
CA SER D 34 -8.27 25.17 -46.29
C SER D 34 -7.82 23.95 -47.05
N LYS D 35 -6.59 23.50 -46.80
CA LYS D 35 -6.07 22.31 -47.46
C LYS D 35 -6.66 21.08 -46.79
N LYS D 36 -7.22 21.26 -45.60
CA LYS D 36 -7.80 20.18 -44.83
C LYS D 36 -8.66 20.80 -43.73
N THR D 37 -9.78 20.16 -43.40
CA THR D 37 -10.68 20.65 -42.36
C THR D 37 -11.27 19.51 -41.55
N ALA D 38 -11.94 19.85 -40.47
CA ALA D 38 -12.56 18.86 -39.59
C ALA D 38 -13.77 19.52 -38.93
N LYS D 39 -14.86 18.78 -38.78
CA LYS D 39 -16.07 19.32 -38.16
C LYS D 39 -15.75 19.81 -36.75
N TRP D 40 -16.29 20.96 -36.38
CA TRP D 40 -16.04 21.51 -35.06
C TRP D 40 -17.33 21.89 -34.37
N ASN D 41 -17.61 21.26 -33.25
CA ASN D 41 -18.84 21.56 -32.53
C ASN D 41 -18.66 22.78 -31.65
N MET D 42 -18.65 23.94 -32.29
CA MET D 42 -18.49 25.20 -31.59
C MET D 42 -19.57 25.41 -30.55
N GLN D 43 -19.16 25.81 -29.35
CA GLN D 43 -20.10 26.04 -28.27
C GLN D 43 -20.20 27.53 -27.93
N ASN D 44 -21.22 28.17 -28.49
CA ASN D 44 -21.44 29.58 -28.27
C ASN D 44 -21.51 29.94 -26.78
N GLY D 45 -20.67 30.89 -26.37
CA GLY D 45 -20.64 31.33 -24.99
C GLY D 45 -19.70 30.64 -24.03
N LYS D 46 -18.99 29.62 -24.48
CA LYS D 46 -18.06 28.91 -23.60
C LYS D 46 -16.59 29.08 -23.95
N VAL D 47 -15.72 29.04 -22.94
CA VAL D 47 -14.28 29.19 -23.13
C VAL D 47 -13.68 27.91 -23.68
N GLY D 48 -12.98 28.00 -24.80
CA GLY D 48 -12.39 26.83 -25.41
C GLY D 48 -10.89 26.95 -25.47
N THR D 49 -10.22 25.90 -25.90
CA THR D 49 -8.78 25.89 -25.99
C THR D 49 -8.31 25.34 -27.32
N ALA D 50 -7.36 26.01 -27.93
CA ALA D 50 -6.80 25.59 -29.21
C ALA D 50 -5.35 25.30 -28.92
N HIS D 51 -4.82 24.29 -29.56
CA HIS D 51 -3.43 23.90 -29.38
C HIS D 51 -2.90 23.53 -30.74
N ILE D 52 -1.83 24.20 -31.16
CA ILE D 52 -1.21 23.94 -32.47
C ILE D 52 0.22 23.45 -32.22
N ILE D 53 0.67 22.45 -32.99
CA ILE D 53 2.01 21.89 -32.86
C ILE D 53 2.57 21.56 -34.22
N TYR D 54 3.90 21.59 -34.31
CA TYR D 54 4.58 21.29 -35.55
C TYR D 54 6.03 20.97 -35.24
N ASN D 55 6.63 20.12 -36.05
CA ASN D 55 8.04 19.77 -35.85
C ASN D 55 8.61 19.41 -37.22
N SER D 56 9.85 19.79 -37.48
CA SER D 56 10.51 19.53 -38.75
C SER D 56 10.82 18.06 -39.05
N VAL D 57 10.71 17.16 -38.06
CA VAL D 57 11.00 15.75 -38.31
C VAL D 57 9.83 15.14 -39.09
N ASP D 58 8.63 15.31 -38.55
CA ASP D 58 7.45 14.76 -39.22
C ASP D 58 6.90 15.70 -40.29
N LYS D 59 7.26 16.97 -40.21
CA LYS D 59 6.78 17.97 -41.16
C LYS D 59 5.27 17.86 -41.23
N ARG D 60 4.65 17.86 -40.05
CA ARG D 60 3.21 17.76 -39.89
C ARG D 60 2.68 18.84 -38.95
N LEU D 61 1.71 19.62 -39.44
CA LEU D 61 1.07 20.69 -38.67
C LEU D 61 -0.26 20.17 -38.13
N SER D 62 -0.42 20.15 -36.81
CA SER D 62 -1.67 19.65 -36.24
C SER D 62 -2.30 20.62 -35.27
N ALA D 63 -3.62 20.53 -35.15
CA ALA D 63 -4.37 21.39 -34.25
C ALA D 63 -5.46 20.62 -33.55
N VAL D 64 -5.70 20.99 -32.29
CA VAL D 64 -6.72 20.35 -31.48
C VAL D 64 -7.47 21.46 -30.81
N VAL D 65 -8.79 21.45 -30.92
CA VAL D 65 -9.61 22.46 -30.29
C VAL D 65 -10.58 21.69 -29.40
N SER D 66 -10.83 22.19 -28.20
CA SER D 66 -11.75 21.50 -27.32
C SER D 66 -12.31 22.37 -26.23
N TYR D 67 -13.40 21.89 -25.63
CA TYR D 67 -14.08 22.58 -24.55
C TYR D 67 -14.05 21.56 -23.41
N PRO D 68 -14.03 22.03 -22.17
CA PRO D 68 -14.01 21.10 -21.04
C PRO D 68 -15.21 20.13 -21.10
N ASN D 69 -14.96 18.85 -20.88
CA ASN D 69 -16.03 17.84 -20.92
C ASN D 69 -16.75 17.78 -22.28
N ALA D 70 -15.99 17.68 -23.36
CA ALA D 70 -16.57 17.62 -24.69
C ALA D 70 -15.50 17.04 -25.58
N ASP D 71 -15.87 16.36 -26.65
CA ASP D 71 -14.86 15.80 -27.52
C ASP D 71 -14.12 16.92 -28.21
N SER D 72 -12.94 16.62 -28.70
CA SER D 72 -12.16 17.63 -29.37
C SER D 72 -12.13 17.39 -30.87
N ALA D 73 -11.91 18.47 -31.61
CA ALA D 73 -11.84 18.40 -33.06
C ALA D 73 -10.35 18.37 -33.31
N THR D 74 -9.90 17.58 -34.27
CA THR D 74 -8.48 17.48 -34.58
C THR D 74 -8.33 17.56 -36.07
N VAL D 75 -7.25 18.20 -36.53
CA VAL D 75 -6.96 18.33 -37.96
C VAL D 75 -5.45 18.35 -38.09
N SER D 76 -4.94 17.66 -39.10
CA SER D 76 -3.50 17.59 -39.35
C SER D 76 -3.27 17.70 -40.83
N TYR D 77 -2.07 18.12 -41.21
CA TYR D 77 -1.74 18.27 -42.62
C TYR D 77 -0.24 18.20 -42.78
N ASP D 78 0.22 17.48 -43.80
CA ASP D 78 1.65 17.34 -44.06
C ASP D 78 2.12 18.53 -44.87
N VAL D 79 3.02 19.31 -44.30
CA VAL D 79 3.56 20.49 -44.96
C VAL D 79 4.96 20.83 -44.50
N ASP D 80 5.87 20.97 -45.46
CA ASP D 80 7.25 21.32 -45.15
C ASP D 80 7.30 22.85 -45.11
N LEU D 81 7.36 23.42 -43.92
CA LEU D 81 7.40 24.88 -43.80
C LEU D 81 8.64 25.58 -44.35
N ASP D 82 9.71 24.82 -44.59
CA ASP D 82 10.94 25.41 -45.12
C ASP D 82 10.64 25.93 -46.51
N ASN D 83 9.70 25.28 -47.19
CA ASN D 83 9.34 25.67 -48.53
C ASN D 83 8.15 26.58 -48.66
N VAL D 84 7.58 26.99 -47.54
CA VAL D 84 6.41 27.85 -47.59
C VAL D 84 6.67 29.22 -46.98
N LEU D 85 7.29 29.22 -45.81
CA LEU D 85 7.59 30.44 -45.08
C LEU D 85 9.03 30.90 -45.14
N PRO D 86 9.25 32.22 -45.02
CA PRO D 86 10.62 32.73 -45.04
C PRO D 86 11.26 32.28 -43.71
N GLU D 87 12.57 32.41 -43.60
CA GLU D 87 13.29 32.01 -42.39
C GLU D 87 12.82 32.73 -41.12
N TRP D 88 12.48 34.01 -41.26
CA TRP D 88 12.03 34.82 -40.13
C TRP D 88 10.58 35.19 -40.36
N VAL D 89 9.77 35.08 -39.33
CA VAL D 89 8.35 35.40 -39.47
C VAL D 89 7.86 36.03 -38.18
N ARG D 90 6.56 36.32 -38.13
CA ARG D 90 5.94 36.90 -36.95
C ARG D 90 4.75 35.97 -36.77
N VAL D 91 4.31 35.78 -35.54
CA VAL D 91 3.19 34.90 -35.27
C VAL D 91 2.13 35.75 -34.62
N GLY D 92 0.88 35.40 -34.86
CA GLY D 92 -0.19 36.18 -34.26
C GLY D 92 -1.52 35.50 -34.29
N LEU D 93 -2.52 36.27 -33.87
CA LEU D 93 -3.91 35.84 -33.81
C LEU D 93 -4.72 36.83 -34.62
N SER D 94 -5.70 36.34 -35.35
CA SER D 94 -6.55 37.18 -36.17
C SER D 94 -8.01 36.78 -35.98
N ALA D 95 -8.91 37.68 -36.33
CA ALA D 95 -10.35 37.43 -36.20
C ALA D 95 -11.11 38.45 -37.02
N SER D 96 -12.33 38.11 -37.40
CA SER D 96 -13.16 39.02 -38.19
C SER D 96 -14.64 38.73 -38.05
N THR D 97 -15.45 39.71 -38.42
CA THR D 97 -16.91 39.61 -38.39
C THR D 97 -17.32 40.20 -39.75
N GLY D 98 -18.54 39.96 -40.19
CA GLY D 98 -19.00 40.49 -41.46
C GLY D 98 -20.43 40.93 -41.24
N LEU D 99 -21.33 40.41 -42.07
CA LEU D 99 -22.74 40.75 -41.96
C LEU D 99 -23.18 40.28 -40.56
N TYR D 100 -22.69 39.10 -40.15
CA TYR D 100 -23.02 38.51 -38.84
C TYR D 100 -21.79 38.69 -37.93
N LYS D 101 -22.01 38.71 -36.62
CA LYS D 101 -20.90 38.89 -35.70
C LYS D 101 -20.82 37.90 -34.53
N GLU D 102 -19.80 38.08 -33.69
CA GLU D 102 -19.53 37.25 -32.51
C GLU D 102 -18.37 37.93 -31.78
N THR D 103 -18.14 37.61 -30.52
CA THR D 103 -17.02 38.23 -29.83
C THR D 103 -15.85 37.28 -30.08
N ASN D 104 -14.65 37.84 -30.28
CA ASN D 104 -13.47 37.02 -30.53
C ASN D 104 -12.48 37.31 -29.41
N THR D 105 -12.87 36.99 -28.20
CA THR D 105 -12.04 37.22 -27.02
C THR D 105 -10.95 36.18 -26.78
N ILE D 106 -9.72 36.63 -26.59
CA ILE D 106 -8.60 35.74 -26.33
C ILE D 106 -8.27 35.95 -24.84
N LEU D 107 -8.38 34.89 -24.05
CA LEU D 107 -8.10 34.98 -22.63
C LEU D 107 -6.67 34.66 -22.25
N SER D 108 -5.97 33.91 -23.10
CA SER D 108 -4.57 33.54 -22.84
C SER D 108 -3.92 33.09 -24.14
N TRP D 109 -2.61 33.24 -24.23
CA TRP D 109 -1.89 32.83 -25.43
C TRP D 109 -0.42 32.53 -25.07
N SER D 110 0.09 31.41 -25.54
CA SER D 110 1.47 31.05 -25.26
C SER D 110 2.05 30.44 -26.54
N PHE D 111 3.35 30.60 -26.72
CA PHE D 111 4.05 30.09 -27.88
C PHE D 111 5.48 29.71 -27.51
N THR D 112 5.97 28.65 -28.13
CA THR D 112 7.32 28.16 -27.87
C THR D 112 7.88 27.71 -29.21
N SER D 113 9.08 28.16 -29.51
CA SER D 113 9.72 27.82 -30.76
C SER D 113 11.13 27.37 -30.43
N LYS D 114 11.59 26.29 -31.03
CA LYS D 114 12.93 25.79 -30.75
C LYS D 114 13.65 25.37 -32.01
N LEU D 115 14.93 25.68 -32.08
CA LEU D 115 15.78 25.35 -33.22
C LEU D 115 17.02 24.67 -32.71
N LYS D 116 17.30 23.47 -33.20
CA LYS D 116 18.49 22.76 -32.75
C LYS D 116 19.38 22.59 -33.96
N SER D 117 20.56 23.21 -33.95
CA SER D 117 21.49 23.08 -35.08
C SER D 117 22.52 21.99 -34.82
N ASN D 118 23.45 21.82 -35.77
CA ASN D 118 24.49 20.80 -35.62
C ASN D 118 25.51 21.14 -34.55
N SER D 119 25.12 20.97 -33.29
CA SER D 119 25.97 21.26 -32.14
C SER D 119 25.42 20.69 -30.83
N THR D 120 26.31 20.51 -29.87
CA THR D 120 25.99 19.98 -28.55
C THR D 120 25.14 20.90 -27.67
N HIS D 121 23.90 20.49 -27.43
CA HIS D 121 22.95 21.25 -26.62
C HIS D 121 22.73 22.67 -27.15
N GLU D 122 23.26 22.95 -28.33
CA GLU D 122 23.11 24.28 -28.94
C GLU D 122 21.73 24.39 -29.57
N THR D 123 20.80 24.83 -28.74
CA THR D 123 19.40 25.03 -29.08
C THR D 123 19.04 26.51 -28.89
N ASN D 124 18.37 27.10 -29.87
CA ASN D 124 17.97 28.49 -29.76
C ASN D 124 16.47 28.38 -29.50
N ALA D 125 15.95 29.16 -28.55
CA ALA D 125 14.52 29.08 -28.26
C ALA D 125 13.91 30.41 -27.90
N LEU D 126 12.60 30.52 -28.08
CA LEU D 126 11.82 31.72 -27.79
C LEU D 126 10.53 31.22 -27.17
N HIS D 127 10.13 31.84 -26.09
CA HIS D 127 8.91 31.44 -25.43
C HIS D 127 8.26 32.62 -24.74
N PHE D 128 6.97 32.75 -24.95
CA PHE D 128 6.24 33.83 -24.32
C PHE D 128 4.91 33.26 -23.86
N MET D 129 4.39 33.79 -22.76
CA MET D 129 3.12 33.34 -22.21
C MET D 129 2.34 34.49 -21.63
N PHE D 130 1.12 34.72 -22.12
CA PHE D 130 0.27 35.79 -21.63
C PHE D 130 -0.96 35.15 -21.01
N ASN D 131 -1.16 35.38 -19.72
CA ASN D 131 -2.33 34.81 -19.04
C ASN D 131 -3.23 35.96 -18.65
N GLN D 132 -2.77 37.17 -18.94
CA GLN D 132 -3.46 38.41 -18.65
C GLN D 132 -2.89 39.45 -19.63
N PHE D 133 -3.74 40.30 -20.20
CA PHE D 133 -3.28 41.31 -21.12
C PHE D 133 -3.54 42.67 -20.45
N SER D 134 -2.62 43.62 -20.59
CA SER D 134 -2.81 44.92 -19.97
C SER D 134 -3.23 45.94 -21.02
N LYS D 135 -3.67 47.10 -20.55
CA LYS D 135 -4.11 48.18 -21.44
C LYS D 135 -3.01 48.62 -22.42
N ASP D 136 -1.79 48.60 -21.93
CA ASP D 136 -0.65 49.00 -22.71
C ASP D 136 0.27 47.78 -22.80
N GLN D 137 -0.02 46.89 -23.74
CA GLN D 137 0.76 45.67 -23.95
C GLN D 137 1.87 45.95 -24.96
N LYS D 138 2.96 46.56 -24.51
CA LYS D 138 4.07 46.90 -25.38
C LYS D 138 4.77 45.85 -26.21
N ASP D 139 4.58 44.57 -25.89
CA ASP D 139 5.23 43.52 -26.68
C ASP D 139 4.32 42.90 -27.75
N LEU D 140 3.16 43.54 -27.95
CA LEU D 140 2.21 43.08 -28.94
C LEU D 140 2.00 44.19 -29.95
N ILE D 141 1.85 43.83 -31.21
CA ILE D 141 1.62 44.82 -32.26
C ILE D 141 0.13 44.60 -32.57
N LEU D 142 -0.73 45.54 -32.18
CA LEU D 142 -2.17 45.42 -32.44
C LEU D 142 -2.53 46.05 -33.79
N GLN D 143 -3.24 45.31 -34.63
CA GLN D 143 -3.64 45.82 -35.93
C GLN D 143 -5.18 45.81 -35.99
N GLY D 144 -5.76 46.70 -36.81
CA GLY D 144 -7.21 46.77 -36.93
C GLY D 144 -7.94 47.22 -35.68
N ASP D 145 -9.03 46.51 -35.35
CA ASP D 145 -9.86 46.82 -34.18
C ASP D 145 -9.44 46.11 -32.92
N ALA D 146 -8.28 45.46 -32.94
CA ALA D 146 -7.79 44.73 -31.78
C ALA D 146 -7.44 45.65 -30.62
N THR D 147 -7.88 45.31 -29.42
CA THR D 147 -7.60 46.09 -28.23
C THR D 147 -7.37 45.16 -27.05
N THR D 148 -6.65 45.64 -26.05
CA THR D 148 -6.33 44.85 -24.85
C THR D 148 -6.78 45.63 -23.63
N GLY D 149 -6.83 44.97 -22.47
CA GLY D 149 -7.23 45.64 -21.24
C GLY D 149 -8.62 45.43 -20.65
N THR D 150 -9.60 45.20 -21.53
CA THR D 150 -10.97 44.96 -21.08
C THR D 150 -11.08 43.67 -20.27
N ASP D 151 -10.97 43.81 -18.95
CA ASP D 151 -11.04 42.69 -18.03
C ASP D 151 -9.81 41.83 -18.20
N GLY D 152 -8.72 42.46 -18.64
CA GLY D 152 -7.48 41.73 -18.83
C GLY D 152 -7.47 40.75 -20.00
N ASN D 153 -8.34 40.98 -20.98
CA ASN D 153 -8.42 40.11 -22.15
C ASN D 153 -8.04 40.85 -23.43
N LEU D 154 -7.92 40.11 -24.51
CA LEU D 154 -7.56 40.65 -25.81
C LEU D 154 -8.78 40.50 -26.72
N GLU D 155 -9.38 41.62 -27.11
CA GLU D 155 -10.55 41.59 -28.00
C GLU D 155 -10.05 41.83 -29.41
N LEU D 156 -9.98 40.76 -30.18
CA LEU D 156 -9.51 40.89 -31.55
C LEU D 156 -10.41 41.75 -32.43
N THR D 157 -11.72 41.69 -32.21
CA THR D 157 -12.66 42.47 -33.00
C THR D 157 -13.45 43.41 -32.11
N ARG D 158 -13.97 44.48 -32.71
CA ARG D 158 -14.75 45.49 -32.03
C ARG D 158 -15.94 44.98 -31.23
N VAL D 159 -16.03 45.44 -29.98
CA VAL D 159 -17.11 45.08 -29.07
C VAL D 159 -17.50 46.38 -28.37
N SER D 160 -18.79 46.55 -28.06
CA SER D 160 -19.27 47.77 -27.39
C SER D 160 -19.17 47.80 -25.85
N SER D 161 -19.60 48.91 -25.26
CA SER D 161 -19.57 49.11 -23.83
C SER D 161 -20.37 48.07 -23.04
N ASN D 162 -21.60 47.82 -23.49
CA ASN D 162 -22.46 46.84 -22.82
C ASN D 162 -21.99 45.41 -23.09
N GLY D 163 -21.01 45.25 -23.98
CA GLY D 163 -20.49 43.91 -24.30
C GLY D 163 -20.87 43.20 -25.59
N SER D 164 -21.80 43.75 -26.36
CA SER D 164 -22.18 43.11 -27.61
C SER D 164 -21.21 43.37 -28.77
N PRO D 165 -21.01 42.36 -29.65
CA PRO D 165 -20.12 42.40 -30.81
C PRO D 165 -20.63 43.21 -31.99
N GLN D 166 -19.71 43.72 -32.79
CA GLN D 166 -20.03 44.54 -33.95
C GLN D 166 -19.69 43.85 -35.26
N GLY D 167 -20.47 44.13 -36.29
CA GLY D 167 -20.25 43.54 -37.59
C GLY D 167 -19.15 44.29 -38.32
N SER D 168 -18.67 43.75 -39.42
CA SER D 168 -17.61 44.36 -40.21
C SER D 168 -16.43 44.83 -39.35
N SER D 169 -15.76 43.88 -38.71
CA SER D 169 -14.63 44.18 -37.84
C SER D 169 -13.49 43.19 -38.06
N VAL D 170 -12.26 43.69 -38.05
CA VAL D 170 -11.06 42.88 -38.23
C VAL D 170 -10.01 43.37 -37.25
N GLY D 171 -9.28 42.42 -36.68
CA GLY D 171 -8.25 42.74 -35.72
C GLY D 171 -7.23 41.62 -35.67
N ARG D 172 -6.00 42.00 -35.37
CA ARG D 172 -4.91 41.06 -35.27
C ARG D 172 -3.99 41.53 -34.15
N ALA D 173 -3.21 40.59 -33.64
CA ALA D 173 -2.26 40.86 -32.57
C ALA D 173 -1.08 39.95 -32.90
N LEU D 174 0.07 40.57 -33.16
CA LEU D 174 1.29 39.82 -33.47
C LEU D 174 2.30 40.05 -32.37
N PHE D 175 3.10 39.03 -32.07
CA PHE D 175 4.09 39.20 -31.03
C PHE D 175 5.12 40.14 -31.63
N TYR D 176 5.59 41.09 -30.84
CA TYR D 176 6.56 42.05 -31.29
C TYR D 176 7.82 41.56 -31.98
N ALA D 177 8.56 40.68 -31.31
CA ALA D 177 9.79 40.14 -31.89
C ALA D 177 9.61 39.12 -32.99
N PRO D 178 10.44 39.19 -34.03
CA PRO D 178 10.39 38.25 -35.16
C PRO D 178 10.80 36.88 -34.59
N VAL D 179 10.34 35.81 -35.22
CA VAL D 179 10.65 34.46 -34.78
C VAL D 179 11.43 33.75 -35.88
N HIS D 180 12.53 33.09 -35.51
CA HIS D 180 13.35 32.36 -36.49
C HIS D 180 12.73 30.98 -36.54
N ILE D 181 11.76 30.81 -37.44
CA ILE D 181 11.04 29.55 -37.61
C ILE D 181 11.76 28.34 -38.16
N TRP D 182 12.79 28.56 -38.96
CA TRP D 182 13.52 27.43 -39.49
C TRP D 182 14.87 27.90 -39.95
N GLU D 183 15.77 26.94 -40.14
CA GLU D 183 17.12 27.23 -40.59
C GLU D 183 17.62 25.99 -41.29
N SER D 184 18.26 26.18 -42.43
CA SER D 184 18.80 25.08 -43.22
C SER D 184 19.73 24.15 -42.45
N SER D 185 20.37 24.66 -41.39
CA SER D 185 21.28 23.84 -40.59
C SER D 185 20.70 23.34 -39.28
N ALA D 186 19.37 23.29 -39.20
CA ALA D 186 18.72 22.82 -38.00
C ALA D 186 18.40 21.34 -38.10
N VAL D 187 18.82 20.60 -37.08
CA VAL D 187 18.57 19.17 -37.02
C VAL D 187 17.07 19.00 -36.75
N VAL D 188 16.55 19.82 -35.82
CA VAL D 188 15.15 19.78 -35.45
C VAL D 188 14.68 21.21 -35.20
N ALA D 189 13.49 21.53 -35.67
CA ALA D 189 12.90 22.85 -35.49
C ALA D 189 11.48 22.50 -35.13
N SER D 190 10.91 23.17 -34.15
CA SER D 190 9.54 22.87 -33.76
C SER D 190 8.93 24.02 -33.02
N PHE D 191 7.61 24.06 -32.99
CA PHE D 191 6.94 25.13 -32.30
C PHE D 191 5.65 24.61 -31.74
N GLU D 192 5.08 25.34 -30.81
CA GLU D 192 3.85 24.96 -30.18
C GLU D 192 3.12 26.23 -29.72
N ALA D 193 1.83 26.32 -29.99
CA ALA D 193 1.04 27.49 -29.60
C ALA D 193 -0.22 27.02 -28.90
N THR D 194 -0.69 27.82 -27.96
CA THR D 194 -1.89 27.48 -27.22
C THR D 194 -2.61 28.74 -26.84
N PHE D 195 -3.92 28.74 -26.99
CA PHE D 195 -4.68 29.92 -26.63
C PHE D 195 -6.09 29.54 -26.26
N THR D 196 -6.69 30.29 -25.35
CA THR D 196 -8.04 30.05 -24.92
C THR D 196 -8.89 31.23 -25.42
N PHE D 197 -10.02 30.92 -26.02
CA PHE D 197 -10.91 31.94 -26.55
C PHE D 197 -12.34 31.81 -26.03
N LEU D 198 -13.13 32.84 -26.29
CA LEU D 198 -14.52 32.90 -25.88
C LEU D 198 -15.29 33.52 -27.02
N ILE D 199 -16.03 32.70 -27.75
CA ILE D 199 -16.82 33.18 -28.87
C ILE D 199 -18.28 33.24 -28.40
N LYS D 200 -18.82 34.45 -28.30
CA LYS D 200 -20.19 34.66 -27.87
C LYS D 200 -20.89 35.41 -29.00
N SER D 201 -22.09 34.96 -29.35
CA SER D 201 -22.86 35.60 -30.42
C SER D 201 -24.35 35.66 -30.10
N PRO D 202 -24.98 36.85 -30.25
CA PRO D 202 -26.41 37.03 -29.97
C PRO D 202 -27.29 36.72 -31.17
N ASP D 203 -26.72 36.77 -32.37
CA ASP D 203 -27.47 36.51 -33.59
C ASP D 203 -27.34 35.13 -34.20
N SER D 204 -28.38 34.73 -34.95
CA SER D 204 -28.53 33.45 -35.67
C SER D 204 -27.35 32.55 -36.03
N HIS D 205 -26.41 33.07 -36.80
CA HIS D 205 -25.29 32.23 -37.13
C HIS D 205 -24.09 33.11 -36.86
N PRO D 206 -23.26 32.71 -35.91
CA PRO D 206 -22.07 33.49 -35.57
C PRO D 206 -21.14 33.53 -36.78
N ALA D 207 -20.26 34.52 -36.78
CA ALA D 207 -19.29 34.71 -37.86
C ALA D 207 -18.26 35.71 -37.34
N ASP D 208 -17.03 35.67 -37.85
CA ASP D 208 -16.60 34.73 -38.87
C ASP D 208 -15.59 33.70 -38.42
N GLY D 209 -14.86 34.00 -37.35
CA GLY D 209 -13.87 33.08 -36.83
C GLY D 209 -12.59 33.69 -36.27
N ILE D 210 -11.73 32.84 -35.73
CA ILE D 210 -10.46 33.25 -35.15
C ILE D 210 -9.43 32.39 -35.86
N ALA D 211 -8.20 32.90 -35.99
CA ALA D 211 -7.14 32.16 -36.65
C ALA D 211 -5.78 32.46 -36.02
N PHE D 212 -4.97 31.43 -35.88
CA PHE D 212 -3.64 31.60 -35.32
C PHE D 212 -2.86 31.58 -36.62
N PHE D 213 -1.94 32.51 -36.80
CA PHE D 213 -1.19 32.50 -38.05
C PHE D 213 0.25 32.86 -37.91
N ILE D 214 0.99 32.52 -38.96
CA ILE D 214 2.41 32.76 -39.06
C ILE D 214 2.56 33.50 -40.40
N SER D 215 3.31 34.59 -40.41
CA SER D 215 3.50 35.37 -41.62
C SER D 215 4.84 36.05 -41.74
N ASN D 216 5.02 36.72 -42.86
CA ASN D 216 6.25 37.44 -43.14
C ASN D 216 6.21 38.59 -42.11
N ILE D 217 7.38 38.97 -41.62
CA ILE D 217 7.52 40.02 -40.63
C ILE D 217 6.67 41.28 -40.81
N ASP D 218 6.62 41.77 -42.04
CA ASP D 218 5.87 42.98 -42.34
C ASP D 218 4.41 42.86 -42.72
N SER D 219 3.79 41.70 -42.47
CA SER D 219 2.38 41.51 -42.80
C SER D 219 1.43 42.49 -42.11
N SER D 220 0.36 42.83 -42.80
CA SER D 220 -0.65 43.75 -42.26
C SER D 220 -1.99 43.31 -42.84
N ILE D 221 -3.07 43.76 -42.23
CA ILE D 221 -4.42 43.43 -42.67
C ILE D 221 -4.71 43.86 -44.11
N PRO D 222 -4.98 42.91 -45.02
CA PRO D 222 -5.27 43.20 -46.42
C PRO D 222 -6.53 44.03 -46.47
N SER D 223 -6.63 44.87 -47.48
CA SER D 223 -7.80 45.72 -47.60
C SER D 223 -9.06 44.91 -47.85
N GLY D 224 -10.06 45.17 -47.01
CA GLY D 224 -11.33 44.47 -47.13
C GLY D 224 -11.33 43.00 -46.79
N SER D 225 -10.55 42.62 -45.77
CA SER D 225 -10.47 41.23 -45.36
C SER D 225 -11.37 40.93 -44.15
N THR D 226 -12.51 41.60 -44.08
CA THR D 226 -13.42 41.34 -42.97
C THR D 226 -14.22 40.13 -43.44
N GLY D 227 -15.22 39.75 -42.66
CA GLY D 227 -16.02 38.62 -43.04
C GLY D 227 -15.20 37.33 -43.20
N ARG D 228 -15.56 36.57 -44.23
CA ARG D 228 -14.95 35.30 -44.59
C ARG D 228 -13.47 35.27 -44.84
N LEU D 229 -12.84 36.44 -44.97
CA LEU D 229 -11.40 36.44 -45.24
C LEU D 229 -10.52 36.35 -43.98
N LEU D 230 -11.15 36.50 -42.81
CA LEU D 230 -10.49 36.42 -41.50
C LEU D 230 -9.33 37.36 -41.22
N GLY D 231 -9.28 38.49 -41.92
CA GLY D 231 -8.21 39.45 -41.72
C GLY D 231 -6.89 38.90 -42.15
N LEU D 232 -6.89 37.86 -42.99
CA LEU D 232 -5.64 37.24 -43.44
C LEU D 232 -5.39 37.25 -44.93
N PHE D 233 -6.44 37.04 -45.72
CA PHE D 233 -6.30 37.01 -47.18
C PHE D 233 -6.91 38.16 -47.95
N PRO D 234 -6.26 38.59 -49.04
CA PRO D 234 -6.71 39.69 -49.89
C PRO D 234 -7.91 39.30 -50.76
N ASP D 235 -7.99 38.04 -51.15
CA ASP D 235 -9.07 37.53 -51.97
C ASP D 235 -9.42 36.10 -51.53
N ALA D 236 -10.36 35.47 -52.22
CA ALA D 236 -10.74 34.11 -51.86
C ALA D 236 -10.14 33.00 -52.72
N ASN D 237 -8.93 33.21 -53.24
CA ASN D 237 -8.25 32.20 -54.05
C ASN D 237 -7.73 31.05 -53.17
N ALA E 1 9.47 -45.89 42.07
CA ALA E 1 8.84 -44.63 42.57
C ALA E 1 8.24 -43.84 41.40
N ASP E 2 7.17 -43.10 41.67
CA ASP E 2 6.50 -42.30 40.64
C ASP E 2 7.30 -41.07 40.15
N THR E 3 7.09 -40.69 38.90
CA THR E 3 7.77 -39.54 38.33
C THR E 3 6.70 -38.45 38.36
N ILE E 4 6.95 -37.37 39.10
CA ILE E 4 6.00 -36.28 39.21
C ILE E 4 6.54 -34.91 38.78
N VAL E 5 5.71 -34.18 38.05
CA VAL E 5 6.01 -32.83 37.56
C VAL E 5 4.71 -32.16 38.00
N ALA E 6 4.80 -31.16 38.86
CA ALA E 6 3.60 -30.51 39.33
C ALA E 6 3.73 -29.03 39.56
N VAL E 7 2.57 -28.37 39.65
CA VAL E 7 2.48 -26.94 39.89
C VAL E 7 1.63 -26.93 41.14
N GLU E 8 2.23 -26.54 42.25
CA GLU E 8 1.54 -26.49 43.50
C GLU E 8 1.10 -25.10 43.90
N LEU E 9 -0.06 -25.04 44.54
CA LEU E 9 -0.68 -23.81 45.06
C LEU E 9 -0.57 -24.15 46.53
N ASP E 10 0.61 -23.87 47.10
CA ASP E 10 0.92 -24.15 48.49
C ASP E 10 0.40 -23.11 49.46
N THR E 11 -0.58 -23.50 50.27
CA THR E 11 -1.14 -22.56 51.23
C THR E 11 -0.47 -22.51 52.60
N TYR E 12 0.26 -23.56 52.96
CA TYR E 12 0.91 -23.58 54.25
C TYR E 12 2.41 -23.61 54.15
N PRO E 13 3.10 -22.64 54.75
CA PRO E 13 4.57 -22.64 54.67
C PRO E 13 5.31 -23.59 55.63
N ASN E 14 6.05 -24.54 55.06
CA ASN E 14 6.83 -25.52 55.82
C ASN E 14 8.27 -25.15 55.51
N THR E 15 8.79 -24.16 56.23
CA THR E 15 10.17 -23.69 56.05
C THR E 15 11.23 -24.75 56.25
N ASP E 16 10.98 -25.71 57.17
CA ASP E 16 11.96 -26.77 57.42
C ASP E 16 12.28 -27.57 56.17
N ILE E 17 11.30 -27.75 55.31
CA ILE E 17 11.55 -28.51 54.09
C ILE E 17 11.79 -27.61 52.88
N GLY E 18 12.17 -26.37 53.15
CA GLY E 18 12.43 -25.44 52.06
C GLY E 18 11.39 -24.43 51.61
N ASP E 19 10.18 -24.45 52.17
CA ASP E 19 9.15 -23.51 51.76
C ASP E 19 9.50 -22.07 52.16
N PRO E 20 9.01 -21.09 51.37
CA PRO E 20 9.25 -19.68 51.69
C PRO E 20 8.32 -19.45 52.87
N SER E 21 8.53 -18.41 53.67
CA SER E 21 7.66 -18.21 54.81
C SER E 21 6.29 -17.60 54.53
N TYR E 22 5.73 -17.90 53.36
CA TYR E 22 4.41 -17.37 52.99
C TYR E 22 3.74 -18.23 51.94
N PRO E 23 2.39 -18.13 51.80
CA PRO E 23 1.65 -18.90 50.80
C PRO E 23 2.32 -18.65 49.46
N HIS E 24 2.46 -19.67 48.63
CA HIS E 24 3.12 -19.50 47.34
C HIS E 24 2.72 -20.55 46.32
N ILE E 25 3.14 -20.33 45.08
CA ILE E 25 2.84 -21.28 44.01
C ILE E 25 4.24 -21.73 43.58
N GLY E 26 4.37 -22.96 43.11
CA GLY E 26 5.69 -23.36 42.72
C GLY E 26 5.68 -24.47 41.72
N ILE E 27 6.84 -24.68 41.12
CA ILE E 27 7.03 -25.72 40.13
C ILE E 27 7.90 -26.81 40.73
N ASP E 28 7.33 -28.00 40.92
CA ASP E 28 8.03 -29.15 41.48
C ASP E 28 8.41 -30.19 40.45
N ILE E 29 9.69 -30.49 40.32
CA ILE E 29 10.15 -31.48 39.36
C ILE E 29 10.71 -32.63 40.20
N LYS E 30 9.91 -33.69 40.34
CA LYS E 30 10.27 -34.88 41.08
C LYS E 30 10.59 -34.67 42.55
N SER E 31 10.21 -33.53 43.10
CA SER E 31 10.47 -33.26 44.50
C SER E 31 9.54 -32.19 45.05
N VAL E 32 9.18 -32.33 46.32
CA VAL E 32 8.29 -31.37 46.94
C VAL E 32 9.00 -30.04 47.15
N ARG E 33 10.33 -30.07 47.04
CA ARG E 33 11.13 -28.85 47.21
C ARG E 33 11.13 -28.18 45.85
N SER E 34 10.17 -27.28 45.65
CA SER E 34 10.00 -26.54 44.39
C SER E 34 11.28 -26.00 43.83
N LYS E 35 11.45 -26.13 42.52
CA LYS E 35 12.66 -25.63 41.86
C LYS E 35 12.54 -24.10 41.71
N LYS E 36 11.31 -23.60 41.80
CA LYS E 36 11.04 -22.17 41.69
C LYS E 36 9.68 -21.86 42.30
N THR E 37 9.57 -20.72 42.96
CA THR E 37 8.33 -20.33 43.60
C THR E 37 8.07 -18.83 43.44
N ALA E 38 6.88 -18.38 43.85
CA ALA E 38 6.48 -16.98 43.78
C ALA E 38 5.46 -16.73 44.87
N LYS E 39 5.52 -15.57 45.50
CA LYS E 39 4.59 -15.22 46.57
C LYS E 39 3.17 -15.24 46.00
N TRP E 40 2.25 -15.81 46.76
CA TRP E 40 0.87 -15.91 46.35
C TRP E 40 -0.04 -15.37 47.45
N ASN E 41 -0.77 -14.30 47.16
CA ASN E 41 -1.68 -13.70 48.13
C ASN E 41 -2.97 -14.47 48.08
N MET E 42 -2.97 -15.61 48.73
CA MET E 42 -4.13 -16.48 48.77
C MET E 42 -5.28 -15.78 49.47
N GLN E 43 -6.46 -15.87 48.89
CA GLN E 43 -7.64 -15.24 49.46
C GLN E 43 -8.63 -16.27 49.95
N ASN E 44 -8.63 -16.45 51.26
CA ASN E 44 -9.52 -17.40 51.93
C ASN E 44 -11.00 -17.16 51.60
N GLY E 45 -11.66 -18.17 51.05
CA GLY E 45 -13.07 -18.05 50.72
C GLY E 45 -13.47 -17.60 49.33
N LYS E 46 -12.51 -17.27 48.47
CA LYS E 46 -12.86 -16.83 47.12
C LYS E 46 -12.43 -17.79 46.02
N VAL E 47 -13.17 -17.77 44.92
CA VAL E 47 -12.90 -18.61 43.77
C VAL E 47 -11.75 -18.01 42.96
N GLY E 48 -10.72 -18.81 42.75
CA GLY E 48 -9.57 -18.35 42.00
C GLY E 48 -9.40 -19.16 40.75
N THR E 49 -8.43 -18.76 39.93
CA THR E 49 -8.17 -19.47 38.68
C THR E 49 -6.69 -19.72 38.51
N ALA E 50 -6.36 -20.92 38.06
CA ALA E 50 -4.99 -21.30 37.83
C ALA E 50 -4.91 -21.65 36.37
N HIS E 51 -3.83 -21.24 35.73
CA HIS E 51 -3.63 -21.50 34.33
C HIS E 51 -2.17 -21.96 34.13
N ILE E 52 -1.97 -23.18 33.64
CA ILE E 52 -0.63 -23.71 33.40
C ILE E 52 -0.39 -23.88 31.91
N ILE E 53 0.80 -23.52 31.43
CA ILE E 53 1.11 -23.64 30.02
C ILE E 53 2.51 -24.13 29.84
N TYR E 54 2.76 -24.79 28.72
CA TYR E 54 4.06 -25.32 28.41
C TYR E 54 4.12 -25.60 26.94
N ASN E 55 5.32 -25.46 26.35
CA ASN E 55 5.50 -25.74 24.93
C ASN E 55 6.95 -26.22 24.70
N SER E 56 7.13 -27.18 23.79
CA SER E 56 8.45 -27.74 23.47
C SER E 56 9.46 -26.83 22.82
N VAL E 57 8.99 -25.72 22.28
CA VAL E 57 9.89 -24.77 21.62
C VAL E 57 10.77 -24.10 22.67
N ASP E 58 10.12 -23.45 23.62
CA ASP E 58 10.78 -22.76 24.71
C ASP E 58 11.22 -23.69 25.83
N LYS E 59 10.53 -24.84 25.95
CA LYS E 59 10.83 -25.81 27.00
C LYS E 59 10.73 -25.01 28.31
N ARG E 60 9.62 -24.29 28.46
CA ARG E 60 9.37 -23.47 29.64
C ARG E 60 7.97 -23.74 30.20
N LEU E 61 7.90 -24.10 31.48
CA LEU E 61 6.64 -24.38 32.16
C LEU E 61 6.25 -23.14 32.98
N SER E 62 5.07 -22.60 32.72
CA SER E 62 4.61 -21.43 33.43
C SER E 62 3.23 -21.60 34.04
N ALA E 63 2.97 -20.84 35.09
CA ALA E 63 1.68 -20.89 35.77
C ALA E 63 1.33 -19.51 36.27
N VAL E 64 0.03 -19.21 36.24
CA VAL E 64 -0.51 -17.94 36.68
C VAL E 64 -1.70 -18.29 37.55
N VAL E 65 -1.81 -17.64 38.69
CA VAL E 65 -2.91 -17.89 39.60
C VAL E 65 -3.45 -16.51 39.92
N SER E 66 -4.76 -16.34 39.94
CA SER E 66 -5.32 -15.04 40.24
C SER E 66 -6.78 -15.10 40.70
N TYR E 67 -7.22 -14.02 41.31
CA TYR E 67 -8.58 -13.89 41.79
C TYR E 67 -9.09 -12.68 41.03
N PRO E 68 -10.41 -12.61 40.79
CA PRO E 68 -10.87 -11.43 40.04
C PRO E 68 -10.44 -10.10 40.68
N ASN E 69 -10.10 -9.13 39.85
CA ASN E 69 -9.67 -7.80 40.31
C ASN E 69 -8.47 -7.72 41.27
N ALA E 70 -7.62 -8.73 41.23
CA ALA E 70 -6.44 -8.79 42.10
C ALA E 70 -5.20 -9.08 41.27
N ASP E 71 -4.01 -8.84 41.83
CA ASP E 71 -2.79 -9.11 41.08
C ASP E 71 -2.63 -10.61 40.99
N SER E 72 -1.96 -11.05 39.93
CA SER E 72 -1.75 -12.46 39.74
C SER E 72 -0.33 -12.85 40.11
N ALA E 73 -0.17 -14.07 40.61
CA ALA E 73 1.12 -14.57 40.99
C ALA E 73 1.56 -15.35 39.75
N THR E 74 2.81 -15.20 39.37
CA THR E 74 3.33 -15.88 38.21
C THR E 74 4.62 -16.60 38.55
N VAL E 75 4.85 -17.76 37.95
CA VAL E 75 6.05 -18.51 38.21
C VAL E 75 6.34 -19.24 36.93
N SER E 76 7.61 -19.26 36.55
CA SER E 76 8.04 -19.92 35.34
C SER E 76 9.36 -20.68 35.59
N TYR E 77 9.63 -21.74 34.84
CA TYR E 77 10.86 -22.51 35.03
C TYR E 77 11.21 -23.28 33.77
N ASP E 78 12.49 -23.26 33.40
CA ASP E 78 12.95 -23.97 32.20
C ASP E 78 13.14 -25.44 32.51
N VAL E 79 12.42 -26.29 31.80
CA VAL E 79 12.50 -27.72 32.01
C VAL E 79 12.15 -28.50 30.74
N ASP E 80 13.03 -29.41 30.31
CA ASP E 80 12.81 -30.21 29.12
C ASP E 80 12.11 -31.49 29.57
N LEU E 81 10.80 -31.53 29.40
CA LEU E 81 10.01 -32.69 29.80
C LEU E 81 10.36 -34.01 29.16
N ASP E 82 11.06 -33.99 28.03
CA ASP E 82 11.45 -35.23 27.35
C ASP E 82 12.41 -36.02 28.23
N ASN E 83 13.12 -35.31 29.11
CA ASN E 83 14.09 -35.94 30.01
C ASN E 83 13.57 -36.14 31.41
N VAL E 84 12.34 -35.75 31.67
CA VAL E 84 11.81 -35.93 33.01
C VAL E 84 10.63 -36.88 33.10
N LEU E 85 9.75 -36.86 32.09
CA LEU E 85 8.59 -37.72 32.08
C LEU E 85 8.60 -38.80 31.02
N PRO E 86 7.87 -39.90 31.26
CA PRO E 86 7.84 -40.94 30.23
C PRO E 86 6.97 -40.41 29.08
N GLU E 87 7.02 -41.06 27.92
CA GLU E 87 6.25 -40.64 26.75
C GLU E 87 4.74 -40.50 27.01
N TRP E 88 4.17 -41.45 27.75
CA TRP E 88 2.76 -41.48 28.09
C TRP E 88 2.61 -41.18 29.58
N VAL E 89 1.69 -40.30 29.92
CA VAL E 89 1.45 -39.91 31.31
C VAL E 89 -0.02 -39.74 31.56
N ARG E 90 -0.38 -39.37 32.77
CA ARG E 90 -1.77 -39.14 33.12
C ARG E 90 -1.69 -37.77 33.80
N VAL E 91 -2.73 -36.95 33.65
CA VAL E 91 -2.73 -35.63 34.26
C VAL E 91 -3.82 -35.61 35.35
N GLY E 92 -3.60 -34.85 36.42
CA GLY E 92 -4.60 -34.81 37.45
C GLY E 92 -4.44 -33.65 38.40
N LEU E 93 -5.31 -33.63 39.41
CA LEU E 93 -5.29 -32.60 40.42
C LEU E 93 -5.18 -33.33 41.73
N SER E 94 -4.42 -32.77 42.66
CA SER E 94 -4.23 -33.37 43.96
C SER E 94 -4.37 -32.31 45.04
N ALA E 95 -4.65 -32.73 46.25
CA ALA E 95 -4.82 -31.80 47.36
C ALA E 95 -4.69 -32.55 48.68
N SER E 96 -4.35 -31.84 49.74
CA SER E 96 -4.21 -32.47 51.04
C SER E 96 -4.36 -31.49 52.20
N THR E 97 -4.60 -32.04 53.40
CA THR E 97 -4.74 -31.29 54.65
C THR E 97 -3.89 -32.10 55.64
N GLY E 98 -3.48 -31.47 56.74
CA GLY E 98 -2.67 -32.18 57.72
C GLY E 98 -3.21 -31.88 59.10
N LEU E 99 -2.43 -31.16 59.89
CA LEU E 99 -2.84 -30.79 61.23
C LEU E 99 -3.84 -29.65 61.03
N TYR E 100 -3.58 -28.81 60.01
CA TYR E 100 -4.45 -27.68 59.67
C TYR E 100 -5.24 -28.06 58.40
N LYS E 101 -6.43 -27.50 58.22
CA LYS E 101 -7.23 -27.84 57.05
C LYS E 101 -7.73 -26.67 56.21
N GLU E 102 -8.48 -27.01 55.15
CA GLU E 102 -9.06 -26.05 54.21
C GLU E 102 -9.85 -26.90 53.21
N THR E 103 -10.82 -26.31 52.51
CA THR E 103 -11.58 -27.07 51.52
C THR E 103 -10.75 -26.95 50.25
N ASN E 104 -10.72 -28.01 49.44
CA ASN E 104 -9.95 -27.99 48.18
C ASN E 104 -10.95 -28.32 47.10
N THR E 105 -11.87 -27.39 46.90
CA THR E 105 -12.93 -27.51 45.91
C THR E 105 -12.55 -27.04 44.52
N ILE E 106 -12.77 -27.91 43.53
CA ILE E 106 -12.47 -27.63 42.15
C ILE E 106 -13.82 -27.43 41.46
N LEU E 107 -14.03 -26.25 40.87
CA LEU E 107 -15.29 -25.92 40.19
C LEU E 107 -15.29 -26.18 38.71
N SER E 108 -14.10 -26.25 38.11
CA SER E 108 -13.97 -26.51 36.67
C SER E 108 -12.53 -26.91 36.35
N TRP E 109 -12.32 -27.62 35.25
CA TRP E 109 -10.99 -28.05 34.88
C TRP E 109 -10.95 -28.35 33.41
N SER E 110 -9.94 -27.84 32.70
CA SER E 110 -9.82 -28.11 31.28
C SER E 110 -8.37 -28.38 30.97
N PHE E 111 -8.12 -29.17 29.93
CA PHE E 111 -6.76 -29.51 29.55
C PHE E 111 -6.71 -29.72 28.05
N THR E 112 -5.64 -29.24 27.43
CA THR E 112 -5.46 -29.39 25.99
C THR E 112 -4.01 -29.77 25.77
N SER E 113 -3.80 -30.78 24.95
CA SER E 113 -2.46 -31.26 24.65
C SER E 113 -2.37 -31.44 23.14
N LYS E 114 -1.30 -30.94 22.53
CA LYS E 114 -1.10 -31.04 21.07
C LYS E 114 0.29 -31.54 20.72
N LEU E 115 0.36 -32.45 19.75
CA LEU E 115 1.63 -33.01 19.30
C LEU E 115 1.70 -32.87 17.79
N LYS E 116 2.67 -32.12 17.28
CA LYS E 116 2.80 -31.95 15.84
C LYS E 116 4.03 -32.71 15.36
N SER E 117 3.80 -33.75 14.57
CA SER E 117 4.87 -34.57 14.04
C SER E 117 5.31 -34.08 12.66
N ASN E 118 6.31 -34.75 12.08
CA ASN E 118 6.82 -34.39 10.77
C ASN E 118 5.91 -34.73 9.59
N SER E 119 4.84 -33.96 9.44
CA SER E 119 3.85 -34.15 8.37
C SER E 119 2.89 -32.95 8.26
N THR E 120 2.30 -32.76 7.07
CA THR E 120 1.36 -31.66 6.81
C THR E 120 0.13 -31.69 7.70
N HIS E 121 0.01 -30.69 8.57
CA HIS E 121 -1.12 -30.57 9.49
C HIS E 121 -1.28 -31.79 10.40
N GLU E 122 -0.39 -32.78 10.28
CA GLU E 122 -0.49 -33.97 11.12
C GLU E 122 -0.22 -33.67 12.58
N THR E 123 -1.29 -33.29 13.24
CA THR E 123 -1.31 -32.93 14.64
C THR E 123 -2.21 -33.89 15.43
N ASN E 124 -1.72 -34.39 16.54
CA ASN E 124 -2.52 -35.29 17.38
C ASN E 124 -2.93 -34.43 18.56
N ALA E 125 -4.17 -34.54 19.01
CA ALA E 125 -4.57 -33.70 20.13
C ALA E 125 -5.58 -34.37 21.02
N LEU E 126 -5.66 -33.86 22.24
CA LEU E 126 -6.59 -34.37 23.24
C LEU E 126 -7.05 -33.13 23.96
N HIS E 127 -8.33 -33.07 24.28
CA HIS E 127 -8.87 -31.94 24.99
C HIS E 127 -10.11 -32.34 25.75
N PHE E 128 -10.19 -31.95 27.01
CA PHE E 128 -11.36 -32.28 27.81
C PHE E 128 -11.67 -31.03 28.64
N MET E 129 -12.95 -30.81 28.93
CA MET E 129 -13.34 -29.65 29.72
C MET E 129 -14.51 -30.01 30.62
N PHE E 130 -14.33 -29.80 31.91
CA PHE E 130 -15.38 -30.11 32.87
C PHE E 130 -15.78 -28.80 33.53
N ASN E 131 -17.03 -28.39 33.37
CA ASN E 131 -17.50 -27.15 33.98
C ASN E 131 -18.49 -27.53 35.08
N GLN E 132 -18.73 -28.82 35.18
CA GLN E 132 -19.63 -29.40 36.16
C GLN E 132 -19.18 -30.85 36.29
N PHE E 133 -19.18 -31.37 37.50
CA PHE E 133 -18.80 -32.75 37.76
C PHE E 133 -20.04 -33.47 38.26
N SER E 134 -20.27 -34.69 37.79
CA SER E 134 -21.44 -35.42 38.24
C SER E 134 -21.06 -36.40 39.34
N LYS E 135 -22.07 -36.99 39.96
CA LYS E 135 -21.86 -37.95 41.04
C LYS E 135 -21.12 -39.16 40.52
N ASP E 136 -21.38 -39.52 39.26
CA ASP E 136 -20.73 -40.66 38.68
C ASP E 136 -19.94 -40.19 37.48
N GLN E 137 -18.77 -39.64 37.74
CA GLN E 137 -17.89 -39.13 36.70
C GLN E 137 -16.99 -40.27 36.20
N LYS E 138 -17.51 -41.08 35.29
CA LYS E 138 -16.77 -42.21 34.74
C LYS E 138 -15.46 -41.97 34.04
N ASP E 139 -15.19 -40.75 33.60
CA ASP E 139 -13.92 -40.48 32.90
C ASP E 139 -12.85 -39.96 33.86
N LEU E 140 -13.14 -39.99 35.14
CA LEU E 140 -12.18 -39.54 36.14
C LEU E 140 -11.84 -40.69 37.08
N ILE E 141 -10.57 -40.81 37.43
CA ILE E 141 -10.13 -41.85 38.32
C ILE E 141 -9.92 -41.12 39.65
N LEU E 142 -10.84 -41.32 40.60
CA LEU E 142 -10.72 -40.66 41.91
C LEU E 142 -9.90 -41.52 42.87
N GLN E 143 -8.95 -40.91 43.56
CA GLN E 143 -8.11 -41.63 44.50
C GLN E 143 -8.26 -40.95 45.85
N GLY E 144 -7.98 -41.67 46.92
CA GLY E 144 -8.08 -41.11 48.26
C GLY E 144 -9.48 -40.64 48.65
N ASP E 145 -9.56 -39.46 49.25
CA ASP E 145 -10.82 -38.91 49.69
C ASP E 145 -11.58 -38.08 48.67
N ALA E 146 -11.07 -38.01 47.46
CA ALA E 146 -11.72 -37.23 46.40
C ALA E 146 -13.10 -37.74 46.02
N THR E 147 -14.06 -36.83 45.90
CA THR E 147 -15.43 -37.20 45.53
C THR E 147 -16.00 -36.11 44.63
N THR E 148 -16.98 -36.46 43.82
CA THR E 148 -17.63 -35.53 42.90
C THR E 148 -19.13 -35.53 43.19
N GLY E 149 -19.85 -34.56 42.62
CA GLY E 149 -21.29 -34.50 42.82
C GLY E 149 -21.88 -33.48 43.79
N THR E 150 -21.23 -33.22 44.92
CA THR E 150 -21.75 -32.27 45.89
C THR E 150 -21.78 -30.86 45.25
N ASP E 151 -22.96 -30.46 44.76
CA ASP E 151 -23.15 -29.16 44.11
C ASP E 151 -22.52 -29.07 42.73
N GLY E 152 -22.20 -30.22 42.15
CA GLY E 152 -21.60 -30.24 40.83
C GLY E 152 -20.11 -29.98 40.87
N ASN E 153 -19.54 -30.01 42.06
CA ASN E 153 -18.11 -29.78 42.22
C ASN E 153 -17.30 -31.04 42.53
N LEU E 154 -15.98 -30.88 42.54
CA LEU E 154 -15.04 -31.95 42.82
C LEU E 154 -14.36 -31.59 44.14
N GLU E 155 -14.57 -32.40 45.17
CA GLU E 155 -13.96 -32.15 46.46
C GLU E 155 -12.77 -33.06 46.55
N LEU E 156 -11.58 -32.50 46.43
CA LEU E 156 -10.37 -33.29 46.49
C LEU E 156 -10.14 -33.89 47.85
N THR E 157 -10.38 -33.11 48.90
CA THR E 157 -10.20 -33.61 50.24
C THR E 157 -11.53 -33.68 50.97
N ARG E 158 -11.56 -34.48 52.02
CA ARG E 158 -12.72 -34.69 52.86
C ARG E 158 -13.35 -33.44 53.43
N VAL E 159 -14.66 -33.37 53.32
CA VAL E 159 -15.45 -32.25 53.81
C VAL E 159 -16.67 -32.92 54.44
N SER E 160 -17.05 -32.47 55.64
CA SER E 160 -18.21 -33.04 56.32
C SER E 160 -19.54 -32.54 55.77
N SER E 161 -20.60 -33.26 56.08
CA SER E 161 -21.96 -32.94 55.65
C SER E 161 -22.34 -31.48 55.87
N ASN E 162 -21.96 -30.93 57.01
CA ASN E 162 -22.28 -29.55 57.35
C ASN E 162 -21.36 -28.50 56.69
N GLY E 163 -20.49 -28.95 55.78
CA GLY E 163 -19.59 -28.04 55.09
C GLY E 163 -18.22 -27.66 55.62
N SER E 164 -17.71 -28.37 56.62
CA SER E 164 -16.40 -28.02 57.13
C SER E 164 -15.31 -28.99 56.67
N PRO E 165 -14.09 -28.49 56.43
CA PRO E 165 -12.96 -29.32 55.99
C PRO E 165 -12.32 -30.19 57.09
N GLN E 166 -11.88 -31.37 56.72
CA GLN E 166 -11.27 -32.29 57.67
C GLN E 166 -9.75 -32.28 57.55
N GLY E 167 -9.07 -32.55 58.66
CA GLY E 167 -7.62 -32.58 58.68
C GLY E 167 -7.18 -33.95 58.21
N SER E 168 -5.90 -34.10 57.89
CA SER E 168 -5.36 -35.38 57.45
C SER E 168 -6.12 -36.03 56.29
N SER E 169 -6.38 -35.29 55.23
CA SER E 169 -7.09 -35.85 54.11
C SER E 169 -6.27 -35.67 52.83
N VAL E 170 -6.41 -36.60 51.89
CA VAL E 170 -5.69 -36.55 50.60
C VAL E 170 -6.64 -37.08 49.57
N GLY E 171 -6.61 -36.47 48.39
CA GLY E 171 -7.47 -36.89 47.31
C GLY E 171 -6.86 -36.43 46.01
N ARG E 172 -7.11 -37.18 44.96
CA ARG E 172 -6.62 -36.85 43.63
C ARG E 172 -7.68 -37.27 42.63
N ALA E 173 -7.62 -36.70 41.43
CA ALA E 173 -8.56 -37.01 40.39
C ALA E 173 -7.72 -36.94 39.15
N LEU E 174 -7.59 -38.06 38.45
CA LEU E 174 -6.81 -38.10 37.21
C LEU E 174 -7.74 -38.39 36.05
N PHE E 175 -7.43 -37.82 34.89
CA PHE E 175 -8.27 -38.04 33.72
C PHE E 175 -8.02 -39.49 33.34
N TYR E 176 -9.11 -40.19 33.04
CA TYR E 176 -9.04 -41.58 32.66
C TYR E 176 -8.09 -42.00 31.56
N ALA E 177 -8.08 -41.28 30.45
CA ALA E 177 -7.20 -41.67 29.36
C ALA E 177 -5.77 -41.20 29.49
N PRO E 178 -4.81 -42.03 29.09
CA PRO E 178 -3.38 -41.70 29.14
C PRO E 178 -3.16 -40.60 28.10
N VAL E 179 -2.25 -39.69 28.39
CA VAL E 179 -1.95 -38.59 27.47
C VAL E 179 -0.53 -38.79 26.89
N HIS E 180 -0.39 -38.63 25.58
CA HIS E 180 0.91 -38.79 24.94
C HIS E 180 1.52 -37.40 25.03
N ILE E 181 2.25 -37.13 26.11
CA ILE E 181 2.89 -35.83 26.34
C ILE E 181 4.04 -35.37 25.42
N TRP E 182 4.82 -36.30 24.90
CA TRP E 182 5.92 -35.95 24.02
C TRP E 182 6.27 -37.12 23.15
N GLU E 183 7.02 -36.84 22.10
CA GLU E 183 7.43 -37.88 21.18
C GLU E 183 8.69 -37.34 20.52
N SER E 184 9.66 -38.22 20.36
CA SER E 184 10.94 -37.84 19.74
C SER E 184 10.82 -37.20 18.34
N SER E 185 9.78 -37.58 17.57
CA SER E 185 9.52 -37.06 16.21
C SER E 185 8.56 -35.86 16.15
N ALA E 186 8.34 -35.20 17.29
CA ALA E 186 7.43 -34.06 17.32
C ALA E 186 8.14 -32.72 17.11
N VAL E 187 7.66 -31.96 16.12
CA VAL E 187 8.23 -30.65 15.78
C VAL E 187 7.86 -29.71 16.96
N VAL E 188 6.62 -29.81 17.42
CA VAL E 188 6.12 -28.99 18.52
C VAL E 188 5.17 -29.86 19.37
N ALA E 189 5.32 -29.75 20.69
CA ALA E 189 4.51 -30.48 21.66
C ALA E 189 4.10 -29.39 22.68
N SER E 190 2.85 -29.36 23.11
CA SER E 190 2.47 -28.33 24.06
C SER E 190 1.19 -28.70 24.74
N PHE E 191 0.98 -28.15 25.92
CA PHE E 191 -0.23 -28.43 26.68
C PHE E 191 -0.61 -27.19 27.45
N GLU E 192 -1.85 -27.17 27.90
CA GLU E 192 -2.37 -26.04 28.63
C GLU E 192 -3.45 -26.59 29.54
N ALA E 193 -3.46 -26.14 30.79
CA ALA E 193 -4.45 -26.58 31.76
C ALA E 193 -5.02 -25.38 32.46
N THR E 194 -6.27 -25.49 32.89
CA THR E 194 -6.93 -24.39 33.57
C THR E 194 -7.92 -24.97 34.55
N PHE E 195 -8.01 -24.35 35.72
CA PHE E 195 -8.96 -24.82 36.72
C PHE E 195 -9.27 -23.73 37.71
N THR E 196 -10.51 -23.75 38.21
CA THR E 196 -10.94 -22.77 39.18
C THR E 196 -11.14 -23.53 40.48
N PHE E 197 -10.69 -22.93 41.59
CA PHE E 197 -10.81 -23.57 42.89
C PHE E 197 -11.38 -22.63 43.92
N LEU E 198 -11.72 -23.19 45.08
CA LEU E 198 -12.28 -22.46 46.18
C LEU E 198 -11.69 -23.04 47.45
N ILE E 199 -10.78 -22.30 48.04
CA ILE E 199 -10.14 -22.72 49.26
C ILE E 199 -10.77 -21.96 50.41
N LYS E 200 -11.48 -22.68 51.26
CA LYS E 200 -12.14 -22.07 52.42
C LYS E 200 -11.61 -22.76 53.67
N SER E 201 -11.19 -21.96 54.65
CA SER E 201 -10.66 -22.49 55.90
C SER E 201 -11.12 -21.69 57.12
N PRO E 202 -11.64 -22.39 58.14
CA PRO E 202 -12.12 -21.80 59.38
C PRO E 202 -10.96 -21.49 60.32
N ASP E 203 -9.85 -22.22 60.21
CA ASP E 203 -8.69 -21.99 61.05
C ASP E 203 -7.66 -20.92 60.53
N SER E 204 -6.80 -20.44 61.46
CA SER E 204 -5.68 -19.42 61.36
C SER E 204 -4.89 -19.34 60.11
N HIS E 205 -4.33 -20.47 59.89
CA HIS E 205 -3.44 -20.75 58.78
C HIS E 205 -4.03 -21.97 58.08
N PRO E 206 -4.46 -21.77 56.84
CA PRO E 206 -5.03 -22.86 56.05
C PRO E 206 -3.89 -23.80 55.62
N ALA E 207 -4.25 -25.02 55.25
CA ALA E 207 -3.28 -26.03 54.81
C ALA E 207 -4.03 -27.19 54.16
N ASP E 208 -3.40 -27.93 53.25
CA ASP E 208 -2.03 -27.71 52.82
C ASP E 208 -1.83 -27.14 51.40
N GLY E 209 -2.77 -27.41 50.50
CA GLY E 209 -2.64 -26.91 49.15
C GLY E 209 -3.24 -27.81 48.11
N ILE E 210 -3.24 -27.32 46.87
CA ILE E 210 -3.76 -28.05 45.71
C ILE E 210 -2.65 -28.07 44.69
N ALA E 211 -2.65 -29.06 43.80
CA ALA E 211 -1.61 -29.12 42.80
C ALA E 211 -2.08 -29.78 41.55
N PHE E 212 -1.62 -29.25 40.42
CA PHE E 212 -1.97 -29.83 39.15
C PHE E 212 -0.71 -30.64 38.87
N PHE E 213 -0.86 -31.88 38.42
CA PHE E 213 0.33 -32.68 38.17
C PHE E 213 0.20 -33.58 36.95
N ILE E 214 1.35 -34.10 36.52
CA ILE E 214 1.47 -34.97 35.37
C ILE E 214 2.32 -36.10 35.94
N SER E 215 1.96 -37.34 35.67
CA SER E 215 2.72 -38.46 36.21
C SER E 215 2.68 -39.70 35.33
N ASN E 216 3.38 -40.74 35.79
CA ASN E 216 3.44 -42.00 35.08
C ASN E 216 2.00 -42.52 35.19
N ILE E 217 1.55 -43.22 34.16
CA ILE E 217 0.21 -43.78 34.10
C ILE E 217 -0.35 -44.46 35.36
N ASP E 218 0.46 -45.32 35.96
CA ASP E 218 0.08 -46.07 37.16
C ASP E 218 0.26 -45.41 38.53
N SER E 219 0.47 -44.11 38.56
CA SER E 219 0.65 -43.39 39.81
C SER E 219 -0.49 -43.53 40.81
N SER E 220 -0.15 -43.48 42.09
CA SER E 220 -1.14 -43.58 43.14
C SER E 220 -0.63 -42.80 44.35
N ILE E 221 -1.52 -42.47 45.26
CA ILE E 221 -1.17 -41.71 46.47
C ILE E 221 -0.15 -42.47 47.33
N PRO E 222 1.02 -41.85 47.59
CA PRO E 222 2.08 -42.45 48.40
C PRO E 222 1.60 -42.50 49.85
N SER E 223 2.03 -43.50 50.62
CA SER E 223 1.58 -43.55 52.02
C SER E 223 2.17 -42.40 52.83
N GLY E 224 1.36 -41.84 53.72
CA GLY E 224 1.79 -40.74 54.55
C GLY E 224 1.93 -39.42 53.80
N SER E 225 1.38 -39.35 52.58
CA SER E 225 1.48 -38.14 51.79
C SER E 225 0.49 -37.02 52.07
N THR E 226 -0.13 -37.03 53.24
CA THR E 226 -1.07 -35.95 53.56
C THR E 226 -0.14 -34.77 53.91
N GLY E 227 -0.71 -33.70 54.43
CA GLY E 227 0.13 -32.56 54.80
C GLY E 227 0.99 -32.02 53.68
N ARG E 228 2.10 -31.39 54.06
CA ARG E 228 3.05 -30.81 53.12
C ARG E 228 3.36 -31.63 51.90
N LEU E 229 3.14 -32.95 51.96
CA LEU E 229 3.44 -33.79 50.81
C LEU E 229 2.48 -33.69 49.63
N LEU E 230 1.35 -33.04 49.86
CA LEU E 230 0.33 -32.82 48.83
C LEU E 230 -0.22 -34.01 48.07
N GLY E 231 -0.05 -35.20 48.64
CA GLY E 231 -0.53 -36.43 48.02
C GLY E 231 0.26 -36.78 46.78
N LEU E 232 1.45 -36.21 46.63
CA LEU E 232 2.27 -36.47 45.46
C LEU E 232 3.62 -37.09 45.74
N PHE E 233 4.22 -36.76 46.88
CA PHE E 233 5.52 -37.29 47.22
C PHE E 233 5.57 -38.21 48.41
N PRO E 234 6.45 -39.24 48.37
CA PRO E 234 6.65 -40.23 49.43
C PRO E 234 7.42 -39.69 50.65
N ASP E 235 8.31 -38.74 50.38
CA ASP E 235 9.13 -38.11 51.41
C ASP E 235 9.38 -36.64 51.03
N ALA E 236 10.05 -35.90 51.91
CA ALA E 236 10.35 -34.49 51.68
C ALA E 236 11.70 -34.26 51.02
N ASN E 237 12.21 -35.28 50.35
CA ASN E 237 13.49 -35.19 49.69
C ASN E 237 13.49 -34.21 48.56
N ALA F 1 -25.40 -58.60 24.85
CA ALA F 1 -26.57 -57.67 24.89
C ALA F 1 -26.10 -56.22 24.78
N ASP F 2 -25.05 -55.99 23.99
CA ASP F 2 -24.51 -54.66 23.79
C ASP F 2 -25.52 -53.77 23.08
N THR F 3 -25.44 -52.46 23.31
CA THR F 3 -26.33 -51.50 22.67
C THR F 3 -25.44 -50.89 21.60
N ILE F 4 -25.79 -51.05 20.33
CA ILE F 4 -24.95 -50.48 19.28
C ILE F 4 -25.67 -49.51 18.37
N VAL F 5 -24.98 -48.42 18.05
CA VAL F 5 -25.51 -47.39 17.16
C VAL F 5 -24.27 -47.22 16.29
N ALA F 6 -24.39 -47.52 14.99
CA ALA F 6 -23.25 -47.40 14.10
C ALA F 6 -23.59 -46.87 12.72
N VAL F 7 -22.56 -46.43 12.03
CA VAL F 7 -22.68 -45.92 10.69
C VAL F 7 -21.72 -46.83 9.96
N GLU F 8 -22.27 -47.65 9.07
CA GLU F 8 -21.48 -48.60 8.31
C GLU F 8 -21.15 -48.21 6.89
N LEU F 9 -19.93 -48.55 6.48
CA LEU F 9 -19.44 -48.29 5.14
C LEU F 9 -19.38 -49.75 4.69
N ASP F 10 -20.54 -50.25 4.26
CA ASP F 10 -20.74 -51.62 3.78
C ASP F 10 -20.26 -51.86 2.36
N THR F 11 -19.17 -52.60 2.21
CA THR F 11 -18.63 -52.88 0.89
C THR F 11 -19.19 -54.13 0.18
N TYR F 12 -19.67 -55.09 0.95
CA TYR F 12 -20.22 -56.31 0.36
C TYR F 12 -21.71 -56.43 0.59
N PRO F 13 -22.47 -56.49 -0.50
CA PRO F 13 -23.92 -56.62 -0.35
C PRO F 13 -24.40 -58.04 0.01
N ASN F 14 -25.16 -58.13 1.09
CA ASN F 14 -25.70 -59.39 1.59
C ASN F 14 -27.23 -59.26 1.57
N THR F 15 -27.81 -59.36 0.37
CA THR F 15 -29.24 -59.26 0.17
C THR F 15 -30.05 -60.20 1.07
N ASP F 16 -29.52 -61.39 1.33
CA ASP F 16 -30.20 -62.37 2.17
C ASP F 16 -30.52 -61.84 3.59
N ILE F 17 -29.87 -60.74 3.99
CA ILE F 17 -30.12 -60.15 5.32
C ILE F 17 -30.60 -58.69 5.26
N GLY F 18 -31.05 -58.26 4.08
CA GLY F 18 -31.55 -56.89 3.93
C GLY F 18 -30.69 -55.87 3.21
N ASP F 19 -29.48 -56.24 2.82
CA ASP F 19 -28.59 -55.31 2.12
C ASP F 19 -29.06 -54.94 0.73
N PRO F 20 -28.80 -53.69 0.30
CA PRO F 20 -29.22 -53.32 -1.05
C PRO F 20 -28.22 -54.07 -1.96
N SER F 21 -28.58 -54.22 -3.22
CA SER F 21 -27.72 -54.92 -4.18
C SER F 21 -26.54 -54.07 -4.67
N TYR F 22 -25.87 -53.37 -3.75
CA TYR F 22 -24.72 -52.52 -4.10
C TYR F 22 -23.99 -52.01 -2.84
N PRO F 23 -22.69 -51.62 -2.98
CA PRO F 23 -21.96 -51.10 -1.82
C PRO F 23 -22.75 -49.88 -1.32
N HIS F 24 -22.88 -49.74 -0.01
CA HIS F 24 -23.64 -48.62 0.54
C HIS F 24 -23.16 -48.21 1.91
N ILE F 25 -23.74 -47.12 2.41
CA ILE F 25 -23.42 -46.59 3.73
C ILE F 25 -24.77 -46.71 4.43
N GLY F 26 -24.79 -47.00 5.72
CA GLY F 26 -26.06 -47.12 6.40
C GLY F 26 -26.00 -46.79 7.88
N ILE F 27 -27.17 -46.51 8.46
CA ILE F 27 -27.28 -46.17 9.85
C ILE F 27 -27.96 -47.35 10.55
N ASP F 28 -27.21 -48.02 11.41
CA ASP F 28 -27.73 -49.18 12.13
C ASP F 28 -28.04 -48.85 13.57
N ILE F 29 -29.26 -49.15 14.00
CA ILE F 29 -29.62 -48.88 15.38
C ILE F 29 -29.97 -50.22 15.99
N LYS F 30 -29.03 -50.77 16.76
CA LYS F 30 -29.20 -52.06 17.43
C LYS F 30 -29.41 -53.26 16.51
N SER F 31 -29.16 -53.08 15.22
CA SER F 31 -29.33 -54.17 14.26
C SER F 31 -28.49 -53.93 13.03
N VAL F 32 -27.98 -55.01 12.43
CA VAL F 32 -27.16 -54.92 11.24
C VAL F 32 -28.00 -54.50 10.03
N ARG F 33 -29.32 -54.66 10.16
CA ARG F 33 -30.23 -54.30 9.08
C ARG F 33 -30.46 -52.79 9.21
N SER F 34 -29.65 -52.03 8.47
CA SER F 34 -29.68 -50.56 8.45
C SER F 34 -31.05 -49.95 8.37
N LYS F 35 -31.38 -49.03 9.29
CA LYS F 35 -32.69 -48.38 9.26
C LYS F 35 -32.80 -47.44 8.04
N LYS F 36 -31.67 -47.14 7.41
CA LYS F 36 -31.64 -46.26 6.25
C LYS F 36 -30.29 -46.43 5.55
N THR F 37 -30.28 -46.45 4.22
CA THR F 37 -29.03 -46.61 3.49
C THR F 37 -28.98 -45.67 2.28
N ALA F 38 -27.82 -45.65 1.60
CA ALA F 38 -27.62 -44.81 0.44
C ALA F 38 -26.53 -45.44 -0.41
N LYS F 39 -26.73 -45.44 -1.72
CA LYS F 39 -25.75 -46.02 -2.63
C LYS F 39 -24.41 -45.36 -2.44
N TRP F 40 -23.36 -46.17 -2.39
CA TRP F 40 -22.00 -45.68 -2.21
C TRP F 40 -21.05 -46.21 -3.28
N ASN F 41 -20.48 -45.28 -4.05
CA ASN F 41 -19.55 -45.66 -5.11
C ASN F 41 -18.15 -45.84 -4.56
N MET F 42 -17.94 -46.96 -3.87
CA MET F 42 -16.67 -47.28 -3.27
C MET F 42 -15.53 -47.33 -4.30
N GLN F 43 -14.41 -46.69 -3.98
CA GLN F 43 -13.27 -46.68 -4.89
C GLN F 43 -12.07 -47.44 -4.35
N ASN F 44 -11.96 -48.69 -4.81
CA ASN F 44 -10.88 -49.60 -4.44
C ASN F 44 -9.50 -48.95 -4.62
N GLY F 45 -8.70 -48.99 -3.55
CA GLY F 45 -7.36 -48.43 -3.59
C GLY F 45 -7.24 -46.95 -3.30
N LYS F 46 -8.35 -46.26 -3.08
CA LYS F 46 -8.27 -44.83 -2.79
C LYS F 46 -8.68 -44.45 -1.39
N VAL F 47 -8.02 -43.39 -0.89
CA VAL F 47 -8.25 -42.84 0.44
C VAL F 47 -9.54 -42.02 0.45
N GLY F 48 -10.48 -42.43 1.30
CA GLY F 48 -11.74 -41.71 1.40
C GLY F 48 -11.89 -41.05 2.75
N THR F 49 -12.96 -40.27 2.90
CA THR F 49 -13.21 -39.59 4.14
C THR F 49 -14.66 -39.76 4.56
N ALA F 50 -14.86 -40.12 5.82
CA ALA F 50 -16.20 -40.31 6.35
C ALA F 50 -16.37 -39.19 7.40
N HIS F 51 -17.56 -38.62 7.47
CA HIS F 51 -17.85 -37.56 8.42
C HIS F 51 -19.23 -37.84 9.01
N ILE F 52 -19.31 -38.01 10.33
CA ILE F 52 -20.57 -38.28 11.01
C ILE F 52 -20.87 -37.09 11.93
N ILE F 53 -22.15 -36.70 12.02
CA ILE F 53 -22.56 -35.58 12.87
C ILE F 53 -23.90 -35.91 13.47
N TYR F 54 -24.20 -35.26 14.59
CA TYR F 54 -25.44 -35.47 15.29
C TYR F 54 -25.58 -34.36 16.32
N ASN F 55 -26.82 -33.97 16.60
CA ASN F 55 -27.08 -32.92 17.58
C ASN F 55 -28.47 -33.18 18.17
N SER F 56 -28.62 -32.92 19.46
CA SER F 56 -29.88 -33.13 20.16
C SER F 56 -31.04 -32.22 19.78
N VAL F 57 -30.76 -31.11 19.09
CA VAL F 57 -31.83 -30.20 18.69
C VAL F 57 -32.61 -30.86 17.56
N ASP F 58 -31.91 -31.30 16.53
CA ASP F 58 -32.53 -31.95 15.39
C ASP F 58 -32.76 -33.42 15.62
N LYS F 59 -31.97 -34.02 16.51
CA LYS F 59 -32.08 -35.44 16.81
C LYS F 59 -31.98 -36.16 15.46
N ARG F 60 -30.97 -35.78 14.69
CA ARG F 60 -30.75 -36.37 13.39
C ARG F 60 -29.29 -36.77 13.25
N LEU F 61 -29.06 -38.04 12.92
CA LEU F 61 -27.71 -38.59 12.76
C LEU F 61 -27.46 -38.65 11.26
N SER F 62 -26.41 -37.98 10.80
CA SER F 62 -26.08 -37.97 9.37
C SER F 62 -24.64 -38.33 9.09
N ALA F 63 -24.39 -38.82 7.89
CA ALA F 63 -23.05 -39.20 7.50
C ALA F 63 -22.83 -38.90 6.03
N VAL F 64 -21.61 -38.55 5.69
CA VAL F 64 -21.23 -38.22 4.33
C VAL F 64 -19.91 -38.94 4.12
N VAL F 65 -19.80 -39.64 3.00
CA VAL F 65 -18.57 -40.37 2.70
C VAL F 65 -18.17 -39.84 1.34
N SER F 66 -16.89 -39.58 1.12
CA SER F 66 -16.47 -39.08 -0.17
C SER F 66 -15.01 -39.30 -0.48
N TYR F 67 -14.68 -39.17 -1.76
CA TYR F 67 -13.33 -39.35 -2.26
C TYR F 67 -13.02 -38.02 -2.97
N PRO F 68 -11.76 -37.57 -2.98
CA PRO F 68 -11.39 -36.31 -3.65
C PRO F 68 -11.88 -36.30 -5.09
N ASN F 69 -12.48 -35.19 -5.51
CA ASN F 69 -13.00 -35.02 -6.88
C ASN F 69 -14.01 -36.12 -7.31
N ALA F 70 -14.97 -36.42 -6.43
CA ALA F 70 -16.00 -37.42 -6.70
C ALA F 70 -17.22 -37.07 -5.87
N ASP F 71 -18.38 -37.56 -6.31
CA ASP F 71 -19.62 -37.27 -5.58
C ASP F 71 -19.59 -37.98 -4.24
N SER F 72 -20.27 -37.37 -3.27
CA SER F 72 -20.33 -37.92 -1.95
C SER F 72 -21.67 -38.61 -1.73
N ALA F 73 -21.64 -39.64 -0.90
CA ALA F 73 -22.85 -40.40 -0.56
C ALA F 73 -23.31 -39.79 0.76
N THR F 74 -24.60 -39.65 0.94
CA THR F 74 -25.12 -39.08 2.15
C THR F 74 -26.28 -39.89 2.68
N VAL F 75 -26.38 -40.01 3.99
CA VAL F 75 -27.46 -40.75 4.61
C VAL F 75 -27.76 -40.05 5.95
N SER F 76 -29.03 -39.95 6.29
CA SER F 76 -29.47 -39.32 7.53
C SER F 76 -30.62 -40.13 8.08
N TYR F 77 -30.90 -39.99 9.37
CA TYR F 77 -31.97 -40.73 10.01
C TYR F 77 -32.34 -40.06 11.33
N ASP F 78 -33.63 -39.90 11.56
CA ASP F 78 -34.07 -39.26 12.79
C ASP F 78 -34.06 -40.28 13.91
N VAL F 79 -33.27 -40.02 14.94
CA VAL F 79 -33.16 -40.91 16.08
C VAL F 79 -32.82 -40.16 17.36
N ASP F 80 -33.65 -40.34 18.38
CA ASP F 80 -33.38 -39.67 19.63
C ASP F 80 -32.49 -40.63 20.42
N LEU F 81 -31.20 -40.33 20.46
CA LEU F 81 -30.23 -41.17 21.18
C LEU F 81 -30.44 -41.29 22.68
N ASP F 82 -31.21 -40.38 23.27
CA ASP F 82 -31.47 -40.44 24.71
C ASP F 82 -32.20 -41.74 25.00
N ASN F 83 -32.97 -42.21 24.02
CA ASN F 83 -33.73 -43.44 24.18
C ASN F 83 -33.08 -44.68 23.63
N VAL F 84 -31.89 -44.56 23.06
CA VAL F 84 -31.21 -45.73 22.51
C VAL F 84 -29.93 -46.09 23.28
N LEU F 85 -29.13 -45.06 23.55
CA LEU F 85 -27.86 -45.25 24.26
C LEU F 85 -27.84 -44.90 25.73
N PRO F 86 -26.99 -45.61 26.50
CA PRO F 86 -26.91 -45.29 27.93
C PRO F 86 -26.17 -43.94 28.01
N GLU F 87 -26.30 -43.26 29.15
CA GLU F 87 -25.68 -41.97 29.35
C GLU F 87 -24.19 -41.92 29.02
N TRP F 88 -23.45 -42.95 29.42
CA TRP F 88 -22.01 -43.06 29.18
C TRP F 88 -21.77 -44.16 28.16
N VAL F 89 -20.94 -43.88 27.16
CA VAL F 89 -20.64 -44.86 26.13
C VAL F 89 -19.17 -44.80 25.73
N ARG F 90 -18.77 -45.63 24.76
CA ARG F 90 -17.40 -45.64 24.27
C ARG F 90 -17.62 -45.56 22.78
N VAL F 91 -16.71 -44.88 22.08
CA VAL F 91 -16.82 -44.72 20.63
C VAL F 91 -15.68 -45.45 19.98
N GLY F 92 -15.91 -45.98 18.79
CA GLY F 92 -14.83 -46.69 18.13
C GLY F 92 -15.05 -46.98 16.67
N LEU F 93 -14.12 -47.73 16.12
CA LEU F 93 -14.16 -48.11 14.74
C LEU F 93 -14.11 -49.62 14.69
N SER F 94 -14.86 -50.20 13.76
CA SER F 94 -14.90 -51.64 13.61
C SER F 94 -14.80 -52.02 12.15
N ALA F 95 -14.32 -53.23 11.88
CA ALA F 95 -14.16 -53.70 10.50
C ALA F 95 -14.05 -55.21 10.46
N SER F 96 -14.41 -55.81 9.33
CA SER F 96 -14.34 -57.26 9.20
C SER F 96 -14.22 -57.74 7.76
N THR F 97 -13.87 -59.00 7.61
CA THR F 97 -13.72 -59.65 6.32
C THR F 97 -14.36 -61.02 6.51
N GLY F 98 -14.69 -61.67 5.39
CA GLY F 98 -15.29 -62.99 5.47
C GLY F 98 -14.54 -63.86 4.48
N LEU F 99 -15.29 -64.46 3.56
CA LEU F 99 -14.72 -65.32 2.54
C LEU F 99 -13.84 -64.37 1.70
N TYR F 100 -14.38 -63.20 1.40
CA TYR F 100 -13.66 -62.22 0.62
C TYR F 100 -13.03 -61.25 1.59
N LYS F 101 -12.01 -60.54 1.14
CA LYS F 101 -11.33 -59.59 2.00
C LYS F 101 -11.06 -58.24 1.36
N GLU F 102 -10.41 -57.38 2.15
CA GLU F 102 -10.03 -56.02 1.78
C GLU F 102 -9.26 -55.51 2.99
N THR F 103 -8.46 -54.48 2.78
CA THR F 103 -7.71 -53.90 3.88
C THR F 103 -8.66 -52.86 4.47
N ASN F 104 -8.65 -52.73 5.79
CA ASN F 104 -9.51 -51.76 6.47
C ASN F 104 -8.59 -50.82 7.25
N THR F 105 -7.76 -50.12 6.50
CA THR F 105 -6.79 -49.17 7.04
C THR F 105 -7.40 -47.81 7.40
N ILE F 106 -7.14 -47.36 8.63
CA ILE F 106 -7.65 -46.06 9.10
C ILE F 106 -6.41 -45.18 9.16
N LEU F 107 -6.41 -44.07 8.40
CA LEU F 107 -5.27 -43.16 8.38
C LEU F 107 -5.35 -41.97 9.36
N SER F 108 -6.55 -41.67 9.82
CA SER F 108 -6.76 -40.57 10.76
C SER F 108 -8.15 -40.71 11.37
N TRP F 109 -8.33 -40.20 12.58
CA TRP F 109 -9.62 -40.29 13.23
C TRP F 109 -9.73 -39.19 14.28
N SER F 110 -10.86 -38.49 14.31
CA SER F 110 -11.04 -37.44 15.28
C SER F 110 -12.47 -37.53 15.74
N PHE F 111 -12.72 -37.03 16.93
CA PHE F 111 -14.05 -37.06 17.52
C PHE F 111 -14.20 -35.88 18.48
N THR F 112 -15.37 -35.28 18.49
CA THR F 112 -15.64 -34.14 19.36
C THR F 112 -17.04 -34.32 19.91
N SER F 113 -17.16 -34.19 21.22
CA SER F 113 -18.43 -34.34 21.90
C SER F 113 -18.60 -33.14 22.81
N LYS F 114 -19.77 -32.51 22.77
CA LYS F 114 -20.07 -31.34 23.59
C LYS F 114 -21.41 -31.47 24.29
N LEU F 115 -21.47 -31.04 25.55
CA LEU F 115 -22.69 -31.11 26.34
C LEU F 115 -22.91 -29.76 26.99
N LYS F 116 -24.02 -29.11 26.68
CA LYS F 116 -24.29 -27.81 27.27
C LYS F 116 -25.43 -27.92 28.24
N SER F 117 -25.19 -27.61 29.51
CA SER F 117 -26.25 -27.70 30.52
C SER F 117 -26.92 -26.35 30.81
N ASN F 118 -27.82 -26.36 31.79
CA ASN F 118 -28.56 -25.17 32.21
C ASN F 118 -27.70 -24.22 33.05
N SER F 119 -26.66 -23.68 32.41
CA SER F 119 -25.74 -22.76 33.08
C SER F 119 -24.99 -21.91 32.06
N THR F 120 -24.40 -20.82 32.53
CA THR F 120 -23.63 -19.90 31.70
C THR F 120 -22.29 -20.46 31.21
N HIS F 121 -22.22 -20.78 29.92
CA HIS F 121 -21.01 -21.31 29.32
C HIS F 121 -20.51 -22.61 29.95
N GLU F 122 -21.32 -23.24 30.82
CA GLU F 122 -20.92 -24.49 31.48
C GLU F 122 -21.12 -25.67 30.54
N THR F 123 -20.25 -25.70 29.54
CA THR F 123 -20.19 -26.71 28.49
C THR F 123 -19.12 -27.76 28.84
N ASN F 124 -19.47 -29.04 28.74
CA ASN F 124 -18.49 -30.09 29.01
C ASN F 124 -18.12 -30.58 27.64
N ALA F 125 -16.84 -30.87 27.40
CA ALA F 125 -16.44 -31.34 26.09
C ALA F 125 -15.28 -32.31 26.11
N LEU F 126 -15.20 -33.12 25.06
CA LEU F 126 -14.14 -34.10 24.92
C LEU F 126 -13.77 -34.08 23.46
N HIS F 127 -12.48 -34.07 23.17
CA HIS F 127 -12.00 -34.05 21.80
C HIS F 127 -10.67 -34.74 21.69
N PHE F 128 -10.54 -35.57 20.67
CA PHE F 128 -9.30 -36.28 20.42
C PHE F 128 -9.09 -36.30 18.92
N MET F 129 -7.84 -36.26 18.50
CA MET F 129 -7.54 -36.28 17.09
C MET F 129 -6.25 -37.05 16.85
N PHE F 130 -6.35 -38.11 16.06
CA PHE F 130 -5.22 -38.96 15.71
C PHE F 130 -4.94 -38.79 14.22
N ASN F 131 -3.76 -38.32 13.87
CA ASN F 131 -3.38 -38.14 12.48
C ASN F 131 -2.24 -39.09 12.19
N GLN F 132 -1.80 -39.77 13.24
CA GLN F 132 -0.71 -40.74 13.18
C GLN F 132 -0.95 -41.68 14.35
N PHE F 133 -0.73 -42.97 14.15
CA PHE F 133 -0.92 -43.94 15.22
C PHE F 133 0.45 -44.56 15.50
N SER F 134 0.79 -44.74 16.77
CA SER F 134 2.08 -45.33 17.12
C SER F 134 1.89 -46.80 17.51
N LYS F 135 3.00 -47.52 17.51
CA LYS F 135 3.01 -48.93 17.85
C LYS F 135 2.37 -49.21 19.19
N ASP F 136 2.57 -48.29 20.14
CA ASP F 136 2.02 -48.43 21.48
C ASP F 136 1.15 -47.21 21.72
N GLN F 137 -0.10 -47.32 21.26
CA GLN F 137 -1.11 -46.28 21.38
C GLN F 137 -1.92 -46.54 22.66
N LYS F 138 -1.36 -46.18 23.81
CA LYS F 138 -2.02 -46.38 25.10
C LYS F 138 -3.41 -45.80 25.33
N ASP F 139 -3.86 -44.90 24.48
CA ASP F 139 -5.20 -44.32 24.66
C ASP F 139 -6.28 -45.03 23.84
N LEU F 140 -5.91 -46.12 23.18
CA LEU F 140 -6.84 -46.91 22.37
C LEU F 140 -6.93 -48.33 22.89
N ILE F 141 -8.14 -48.87 22.91
CA ILE F 141 -8.35 -50.23 23.37
C ILE F 141 -8.50 -51.02 22.07
N LEU F 142 -7.51 -51.84 21.74
CA LEU F 142 -7.58 -52.63 20.50
C LEU F 142 -8.21 -54.00 20.78
N GLN F 143 -9.18 -54.38 19.96
CA GLN F 143 -9.85 -55.67 20.13
C GLN F 143 -9.69 -56.47 18.83
N GLY F 144 -9.73 -57.79 18.95
CA GLY F 144 -9.59 -58.63 17.77
C GLY F 144 -8.23 -58.55 17.10
N ASP F 145 -8.23 -58.44 15.77
CA ASP F 145 -7.00 -58.38 14.97
C ASP F 145 -6.51 -56.98 14.69
N ALA F 146 -7.10 -55.99 15.39
CA ALA F 146 -6.71 -54.58 15.21
C ALA F 146 -5.31 -54.31 15.71
N THR F 147 -4.51 -53.63 14.89
CA THR F 147 -3.13 -53.30 15.24
C THR F 147 -2.74 -51.90 14.73
N THR F 148 -1.80 -51.26 15.42
CA THR F 148 -1.34 -49.92 15.04
C THR F 148 0.15 -49.97 14.80
N GLY F 149 0.71 -48.88 14.29
CA GLY F 149 2.15 -48.82 14.04
C GLY F 149 2.61 -49.05 12.61
N THR F 150 1.85 -49.83 11.87
CA THR F 150 2.17 -50.13 10.48
C THR F 150 2.14 -48.83 9.63
N ASP F 151 3.29 -48.19 9.48
CA ASP F 151 3.42 -46.94 8.71
C ASP F 151 2.68 -45.79 9.37
N GLY F 152 2.37 -45.95 10.65
CA GLY F 152 1.66 -44.91 11.38
C GLY F 152 0.16 -45.01 11.19
N ASN F 153 -0.32 -46.16 10.68
CA ASN F 153 -1.75 -46.37 10.45
C ASN F 153 -2.33 -47.39 11.39
N LEU F 154 -3.65 -47.47 11.38
CA LEU F 154 -4.41 -48.40 12.21
C LEU F 154 -5.05 -49.46 11.29
N GLU F 155 -4.60 -50.70 11.42
CA GLU F 155 -5.13 -51.78 10.61
C GLU F 155 -6.20 -52.49 11.44
N LEU F 156 -7.46 -52.25 11.10
CA LEU F 156 -8.57 -52.86 11.82
C LEU F 156 -8.62 -54.36 11.66
N THR F 157 -8.32 -54.85 10.45
CA THR F 157 -8.34 -56.29 10.18
C THR F 157 -6.94 -56.75 9.77
N ARG F 158 -6.65 -58.03 10.01
CA ARG F 158 -5.36 -58.63 9.68
C ARG F 158 -4.92 -58.50 8.22
N VAL F 159 -3.68 -58.01 8.08
CA VAL F 159 -3.02 -57.80 6.80
C VAL F 159 -1.68 -58.52 6.95
N SER F 160 -1.35 -59.34 5.98
CA SER F 160 -0.09 -60.10 6.00
C SER F 160 1.15 -59.20 5.87
N SER F 161 2.31 -59.80 6.11
CA SER F 161 3.60 -59.10 6.05
C SER F 161 3.87 -58.40 4.72
N ASN F 162 3.36 -58.98 3.63
CA ASN F 162 3.54 -58.40 2.31
C ASN F 162 2.46 -57.35 2.00
N GLY F 163 1.46 -57.25 2.88
CA GLY F 163 0.40 -56.28 2.69
C GLY F 163 -0.96 -56.79 2.19
N SER F 164 -1.06 -58.04 1.75
CA SER F 164 -2.35 -58.53 1.28
C SER F 164 -3.27 -58.79 2.45
N PRO F 165 -4.56 -58.40 2.32
CA PRO F 165 -5.57 -58.59 3.37
C PRO F 165 -5.94 -60.05 3.57
N GLN F 166 -6.36 -60.40 4.79
CA GLN F 166 -6.75 -61.76 5.14
C GLN F 166 -8.25 -61.87 5.33
N GLY F 167 -8.81 -63.02 5.02
CA GLY F 167 -10.25 -63.19 5.19
C GLY F 167 -10.49 -63.61 6.63
N SER F 168 -11.76 -63.79 7.01
CA SER F 168 -12.13 -64.18 8.38
C SER F 168 -11.40 -63.36 9.45
N SER F 169 -11.53 -62.03 9.38
CA SER F 169 -10.86 -61.17 10.36
C SER F 169 -11.78 -60.08 10.94
N VAL F 170 -11.60 -59.78 12.22
CA VAL F 170 -12.40 -58.77 12.90
C VAL F 170 -11.49 -57.95 13.79
N GLY F 171 -11.75 -56.66 13.87
CA GLY F 171 -10.94 -55.79 14.70
C GLY F 171 -11.72 -54.54 15.04
N ARG F 172 -11.41 -53.96 16.19
CA ARG F 172 -12.06 -52.75 16.65
C ARG F 172 -11.02 -51.97 17.44
N ALA F 173 -11.27 -50.68 17.56
CA ALA F 173 -10.37 -49.80 18.30
C ALA F 173 -11.35 -48.83 18.92
N LEU F 174 -11.33 -48.77 20.25
CA LEU F 174 -12.22 -47.87 20.97
C LEU F 174 -11.38 -46.88 21.75
N PHE F 175 -11.84 -45.65 21.86
CA PHE F 175 -11.09 -44.66 22.60
C PHE F 175 -11.17 -45.12 24.04
N TYR F 176 -10.04 -45.06 24.73
CA TYR F 176 -9.93 -45.47 26.11
C TYR F 176 -10.91 -44.84 27.09
N ALA F 177 -11.08 -43.53 27.05
CA ALA F 177 -12.01 -42.91 27.98
C ALA F 177 -13.47 -42.98 27.59
N PRO F 178 -14.35 -43.19 28.58
CA PRO F 178 -15.80 -43.27 28.40
C PRO F 178 -16.23 -41.86 28.00
N VAL F 179 -17.25 -41.76 27.16
CA VAL F 179 -17.76 -40.47 26.71
C VAL F 179 -19.16 -40.26 27.26
N HIS F 180 -19.44 -39.07 27.79
CA HIS F 180 -20.76 -38.75 28.35
C HIS F 180 -21.55 -38.20 27.16
N ILE F 181 -22.19 -39.10 26.42
CA ILE F 181 -22.96 -38.76 25.24
C ILE F 181 -24.24 -37.93 25.37
N TRP F 182 -24.88 -37.94 26.54
CA TRP F 182 -26.11 -37.16 26.72
C TRP F 182 -26.39 -37.04 28.19
N GLU F 183 -27.29 -36.13 28.53
CA GLU F 183 -27.66 -35.92 29.91
C GLU F 183 -29.02 -35.27 29.92
N SER F 184 -29.88 -35.72 30.82
CA SER F 184 -31.23 -35.17 30.92
C SER F 184 -31.28 -33.65 31.11
N SER F 185 -30.25 -33.08 31.73
CA SER F 185 -30.18 -31.63 31.98
C SER F 185 -29.46 -30.86 30.88
N ALA F 186 -29.18 -31.50 29.76
CA ALA F 186 -28.49 -30.81 28.68
C ALA F 186 -29.37 -30.06 27.70
N VAL F 187 -29.10 -28.77 27.53
CA VAL F 187 -29.86 -27.94 26.62
C VAL F 187 -29.52 -28.39 25.19
N VAL F 188 -28.24 -28.67 24.95
CA VAL F 188 -27.74 -29.12 23.65
C VAL F 188 -26.62 -30.13 23.88
N ALA F 189 -26.64 -31.21 23.12
CA ALA F 189 -25.64 -32.27 23.19
C ALA F 189 -25.35 -32.54 21.72
N SER F 190 -24.08 -32.72 21.37
CA SER F 190 -23.78 -32.97 19.98
C SER F 190 -22.42 -33.61 19.86
N PHE F 191 -22.17 -34.24 18.72
CA PHE F 191 -20.90 -34.89 18.50
C PHE F 191 -20.59 -34.88 17.02
N GLU F 192 -19.33 -35.11 16.71
CA GLU F 192 -18.88 -35.11 15.34
C GLU F 192 -17.67 -36.03 15.29
N ALA F 193 -17.62 -36.87 14.26
CA ALA F 193 -16.51 -37.79 14.09
C ALA F 193 -16.07 -37.70 12.64
N THR F 194 -14.79 -37.91 12.39
CA THR F 194 -14.25 -37.87 11.04
C THR F 194 -13.10 -38.85 10.96
N PHE F 195 -13.03 -39.59 9.87
CA PHE F 195 -11.93 -40.54 9.71
C PHE F 195 -11.67 -40.83 8.25
N THR F 196 -10.41 -41.04 7.92
CA THR F 196 -10.02 -41.34 6.56
C THR F 196 -9.59 -42.79 6.54
N PHE F 197 -10.04 -43.48 5.49
CA PHE F 197 -9.74 -44.90 5.34
C PHE F 197 -9.20 -45.23 3.97
N LEU F 198 -8.65 -46.44 3.87
CA LEU F 198 -8.09 -46.95 2.63
C LEU F 198 -8.51 -48.40 2.50
N ILE F 199 -9.48 -48.65 1.63
CA ILE F 199 -9.97 -50.01 1.41
C ILE F 199 -9.36 -50.50 0.10
N LYS F 200 -8.50 -51.50 0.20
CA LYS F 200 -7.84 -52.07 -0.96
C LYS F 200 -8.16 -53.56 -0.99
N SER F 201 -8.57 -54.04 -2.15
CA SER F 201 -8.91 -55.44 -2.30
C SER F 201 -8.37 -56.00 -3.60
N PRO F 202 -7.52 -57.04 -3.51
CA PRO F 202 -6.92 -57.68 -4.69
C PRO F 202 -7.96 -58.57 -5.37
N ASP F 203 -8.88 -59.11 -4.56
CA ASP F 203 -9.90 -59.98 -5.11
C ASP F 203 -11.08 -59.24 -5.74
N SER F 204 -11.91 -60.05 -6.36
CA SER F 204 -13.10 -59.61 -7.06
C SER F 204 -13.95 -58.50 -6.42
N HIS F 205 -14.90 -58.93 -5.60
CA HIS F 205 -15.79 -58.02 -4.92
C HIS F 205 -15.26 -58.00 -3.45
N PRO F 206 -14.86 -56.80 -2.95
CA PRO F 206 -14.33 -56.56 -1.59
C PRO F 206 -15.36 -56.84 -0.50
N ALA F 207 -14.89 -57.11 0.71
CA ALA F 207 -15.78 -57.40 1.84
C ALA F 207 -14.91 -57.30 3.10
N ASP F 208 -15.52 -56.96 4.26
CA ASP F 208 -16.95 -56.68 4.40
C ASP F 208 -17.36 -55.23 4.65
N GLY F 209 -16.48 -54.46 5.28
CA GLY F 209 -16.82 -53.07 5.55
C GLY F 209 -16.19 -52.53 6.82
N ILE F 210 -16.37 -51.23 7.03
CA ILE F 210 -15.84 -50.53 8.19
C ILE F 210 -17.04 -49.85 8.83
N ALA F 211 -16.97 -49.60 10.12
CA ALA F 211 -18.10 -48.93 10.78
C ALA F 211 -17.65 -48.11 11.98
N PHE F 212 -18.24 -46.93 12.14
CA PHE F 212 -17.91 -46.08 13.25
C PHE F 212 -19.06 -46.42 14.16
N PHE F 213 -18.80 -46.69 15.42
CA PHE F 213 -19.90 -47.02 16.32
C PHE F 213 -19.79 -46.42 17.70
N ILE F 214 -20.89 -46.48 18.42
CA ILE F 214 -21.00 -45.97 19.79
C ILE F 214 -21.65 -47.11 20.55
N SER F 215 -21.08 -47.48 21.68
CA SER F 215 -21.64 -48.58 22.45
C SER F 215 -21.52 -48.43 23.95
N ASN F 216 -22.05 -49.42 24.65
CA ASN F 216 -21.98 -49.42 26.11
C ASN F 216 -20.50 -49.58 26.39
N ILE F 217 -20.03 -48.94 27.46
CA ILE F 217 -18.62 -48.97 27.88
C ILE F 217 -17.90 -50.31 27.77
N ASP F 218 -18.54 -51.36 28.28
CA ASP F 218 -17.97 -52.71 28.27
C ASP F 218 -18.18 -53.59 27.04
N SER F 219 -18.41 -53.00 25.88
CA SER F 219 -18.60 -53.78 24.67
C SER F 219 -17.34 -54.53 24.21
N SER F 220 -17.54 -55.67 23.55
CA SER F 220 -16.46 -56.51 23.02
C SER F 220 -16.97 -57.20 21.79
N ILE F 221 -16.07 -57.66 20.94
CA ILE F 221 -16.49 -58.35 19.72
C ILE F 221 -17.35 -59.57 19.99
N PRO F 222 -18.58 -59.62 19.43
CA PRO F 222 -19.47 -60.77 19.63
C PRO F 222 -18.88 -62.01 18.96
N SER F 223 -19.14 -63.18 19.56
CA SER F 223 -18.63 -64.45 19.04
C SER F 223 -19.05 -64.73 17.62
N GLY F 224 -18.07 -64.96 16.76
CA GLY F 224 -18.33 -65.25 15.37
C GLY F 224 -18.97 -64.08 14.63
N SER F 225 -18.61 -62.85 15.01
CA SER F 225 -19.17 -61.69 14.35
C SER F 225 -18.32 -61.20 13.17
N THR F 226 -17.60 -62.12 12.53
CA THR F 226 -16.76 -61.78 11.37
C THR F 226 -17.70 -61.55 10.19
N GLY F 227 -17.15 -61.31 9.01
CA GLY F 227 -17.98 -61.09 7.84
C GLY F 227 -19.11 -60.07 7.91
N ARG F 228 -20.24 -60.44 7.32
CA ARG F 228 -21.45 -59.62 7.26
C ARG F 228 -21.84 -58.88 8.54
N LEU F 229 -21.40 -59.36 9.70
CA LEU F 229 -21.74 -58.74 10.98
C LEU F 229 -20.90 -57.53 11.41
N LEU F 230 -19.80 -57.28 10.68
CA LEU F 230 -18.90 -56.16 10.95
C LEU F 230 -18.28 -56.06 12.36
N GLY F 231 -18.29 -57.16 13.11
CA GLY F 231 -17.73 -57.17 14.45
C GLY F 231 -18.58 -56.39 15.43
N LEU F 232 -19.82 -56.11 15.05
CA LEU F 232 -20.69 -55.36 15.94
C LEU F 232 -21.90 -56.11 16.44
N PHE F 233 -22.42 -57.00 15.61
CA PHE F 233 -23.59 -57.75 16.02
C PHE F 233 -23.41 -59.25 16.16
N PRO F 234 -24.16 -59.86 17.11
CA PRO F 234 -24.10 -61.31 17.37
C PRO F 234 -24.81 -62.10 16.29
N ASP F 235 -25.92 -61.58 15.80
CA ASP F 235 -26.71 -62.22 14.75
C ASP F 235 -27.14 -61.19 13.70
N ALA F 236 -27.82 -61.67 12.65
CA ALA F 236 -28.29 -60.79 11.59
C ALA F 236 -29.74 -60.38 11.77
N ASN F 237 -30.23 -60.56 12.98
CA ASN F 237 -31.61 -60.22 13.32
C ASN F 237 -31.78 -58.70 13.22
N ALA G 1 4.88 7.00 11.81
CA ALA G 1 5.53 5.80 11.23
C ALA G 1 4.85 4.55 11.81
N ASP G 2 5.06 3.39 11.18
CA ASP G 2 4.47 2.13 11.63
C ASP G 2 5.26 1.44 12.73
N THR G 3 4.54 0.74 13.61
CA THR G 3 5.14 0.00 14.73
C THR G 3 5.09 -1.45 14.24
N ILE G 4 6.25 -2.07 14.06
CA ILE G 4 6.29 -3.44 13.59
C ILE G 4 7.02 -4.39 14.51
N VAL G 5 6.46 -5.58 14.67
CA VAL G 5 7.02 -6.64 15.50
C VAL G 5 6.89 -7.79 14.51
N ALA G 6 8.01 -8.40 14.16
CA ALA G 6 7.96 -9.49 13.20
C ALA G 6 8.97 -10.57 13.43
N VAL G 7 8.71 -11.70 12.78
CA VAL G 7 9.57 -12.86 12.84
C VAL G 7 9.89 -13.04 11.38
N GLU G 8 11.15 -12.85 11.05
CA GLU G 8 11.62 -12.96 9.68
C GLU G 8 12.36 -14.26 9.34
N LEU G 9 12.08 -14.77 8.15
CA LEU G 9 12.69 -15.98 7.61
C LEU G 9 13.57 -15.32 6.53
N ASP G 10 14.71 -14.82 6.97
CA ASP G 10 15.67 -14.16 6.10
C ASP G 10 16.55 -15.09 5.28
N THR G 11 16.28 -15.15 3.98
CA THR G 11 17.05 -16.01 3.09
C THR G 11 18.35 -15.45 2.53
N TYR G 12 18.46 -14.13 2.44
CA TYR G 12 19.66 -13.51 1.90
C TYR G 12 20.41 -12.68 2.96
N PRO G 13 21.70 -12.99 3.17
CA PRO G 13 22.44 -12.20 4.15
C PRO G 13 23.00 -10.85 3.65
N ASN G 14 22.63 -9.78 4.37
CA ASN G 14 23.07 -8.42 4.06
C ASN G 14 23.92 -7.98 5.28
N THR G 15 25.16 -8.44 5.33
CA THR G 15 26.06 -8.13 6.45
C THR G 15 26.25 -6.66 6.71
N ASP G 16 26.21 -5.86 5.65
CA ASP G 16 26.37 -4.41 5.77
C ASP G 16 25.33 -3.78 6.68
N ILE G 17 24.18 -4.44 6.83
CA ILE G 17 23.14 -3.89 7.72
C ILE G 17 22.92 -4.74 8.96
N GLY G 18 23.91 -5.56 9.32
CA GLY G 18 23.79 -6.40 10.51
C GLY G 18 23.45 -7.88 10.40
N ASP G 19 23.13 -8.35 9.20
CA ASP G 19 22.78 -9.76 9.02
C ASP G 19 23.96 -10.67 9.25
N PRO G 20 23.72 -11.88 9.78
CA PRO G 20 24.81 -12.83 10.00
C PRO G 20 25.15 -13.29 8.59
N SER G 21 26.30 -13.93 8.42
CA SER G 21 26.71 -14.40 7.10
C SER G 21 26.06 -15.71 6.60
N TYR G 22 24.78 -15.89 6.91
CA TYR G 22 24.04 -17.10 6.49
C TYR G 22 22.52 -16.93 6.62
N PRO G 23 21.72 -17.74 5.89
CA PRO G 23 20.27 -17.63 5.99
C PRO G 23 19.93 -17.77 7.47
N HIS G 24 18.93 -17.03 7.94
CA HIS G 24 18.57 -17.09 9.35
C HIS G 24 17.12 -16.66 9.61
N ILE G 25 16.67 -16.86 10.85
CA ILE G 25 15.32 -16.48 11.24
C ILE G 25 15.59 -15.44 12.35
N GLY G 26 14.76 -14.42 12.46
CA GLY G 26 15.02 -13.46 13.48
C GLY G 26 13.79 -12.80 14.03
N ILE G 27 13.96 -12.16 15.17
CA ILE G 27 12.86 -11.46 15.85
C ILE G 27 13.19 -9.98 15.75
N ASP G 28 12.40 -9.26 14.97
CA ASP G 28 12.60 -7.82 14.77
C ASP G 28 11.62 -6.99 15.56
N ILE G 29 12.14 -6.08 16.37
CA ILE G 29 11.27 -5.21 17.17
C ILE G 29 11.53 -3.78 16.67
N LYS G 30 10.63 -3.29 15.83
CA LYS G 30 10.71 -1.94 15.26
C LYS G 30 11.94 -1.63 14.41
N SER G 31 12.68 -2.66 14.03
CA SER G 31 13.87 -2.50 13.22
C SER G 31 14.21 -3.76 12.46
N VAL G 32 14.71 -3.60 11.24
CA VAL G 32 15.09 -4.73 10.41
C VAL G 32 16.33 -5.44 10.99
N ARG G 33 17.06 -4.75 11.87
CA ARG G 33 18.24 -5.34 12.50
C ARG G 33 17.77 -6.16 13.68
N SER G 34 17.47 -7.44 13.41
CA SER G 34 16.98 -8.39 14.40
C SER G 34 17.61 -8.30 15.76
N LYS G 35 16.80 -8.31 16.81
CA LYS G 35 17.30 -8.22 18.17
C LYS G 35 17.90 -9.57 18.57
N LYS G 36 17.59 -10.62 17.81
CA LYS G 36 18.06 -11.98 18.07
C LYS G 36 17.84 -12.83 16.80
N THR G 37 18.82 -13.65 16.45
CA THR G 37 18.73 -14.52 15.26
C THR G 37 19.26 -15.92 15.54
N ALA G 38 19.04 -16.83 14.59
CA ALA G 38 19.50 -18.22 14.71
C ALA G 38 19.74 -18.71 13.29
N LYS G 39 20.77 -19.52 13.12
CA LYS G 39 21.11 -20.05 11.82
C LYS G 39 19.95 -20.88 11.31
N TRP G 40 19.62 -20.73 10.02
CA TRP G 40 18.52 -21.47 9.41
C TRP G 40 19.00 -22.16 8.14
N ASN G 41 18.88 -23.48 8.11
CA ASN G 41 19.30 -24.26 6.95
C ASN G 41 18.16 -24.33 5.96
N MET G 42 17.96 -23.22 5.27
CA MET G 42 16.91 -23.09 4.27
C MET G 42 17.02 -24.16 3.17
N GLN G 43 15.89 -24.75 2.81
CA GLN G 43 15.87 -25.77 1.78
C GLN G 43 15.11 -25.36 0.54
N ASN G 44 15.87 -24.94 -0.48
CA ASN G 44 15.32 -24.51 -1.75
C ASN G 44 14.42 -25.54 -2.38
N GLY G 45 13.17 -25.16 -2.68
CA GLY G 45 12.24 -26.08 -3.31
C GLY G 45 11.38 -26.95 -2.41
N LYS G 46 11.53 -26.83 -1.10
CA LYS G 46 10.73 -27.65 -0.19
C LYS G 46 9.78 -26.85 0.68
N VAL G 47 8.67 -27.49 1.01
CA VAL G 47 7.64 -26.89 1.85
C VAL G 47 8.07 -26.95 3.32
N GLY G 48 8.13 -25.80 3.97
CA GLY G 48 8.52 -25.75 5.37
C GLY G 48 7.38 -25.29 6.23
N THR G 49 7.62 -25.26 7.54
CA THR G 49 6.60 -24.83 8.49
C THR G 49 7.13 -23.88 9.53
N ALA G 50 6.42 -22.78 9.75
CA ALA G 50 6.83 -21.81 10.74
C ALA G 50 5.79 -21.79 11.83
N HIS G 51 6.25 -21.71 13.07
CA HIS G 51 5.35 -21.68 14.20
C HIS G 51 5.81 -20.59 15.16
N ILE G 52 4.96 -19.58 15.39
CA ILE G 52 5.26 -18.48 16.28
C ILE G 52 4.32 -18.53 17.49
N ILE G 53 4.86 -18.30 18.69
CA ILE G 53 4.07 -18.32 19.91
C ILE G 53 4.49 -17.20 20.86
N TYR G 54 3.56 -16.77 21.70
CA TYR G 54 3.83 -15.72 22.65
C TYR G 54 2.74 -15.75 23.73
N ASN G 55 3.10 -15.38 24.94
CA ASN G 55 2.16 -15.35 26.07
C ASN G 55 2.62 -14.28 27.06
N SER G 56 1.67 -13.54 27.64
CA SER G 56 1.97 -12.49 28.61
C SER G 56 2.52 -12.91 29.97
N VAL G 57 2.55 -14.22 30.22
CA VAL G 57 3.08 -14.69 31.50
C VAL G 57 4.60 -14.67 31.46
N ASP G 58 5.17 -15.19 30.37
CA ASP G 58 6.61 -15.23 30.18
C ASP G 58 7.13 -14.03 29.45
N LYS G 59 6.27 -13.38 28.67
CA LYS G 59 6.64 -12.21 27.89
C LYS G 59 7.84 -12.62 27.06
N ARG G 60 7.65 -13.73 26.34
CA ARG G 60 8.66 -14.31 25.49
C ARG G 60 8.07 -14.68 24.12
N LEU G 61 8.67 -14.16 23.06
CA LEU G 61 8.23 -14.43 21.70
C LEU G 61 9.19 -15.49 21.14
N SER G 62 8.62 -16.58 20.63
CA SER G 62 9.43 -17.65 20.08
C SER G 62 8.96 -18.13 18.73
N ALA G 63 9.90 -18.67 17.96
CA ALA G 63 9.58 -19.17 16.64
C ALA G 63 10.41 -20.41 16.33
N VAL G 64 9.80 -21.32 15.59
CA VAL G 64 10.44 -22.56 15.18
C VAL G 64 10.10 -22.70 13.72
N VAL G 65 11.11 -23.03 12.93
CA VAL G 65 10.94 -23.23 11.50
C VAL G 65 11.55 -24.59 11.26
N SER G 66 10.89 -25.40 10.44
CA SER G 66 11.41 -26.71 10.16
C SER G 66 10.84 -27.30 8.91
N TYR G 67 11.56 -28.30 8.41
CA TYR G 67 11.20 -29.00 7.21
C TYR G 67 11.12 -30.46 7.65
N PRO G 68 10.30 -31.27 6.97
CA PRO G 68 10.21 -32.69 7.34
C PRO G 68 11.62 -33.33 7.24
N ASN G 69 11.92 -34.39 8.01
CA ASN G 69 13.24 -35.03 7.95
C ASN G 69 14.40 -34.02 8.04
N ALA G 70 14.31 -33.10 9.00
CA ALA G 70 15.35 -32.08 9.20
C ALA G 70 15.33 -31.37 10.55
N ASP G 71 16.47 -30.84 10.97
CA ASP G 71 16.53 -30.13 12.24
C ASP G 71 15.79 -28.81 12.09
N SER G 72 15.19 -28.36 13.18
CA SER G 72 14.46 -27.13 13.15
C SER G 72 15.32 -26.01 13.74
N ALA G 73 15.06 -24.78 13.31
CA ALA G 73 15.80 -23.64 13.80
C ALA G 73 14.88 -23.00 14.86
N THR G 74 15.45 -22.55 15.96
CA THR G 74 14.65 -21.93 17.00
C THR G 74 15.23 -20.61 17.43
N VAL G 75 14.36 -19.65 17.73
CA VAL G 75 14.79 -18.34 18.16
C VAL G 75 13.76 -17.84 19.14
N SER G 76 14.22 -17.21 20.20
CA SER G 76 13.37 -16.69 21.24
C SER G 76 13.91 -15.34 21.75
N TYR G 77 13.03 -14.47 22.23
CA TYR G 77 13.45 -13.18 22.74
C TYR G 77 12.47 -12.65 23.78
N ASP G 78 12.99 -12.08 24.86
CA ASP G 78 12.13 -11.54 25.91
C ASP G 78 11.68 -10.16 25.51
N VAL G 79 10.38 -9.99 25.34
CA VAL G 79 9.82 -8.71 24.96
C VAL G 79 8.42 -8.54 25.50
N ASP G 80 8.20 -7.43 26.21
CA ASP G 80 6.89 -7.15 26.77
C ASP G 80 6.15 -6.36 25.69
N LEU G 81 5.29 -7.05 24.92
CA LEU G 81 4.53 -6.38 23.86
C LEU G 81 3.61 -5.24 24.31
N ASP G 82 3.28 -5.16 25.61
CA ASP G 82 2.42 -4.10 26.09
C ASP G 82 3.10 -2.75 25.86
N ASN G 83 4.43 -2.75 25.91
CA ASN G 83 5.19 -1.53 25.71
C ASN G 83 5.68 -1.32 24.30
N VAL G 84 5.33 -2.22 23.39
CA VAL G 84 5.78 -2.07 22.01
C VAL G 84 4.66 -1.83 21.01
N LEU G 85 3.57 -2.57 21.13
CA LEU G 85 2.45 -2.44 20.22
C LEU G 85 1.22 -1.75 20.81
N PRO G 86 0.37 -1.19 19.95
CA PRO G 86 -0.84 -0.54 20.47
C PRO G 86 -1.77 -1.68 20.90
N GLU G 87 -2.83 -1.36 21.62
CA GLU G 87 -3.77 -2.38 22.08
C GLU G 87 -4.38 -3.22 20.92
N TRP G 88 -4.71 -2.54 19.81
CA TRP G 88 -5.30 -3.16 18.62
C TRP G 88 -4.29 -3.15 17.47
N VAL G 89 -4.17 -4.28 16.79
CA VAL G 89 -3.23 -4.40 15.69
C VAL G 89 -3.81 -5.23 14.58
N ARG G 90 -3.02 -5.45 13.55
CA ARG G 90 -3.43 -6.28 12.42
C ARG G 90 -2.24 -7.23 12.27
N VAL G 91 -2.52 -8.47 11.93
CA VAL G 91 -1.47 -9.45 11.77
C VAL G 91 -1.35 -9.82 10.31
N GLY G 92 -0.16 -10.18 9.87
CA GLY G 92 -0.03 -10.54 8.47
C GLY G 92 1.27 -11.19 8.08
N LEU G 93 1.41 -11.39 6.78
CA LEU G 93 2.58 -12.01 6.21
C LEU G 93 3.14 -11.05 5.19
N SER G 94 4.46 -10.96 5.14
CA SER G 94 5.14 -10.07 4.21
C SER G 94 6.28 -10.79 3.54
N ALA G 95 6.65 -10.35 2.34
CA ALA G 95 7.75 -10.98 1.60
C ALA G 95 8.27 -10.01 0.55
N SER G 96 9.50 -10.22 0.11
CA SER G 96 10.08 -9.35 -0.89
C SER G 96 11.24 -10.00 -1.63
N THR G 97 11.62 -9.40 -2.74
CA THR G 97 12.73 -9.87 -3.57
C THR G 97 13.44 -8.58 -3.95
N GLY G 98 14.70 -8.70 -4.35
CA GLY G 98 15.47 -7.53 -4.73
C GLY G 98 16.17 -7.82 -6.03
N LEU G 99 17.50 -7.78 -5.99
CA LEU G 99 18.29 -8.05 -7.17
C LEU G 99 18.08 -9.54 -7.45
N TYR G 100 18.03 -10.34 -6.38
CA TYR G 100 17.83 -11.78 -6.48
C TYR G 100 16.40 -12.08 -6.10
N LYS G 101 15.87 -13.18 -6.62
CA LYS G 101 14.50 -13.59 -6.34
C LYS G 101 14.30 -14.98 -5.78
N GLU G 102 13.03 -15.29 -5.50
CA GLU G 102 12.61 -16.57 -4.96
C GLU G 102 11.09 -16.50 -4.88
N THR G 103 10.42 -17.64 -4.90
CA THR G 103 8.98 -17.57 -4.80
C THR G 103 8.74 -17.49 -3.29
N ASN G 104 7.68 -16.79 -2.88
CA ASN G 104 7.35 -16.66 -1.47
C ASN G 104 5.91 -17.11 -1.35
N THR G 105 5.70 -18.39 -1.66
CA THR G 105 4.40 -19.01 -1.61
C THR G 105 3.97 -19.49 -0.23
N ILE G 106 2.76 -19.11 0.17
CA ILE G 106 2.20 -19.49 1.46
C ILE G 106 1.11 -20.50 1.13
N LEU G 107 1.22 -21.72 1.67
CA LEU G 107 0.23 -22.76 1.41
C LEU G 107 -0.86 -22.86 2.47
N SER G 108 -0.61 -22.31 3.66
CA SER G 108 -1.59 -22.36 4.74
C SER G 108 -1.17 -21.36 5.79
N TRP G 109 -2.13 -20.92 6.60
CA TRP G 109 -1.85 -19.94 7.64
C TRP G 109 -2.96 -20.00 8.65
N SER G 110 -2.61 -19.97 9.93
CA SER G 110 -3.61 -19.99 10.99
C SER G 110 -3.09 -19.09 12.09
N PHE G 111 -4.04 -18.51 12.82
CA PHE G 111 -3.69 -17.62 13.90
C PHE G 111 -4.73 -17.74 15.00
N THR G 112 -4.29 -17.72 16.26
CA THR G 112 -5.19 -17.81 17.41
C THR G 112 -4.71 -16.79 18.42
N SER G 113 -5.64 -16.02 18.95
CA SER G 113 -5.33 -15.00 19.92
C SER G 113 -6.37 -15.15 21.01
N LYS G 114 -5.91 -15.14 22.27
CA LYS G 114 -6.79 -15.26 23.43
C LYS G 114 -6.48 -14.24 24.50
N LEU G 115 -7.52 -13.66 25.08
CA LEU G 115 -7.39 -12.65 26.13
C LEU G 115 -8.27 -13.04 27.32
N LYS G 116 -7.68 -13.25 28.49
CA LYS G 116 -8.48 -13.61 29.64
C LYS G 116 -8.52 -12.45 30.62
N SER G 117 -9.71 -11.92 30.91
CA SER G 117 -9.86 -10.79 31.85
C SER G 117 -10.16 -11.10 33.30
N ASN G 118 -10.78 -10.14 34.00
CA ASN G 118 -11.13 -10.31 35.42
C ASN G 118 -12.59 -10.60 35.76
N SER G 119 -13.03 -11.76 35.24
CA SER G 119 -14.36 -12.33 35.38
C SER G 119 -14.22 -13.81 34.91
N THR G 120 -14.87 -14.74 35.61
CA THR G 120 -14.84 -16.18 35.30
C THR G 120 -15.03 -16.62 33.83
N HIS G 121 -14.09 -17.44 33.33
CA HIS G 121 -14.10 -17.97 31.95
C HIS G 121 -14.22 -16.84 30.92
N GLU G 122 -14.07 -15.61 31.38
CA GLU G 122 -14.17 -14.47 30.49
C GLU G 122 -12.94 -14.35 29.67
N THR G 123 -12.96 -15.14 28.62
CA THR G 123 -11.90 -15.23 27.64
C THR G 123 -12.44 -14.74 26.30
N ASN G 124 -11.75 -13.80 25.67
CA ASN G 124 -12.19 -13.31 24.38
C ASN G 124 -11.18 -13.97 23.45
N ALA G 125 -11.62 -14.46 22.29
CA ALA G 125 -10.67 -15.10 21.37
C ALA G 125 -11.03 -14.89 19.93
N LEU G 126 -10.01 -15.04 19.09
CA LEU G 126 -10.14 -14.89 17.65
C LEU G 126 -9.31 -16.01 17.06
N HIS G 127 -9.82 -16.64 16.01
CA HIS G 127 -9.08 -17.72 15.39
C HIS G 127 -9.50 -17.85 13.96
N PHE G 128 -8.52 -17.95 13.07
CA PHE G 128 -8.80 -18.11 11.66
C PHE G 128 -7.83 -19.14 11.14
N MET G 129 -8.25 -19.90 10.14
CA MET G 129 -7.40 -20.94 9.54
C MET G 129 -7.63 -21.03 8.05
N PHE G 130 -6.57 -20.84 7.29
CA PHE G 130 -6.64 -20.90 5.84
C PHE G 130 -5.79 -22.07 5.37
N ASN G 131 -6.43 -23.06 4.77
CA ASN G 131 -5.72 -24.23 4.26
C ASN G 131 -5.79 -24.18 2.74
N GLN G 132 -6.58 -23.24 2.24
CA GLN G 132 -6.78 -23.03 0.81
C GLN G 132 -7.16 -21.56 0.65
N PHE G 133 -6.57 -20.87 -0.33
CA PHE G 133 -6.86 -19.46 -0.60
C PHE G 133 -7.62 -19.34 -1.92
N SER G 134 -8.71 -18.59 -1.94
CA SER G 134 -9.48 -18.44 -3.18
C SER G 134 -9.02 -17.21 -3.96
N LYS G 135 -9.52 -17.07 -5.16
CA LYS G 135 -9.18 -15.96 -6.03
C LYS G 135 -9.71 -14.66 -5.44
N ASP G 136 -10.84 -14.75 -4.77
CA ASP G 136 -11.46 -13.60 -4.15
C ASP G 136 -11.54 -13.85 -2.65
N GLN G 137 -10.41 -13.63 -1.98
CA GLN G 137 -10.32 -13.82 -0.55
C GLN G 137 -10.72 -12.51 0.17
N LYS G 138 -12.02 -12.28 0.27
CA LYS G 138 -12.51 -11.07 0.91
C LYS G 138 -12.13 -10.77 2.35
N ASP G 139 -11.61 -11.75 3.09
CA ASP G 139 -11.23 -11.51 4.47
C ASP G 139 -9.76 -11.22 4.65
N LEU G 140 -9.07 -11.01 3.54
CA LEU G 140 -7.65 -10.71 3.53
C LEU G 140 -7.47 -9.39 2.81
N ILE G 141 -6.54 -8.59 3.29
CA ILE G 141 -6.25 -7.31 2.68
C ILE G 141 -4.91 -7.53 1.97
N LEU G 142 -4.94 -7.62 0.65
CA LEU G 142 -3.70 -7.84 -0.09
C LEU G 142 -3.06 -6.50 -0.44
N GLN G 143 -1.75 -6.40 -0.21
CA GLN G 143 -1.02 -5.17 -0.50
C GLN G 143 0.16 -5.52 -1.41
N GLY G 144 0.63 -4.55 -2.20
CA GLY G 144 1.75 -4.81 -3.11
C GLY G 144 1.42 -5.80 -4.22
N ASP G 145 2.35 -6.72 -4.48
CA ASP G 145 2.19 -7.73 -5.52
C ASP G 145 1.56 -9.05 -5.08
N ALA G 146 1.07 -9.09 -3.83
CA ALA G 146 0.45 -10.29 -3.29
C ALA G 146 -0.83 -10.66 -4.03
N THR G 147 -1.00 -11.94 -4.36
CA THR G 147 -2.19 -12.40 -5.07
C THR G 147 -2.56 -13.78 -4.56
N THR G 148 -3.83 -14.15 -4.68
CA THR G 148 -4.32 -15.46 -4.23
C THR G 148 -4.96 -16.19 -5.41
N GLY G 149 -5.30 -17.46 -5.22
CA GLY G 149 -5.93 -18.23 -6.28
C GLY G 149 -5.08 -19.18 -7.12
N THR G 150 -3.83 -18.81 -7.36
CA THR G 150 -2.91 -19.63 -8.16
C THR G 150 -2.66 -21.01 -7.51
N ASP G 151 -3.55 -21.96 -7.82
CA ASP G 151 -3.48 -23.33 -7.30
C ASP G 151 -3.96 -23.35 -5.85
N GLY G 152 -4.72 -22.33 -5.46
CA GLY G 152 -5.23 -22.26 -4.10
C GLY G 152 -4.21 -21.75 -3.08
N ASN G 153 -3.14 -21.14 -3.55
CA ASN G 153 -2.11 -20.61 -2.68
C ASN G 153 -2.08 -19.09 -2.67
N LEU G 154 -1.26 -18.54 -1.78
CA LEU G 154 -1.09 -17.12 -1.63
C LEU G 154 0.35 -16.77 -2.07
N GLU G 155 0.48 -16.05 -3.17
CA GLU G 155 1.81 -15.66 -3.67
C GLU G 155 2.07 -14.24 -3.15
N LEU G 156 2.96 -14.12 -2.17
CA LEU G 156 3.28 -12.82 -1.61
C LEU G 156 3.97 -11.88 -2.61
N THR G 157 4.88 -12.44 -3.40
CA THR G 157 5.60 -11.68 -4.39
C THR G 157 5.25 -12.15 -5.78
N ARG G 158 5.56 -11.30 -6.75
CA ARG G 158 5.31 -11.54 -8.17
C ARG G 158 5.97 -12.77 -8.79
N VAL G 159 5.14 -13.60 -9.39
CA VAL G 159 5.60 -14.82 -10.04
C VAL G 159 5.01 -14.78 -11.46
N SER G 160 5.84 -15.05 -12.46
CA SER G 160 5.35 -15.04 -13.84
C SER G 160 4.46 -16.24 -14.13
N SER G 161 3.72 -16.15 -15.22
CA SER G 161 2.80 -17.21 -15.66
C SER G 161 3.51 -18.57 -15.80
N ASN G 162 4.75 -18.54 -16.27
CA ASN G 162 5.52 -19.78 -16.43
C ASN G 162 6.03 -20.34 -15.11
N GLY G 163 5.74 -19.65 -14.00
CA GLY G 163 6.15 -20.11 -12.69
C GLY G 163 7.39 -19.49 -12.05
N SER G 164 8.23 -18.80 -12.82
CA SER G 164 9.44 -18.19 -12.27
C SER G 164 9.22 -16.89 -11.47
N PRO G 165 10.01 -16.69 -10.40
CA PRO G 165 9.93 -15.52 -9.54
C PRO G 165 10.58 -14.26 -10.12
N GLN G 166 9.97 -13.10 -9.85
CA GLN G 166 10.46 -11.81 -10.33
C GLN G 166 11.24 -11.08 -9.26
N GLY G 167 12.15 -10.22 -9.68
CA GLY G 167 12.93 -9.45 -8.73
C GLY G 167 12.17 -8.19 -8.38
N SER G 168 12.73 -7.38 -7.47
CA SER G 168 12.10 -6.13 -7.04
C SER G 168 10.60 -6.25 -6.82
N SER G 169 10.19 -7.16 -5.94
CA SER G 169 8.76 -7.36 -5.66
C SER G 169 8.49 -7.33 -4.14
N VAL G 170 7.31 -6.81 -3.77
CA VAL G 170 6.89 -6.73 -2.36
C VAL G 170 5.42 -7.03 -2.32
N GLY G 171 5.00 -7.77 -1.28
CA GLY G 171 3.61 -8.13 -1.13
C GLY G 171 3.35 -8.48 0.33
N ARG G 172 2.13 -8.26 0.77
CA ARG G 172 1.73 -8.54 2.12
C ARG G 172 0.28 -8.95 2.09
N ALA G 173 -0.13 -9.64 3.13
CA ALA G 173 -1.50 -10.09 3.25
C ALA G 173 -1.79 -9.93 4.74
N LEU G 174 -2.82 -9.15 5.06
CA LEU G 174 -3.18 -8.93 6.46
C LEU G 174 -4.61 -9.42 6.69
N PHE G 175 -4.86 -10.03 7.84
CA PHE G 175 -6.19 -10.48 8.11
C PHE G 175 -7.06 -9.22 8.25
N TYR G 176 -8.21 -9.25 7.61
CA TYR G 176 -9.15 -8.14 7.62
C TYR G 176 -9.51 -7.52 8.98
N ALA G 177 -9.93 -8.35 9.93
CA ALA G 177 -10.30 -7.85 11.25
C ALA G 177 -9.17 -7.47 12.18
N PRO G 178 -9.32 -6.34 12.89
CA PRO G 178 -8.28 -5.87 13.82
C PRO G 178 -8.23 -6.92 14.94
N VAL G 179 -7.07 -7.09 15.56
CA VAL G 179 -6.91 -8.07 16.63
C VAL G 179 -6.58 -7.33 17.94
N HIS G 180 -7.26 -7.69 19.02
CA HIS G 180 -7.02 -7.05 20.31
C HIS G 180 -5.90 -7.88 20.93
N ILE G 181 -4.67 -7.49 20.65
CA ILE G 181 -3.48 -8.18 21.15
C ILE G 181 -3.18 -8.13 22.66
N TRP G 182 -3.53 -7.05 23.36
CA TRP G 182 -3.28 -6.96 24.81
C TRP G 182 -4.26 -6.02 25.45
N GLU G 183 -4.33 -6.06 26.77
CA GLU G 183 -5.22 -5.20 27.50
C GLU G 183 -4.67 -5.14 28.90
N SER G 184 -4.68 -3.97 29.49
CA SER G 184 -4.17 -3.79 30.85
C SER G 184 -4.85 -4.69 31.89
N SER G 185 -6.13 -5.01 31.67
CA SER G 185 -6.91 -5.85 32.59
C SER G 185 -6.91 -7.35 32.28
N ALA G 186 -5.98 -7.78 31.46
CA ALA G 186 -5.89 -9.18 31.09
C ALA G 186 -4.98 -9.97 31.99
N VAL G 187 -5.50 -11.06 32.54
CA VAL G 187 -4.73 -11.92 33.41
C VAL G 187 -3.70 -12.65 32.54
N VAL G 188 -4.15 -13.12 31.37
CA VAL G 188 -3.29 -13.83 30.44
C VAL G 188 -3.72 -13.46 29.05
N ALA G 189 -2.76 -13.22 28.19
CA ALA G 189 -3.01 -12.86 26.81
C ALA G 189 -2.00 -13.71 26.05
N SER G 190 -2.40 -14.29 24.93
CA SER G 190 -1.47 -15.10 24.16
C SER G 190 -1.90 -15.25 22.71
N PHE G 191 -0.96 -15.59 21.85
CA PHE G 191 -1.30 -15.77 20.45
C PHE G 191 -0.37 -16.83 19.92
N GLU G 192 -0.77 -17.40 18.80
CA GLU G 192 -0.02 -18.45 18.15
C GLU G 192 -0.33 -18.36 16.67
N ALA G 193 0.71 -18.43 15.84
CA ALA G 193 0.56 -18.36 14.39
C ALA G 193 1.32 -19.51 13.76
N THR G 194 0.81 -20.01 12.66
CA THR G 194 1.46 -21.13 11.97
C THR G 194 1.21 -20.96 10.50
N PHE G 195 2.24 -21.23 9.70
CA PHE G 195 2.08 -21.11 8.26
C PHE G 195 3.11 -21.97 7.57
N THR G 196 2.74 -22.49 6.41
CA THR G 196 3.63 -23.33 5.63
C THR G 196 3.94 -22.55 4.36
N PHE G 197 5.22 -22.54 4.00
CA PHE G 197 5.70 -21.83 2.83
C PHE G 197 6.53 -22.70 1.92
N LEU G 198 6.74 -22.18 0.71
CA LEU G 198 7.52 -22.84 -0.33
C LEU G 198 8.38 -21.79 -1.01
N ILE G 199 9.67 -21.80 -0.69
CA ILE G 199 10.61 -20.87 -1.28
C ILE G 199 11.40 -21.61 -2.36
N LYS G 200 11.19 -21.21 -3.61
CA LYS G 200 11.88 -21.84 -4.73
C LYS G 200 12.66 -20.75 -5.46
N SER G 201 13.90 -21.03 -5.79
CA SER G 201 14.73 -20.07 -6.49
C SER G 201 15.64 -20.69 -7.55
N PRO G 202 15.53 -20.23 -8.79
CA PRO G 202 16.31 -20.71 -9.93
C PRO G 202 17.74 -20.19 -9.85
N ASP G 203 17.89 -18.98 -9.30
CA ASP G 203 19.22 -18.38 -9.17
C ASP G 203 20.10 -18.80 -7.98
N SER G 204 21.37 -18.45 -8.09
CA SER G 204 22.45 -18.71 -7.13
C SER G 204 22.08 -18.66 -5.65
N HIS G 205 21.94 -17.45 -5.11
CA HIS G 205 21.58 -17.25 -3.71
C HIS G 205 20.19 -16.60 -3.74
N PRO G 206 19.19 -17.20 -3.11
CA PRO G 206 17.79 -16.72 -3.04
C PRO G 206 17.68 -15.39 -2.25
N ALA G 207 16.57 -14.68 -2.43
CA ALA G 207 16.33 -13.41 -1.74
C ALA G 207 14.87 -13.00 -1.95
N ASP G 208 14.26 -12.26 -1.01
CA ASP G 208 14.90 -11.81 0.22
C ASP G 208 14.42 -12.45 1.50
N GLY G 209 13.19 -12.94 1.50
CA GLY G 209 12.62 -13.57 2.69
C GLY G 209 11.13 -13.40 2.94
N ILE G 210 10.63 -14.03 4.00
CA ILE G 210 9.23 -13.96 4.36
C ILE G 210 9.20 -13.53 5.82
N ALA G 211 8.11 -12.90 6.23
CA ALA G 211 8.01 -12.46 7.61
C ALA G 211 6.60 -12.43 8.11
N PHE G 212 6.40 -12.88 9.34
CA PHE G 212 5.07 -12.86 9.91
C PHE G 212 5.20 -11.58 10.72
N PHE G 213 4.20 -10.72 10.67
CA PHE G 213 4.30 -9.50 11.44
C PHE G 213 2.98 -9.07 12.05
N ILE G 214 3.09 -8.19 13.05
CA ILE G 214 1.97 -7.65 13.78
C ILE G 214 2.24 -6.15 13.65
N SER G 215 1.20 -5.37 13.34
CA SER G 215 1.38 -3.94 13.19
C SER G 215 0.15 -3.11 13.57
N ASN G 216 0.31 -1.79 13.46
CA ASN G 216 -0.76 -0.87 13.77
C ASN G 216 -1.79 -1.16 12.67
N ILE G 217 -3.07 -1.02 13.00
CA ILE G 217 -4.14 -1.28 12.07
C ILE G 217 -4.01 -0.75 10.65
N ASP G 218 -3.60 0.50 10.51
CA ASP G 218 -3.44 1.17 9.21
C ASP G 218 -2.10 1.03 8.48
N SER G 219 -1.32 0.03 8.82
CA SER G 219 -0.03 -0.19 8.19
C SER G 219 -0.12 -0.49 6.70
N SER G 220 0.91 -0.09 5.97
CA SER G 220 1.00 -0.31 4.54
C SER G 220 2.47 -0.38 4.17
N ILE G 221 2.78 -0.96 3.02
CA ILE G 221 4.17 -1.10 2.56
C ILE G 221 4.88 0.24 2.39
N PRO G 222 6.02 0.42 3.07
CA PRO G 222 6.80 1.65 2.97
C PRO G 222 7.36 1.68 1.54
N SER G 223 7.34 2.82 0.86
CA SER G 223 7.86 2.89 -0.51
C SER G 223 9.29 2.43 -0.62
N GLY G 224 9.56 1.62 -1.63
CA GLY G 224 10.90 1.12 -1.82
C GLY G 224 11.40 0.19 -0.72
N SER G 225 10.48 -0.54 -0.10
CA SER G 225 10.89 -1.46 0.95
C SER G 225 11.05 -2.87 0.37
N THR G 226 11.49 -2.93 -0.90
CA THR G 226 11.71 -4.20 -1.60
C THR G 226 13.06 -4.70 -1.08
N GLY G 227 13.46 -5.90 -1.50
CA GLY G 227 14.75 -6.43 -1.05
C GLY G 227 14.90 -6.64 0.44
N ARG G 228 16.08 -6.31 0.94
CA ARG G 228 16.45 -6.44 2.36
C ARG G 228 15.49 -5.85 3.40
N LEU G 229 14.59 -4.98 3.00
CA LEU G 229 13.64 -4.38 3.94
C LEU G 229 12.37 -5.20 4.19
N LEU G 230 12.23 -6.30 3.46
CA LEU G 230 11.09 -7.21 3.57
C LEU G 230 9.69 -6.64 3.55
N GLY G 231 9.51 -5.48 2.92
CA GLY G 231 8.19 -4.85 2.85
C GLY G 231 7.67 -4.42 4.22
N LEU G 232 8.58 -4.31 5.19
CA LEU G 232 8.20 -3.92 6.55
C LEU G 232 8.81 -2.63 7.03
N PHE G 233 10.07 -2.39 6.69
CA PHE G 233 10.72 -1.16 7.14
C PHE G 233 11.07 -0.11 6.09
N PRO G 234 10.95 1.17 6.48
CA PRO G 234 11.26 2.30 5.60
C PRO G 234 12.76 2.45 5.36
N ASP G 235 13.56 2.11 6.37
CA ASP G 235 15.00 2.21 6.26
C ASP G 235 15.66 1.05 7.01
N ALA G 236 16.97 0.95 6.90
CA ALA G 236 17.71 -0.11 7.56
C ALA G 236 18.34 0.24 8.90
N ASN G 237 17.73 1.15 9.66
CA ASN G 237 18.27 1.53 10.97
C ASN G 237 17.78 0.62 12.09
N ALA H 1 -31.03 -4.08 -2.69
CA ALA H 1 -31.67 -4.51 -1.42
C ALA H 1 -30.81 -5.60 -0.81
N ASP H 2 -30.85 -5.73 0.51
CA ASP H 2 -30.08 -6.73 1.24
C ASP H 2 -30.70 -8.11 1.31
N THR H 3 -29.86 -9.15 1.35
CA THR H 3 -30.31 -10.55 1.43
C THR H 3 -30.20 -10.83 2.93
N ILE H 4 -31.28 -11.24 3.58
CA ILE H 4 -31.22 -11.51 5.01
C ILE H 4 -31.75 -12.86 5.39
N VAL H 5 -31.06 -13.50 6.31
CA VAL H 5 -31.43 -14.81 6.83
C VAL H 5 -31.25 -14.52 8.31
N ALA H 6 -32.30 -14.69 9.10
CA ALA H 6 -32.17 -14.41 10.51
C ALA H 6 -33.01 -15.29 11.42
N VAL H 7 -32.65 -15.31 12.70
CA VAL H 7 -33.34 -16.10 13.70
C VAL H 7 -33.74 -15.00 14.67
N GLU H 8 -35.05 -14.78 14.77
CA GLU H 8 -35.60 -13.75 15.63
C GLU H 8 -36.19 -14.21 16.93
N LEU H 9 -35.95 -13.42 17.97
CA LEU H 9 -36.44 -13.66 19.31
C LEU H 9 -37.45 -12.52 19.37
N ASP H 10 -38.62 -12.79 18.79
CA ASP H 10 -39.71 -11.82 18.71
C ASP H 10 -40.51 -11.67 20.01
N THR H 11 -40.36 -10.52 20.68
CA THR H 11 -41.07 -10.30 21.93
C THR H 11 -42.47 -9.69 21.79
N TYR H 12 -42.69 -8.94 20.73
CA TYR H 12 -43.99 -8.30 20.52
C TYR H 12 -44.73 -8.86 19.32
N PRO H 13 -45.92 -9.43 19.55
CA PRO H 13 -46.76 -10.00 18.49
C PRO H 13 -47.53 -8.99 17.61
N ASN H 14 -47.16 -8.93 16.32
CA ASN H 14 -47.80 -8.03 15.36
C ASN H 14 -48.63 -8.94 14.45
N THR H 15 -49.79 -9.38 14.94
CA THR H 15 -50.67 -10.25 14.16
C THR H 15 -51.01 -9.64 12.78
N ASP H 16 -51.07 -8.30 12.73
CA ASP H 16 -51.38 -7.63 11.49
C ASP H 16 -50.37 -7.86 10.35
N ILE H 17 -49.26 -8.54 10.63
CA ILE H 17 -48.24 -8.81 9.61
C ILE H 17 -47.81 -10.28 9.64
N GLY H 18 -48.68 -11.12 10.22
CA GLY H 18 -48.38 -12.54 10.30
C GLY H 18 -47.82 -13.15 11.58
N ASP H 19 -47.53 -12.33 12.58
CA ASP H 19 -46.98 -12.85 13.85
C ASP H 19 -48.01 -13.66 14.62
N PRO H 20 -47.55 -14.70 15.35
CA PRO H 20 -48.51 -15.49 16.13
C PRO H 20 -48.93 -14.55 17.26
N SER H 21 -49.98 -14.88 18.02
CA SER H 21 -50.42 -14.01 19.11
C SER H 21 -49.67 -14.16 20.45
N TYR H 22 -48.40 -14.53 20.39
CA TYR H 22 -47.58 -14.72 21.59
C TYR H 22 -46.09 -14.53 21.27
N PRO H 23 -45.24 -14.26 22.30
CA PRO H 23 -43.81 -14.09 22.03
C PRO H 23 -43.34 -15.38 21.37
N HIS H 24 -42.43 -15.28 20.41
CA HIS H 24 -41.94 -16.46 19.71
C HIS H 24 -40.56 -16.28 19.11
N ILE H 25 -40.01 -17.38 18.62
CA ILE H 25 -38.70 -17.36 17.98
C ILE H 25 -39.04 -17.79 16.55
N GLY H 26 -38.36 -17.24 15.55
CA GLY H 26 -38.69 -17.65 14.21
C GLY H 26 -37.53 -17.59 13.25
N ILE H 27 -37.68 -18.31 12.14
CA ILE H 27 -36.64 -18.34 11.13
C ILE H 27 -37.13 -17.51 9.96
N ASP H 28 -36.45 -16.42 9.66
CA ASP H 28 -36.81 -15.54 8.56
C ASP H 28 -35.86 -15.64 7.37
N ILE H 29 -36.39 -15.94 6.21
CA ILE H 29 -35.57 -16.05 5.01
C ILE H 29 -36.04 -14.94 4.08
N LYS H 30 -35.30 -13.84 4.06
CA LYS H 30 -35.59 -12.68 3.22
C LYS H 30 -36.90 -11.94 3.49
N SER H 31 -37.56 -12.24 4.59
CA SER H 31 -38.82 -11.56 4.91
C SER H 31 -39.08 -11.64 6.40
N VAL H 32 -39.68 -10.58 6.96
CA VAL H 32 -39.98 -10.55 8.38
C VAL H 32 -41.06 -11.57 8.75
N ARG H 33 -41.79 -12.06 7.75
CA ARG H 33 -42.84 -13.04 7.98
C ARG H 33 -42.14 -14.39 8.06
N SER H 34 -41.85 -14.81 9.28
CA SER H 34 -41.17 -16.09 9.55
C SER H 34 -41.73 -17.30 8.80
N LYS H 35 -40.85 -18.11 8.22
CA LYS H 35 -41.24 -19.31 7.48
C LYS H 35 -41.60 -20.40 8.49
N LYS H 36 -41.19 -20.22 9.74
CA LYS H 36 -41.47 -21.21 10.78
C LYS H 36 -41.25 -20.53 12.14
N THR H 37 -42.11 -20.82 13.11
CA THR H 37 -41.99 -20.23 14.44
C THR H 37 -42.33 -21.23 15.55
N ALA H 38 -42.09 -20.83 16.79
CA ALA H 38 -42.37 -21.69 17.93
C ALA H 38 -42.65 -20.78 19.13
N LYS H 39 -43.57 -21.20 19.98
CA LYS H 39 -43.93 -20.42 21.15
C LYS H 39 -42.71 -20.27 22.05
N TRP H 40 -42.51 -19.05 22.55
CA TRP H 40 -41.39 -18.75 23.43
C TRP H 40 -41.84 -18.05 24.69
N ASN H 41 -41.65 -18.71 25.82
CA ASN H 41 -42.03 -18.13 27.11
C ASN H 41 -40.96 -17.15 27.61
N MET H 42 -40.92 -15.98 26.98
CA MET H 42 -39.96 -14.92 27.31
C MET H 42 -40.06 -14.51 28.77
N GLN H 43 -38.91 -14.44 29.44
CA GLN H 43 -38.86 -14.06 30.85
C GLN H 43 -38.22 -12.70 31.08
N ASN H 44 -39.08 -11.70 31.28
CA ASN H 44 -38.68 -10.31 31.53
C ASN H 44 -37.70 -10.19 32.70
N GLY H 45 -36.56 -9.58 32.45
CA GLY H 45 -35.55 -9.40 33.48
C GLY H 45 -34.53 -10.51 33.68
N LYS H 46 -34.65 -11.63 32.97
CA LYS H 46 -33.69 -12.73 33.13
C LYS H 46 -32.76 -12.99 31.94
N VAL H 47 -31.54 -13.42 32.23
CA VAL H 47 -30.55 -13.71 31.20
C VAL H 47 -30.85 -15.01 30.49
N GLY H 48 -30.99 -14.96 29.17
CA GLY H 48 -31.28 -16.17 28.42
C GLY H 48 -30.16 -16.50 27.47
N THR H 49 -30.21 -17.68 26.86
CA THR H 49 -29.18 -18.11 25.90
C THR H 49 -29.82 -18.59 24.59
N ALA H 50 -29.22 -18.19 23.49
CA ALA H 50 -29.71 -18.58 22.18
C ALA H 50 -28.56 -19.31 21.51
N HIS H 51 -28.89 -20.39 20.82
CA HIS H 51 -27.89 -21.18 20.13
C HIS H 51 -28.43 -21.54 18.75
N ILE H 52 -27.71 -21.10 17.72
CA ILE H 52 -28.09 -21.35 16.34
C ILE H 52 -27.07 -22.31 15.71
N ILE H 53 -27.55 -23.26 14.91
CA ILE H 53 -26.69 -24.23 14.25
C ILE H 53 -27.19 -24.51 12.85
N TYR H 54 -26.26 -24.86 11.97
CA TYR H 54 -26.57 -25.19 10.59
C TYR H 54 -25.42 -25.98 10.00
N ASN H 55 -25.74 -26.90 9.09
CA ASN H 55 -24.73 -27.72 8.42
C ASN H 55 -25.25 -28.05 7.02
N SER H 56 -24.35 -28.07 6.03
CA SER H 56 -24.72 -28.36 4.65
C SER H 56 -25.18 -29.78 4.35
N VAL H 57 -24.97 -30.71 5.25
CA VAL H 57 -25.39 -32.10 5.02
C VAL H 57 -26.91 -32.19 5.15
N ASP H 58 -27.45 -31.68 6.25
CA ASP H 58 -28.89 -31.68 6.51
C ASP H 58 -29.60 -30.47 5.90
N LYS H 59 -28.86 -29.39 5.66
CA LYS H 59 -29.42 -28.16 5.08
C LYS H 59 -30.62 -27.82 5.96
N ARG H 60 -30.33 -27.82 7.25
CA ARG H 60 -31.30 -27.52 8.28
C ARG H 60 -30.79 -26.50 9.30
N LEU H 61 -31.48 -25.37 9.39
CA LEU H 61 -31.13 -24.30 10.30
C LEU H 61 -31.99 -24.45 11.54
N SER H 62 -31.35 -24.58 12.70
CA SER H 62 -32.10 -24.73 13.94
C SER H 62 -31.67 -23.72 15.00
N ALA H 63 -32.55 -23.48 15.96
CA ALA H 63 -32.27 -22.54 17.02
C ALA H 63 -32.96 -22.99 18.28
N VAL H 64 -32.29 -22.78 19.41
CA VAL H 64 -32.81 -23.15 20.71
C VAL H 64 -32.60 -21.95 21.60
N VAL H 65 -33.63 -21.61 22.35
CA VAL H 65 -33.56 -20.47 23.26
C VAL H 65 -34.02 -21.00 24.62
N SER H 66 -33.26 -20.69 25.66
CA SER H 66 -33.63 -21.15 26.98
C SER H 66 -33.12 -20.28 28.11
N TYR H 67 -33.72 -20.50 29.28
CA TYR H 67 -33.39 -19.80 30.50
C TYR H 67 -33.09 -20.88 31.53
N PRO H 68 -32.32 -20.53 32.57
CA PRO H 68 -31.95 -21.49 33.62
C PRO H 68 -33.20 -22.13 34.24
N ASN H 69 -33.22 -23.46 34.27
CA ASN H 69 -34.35 -24.20 34.84
C ASN H 69 -35.69 -23.75 34.26
N ALA H 70 -35.87 -24.01 32.98
CA ALA H 70 -37.10 -23.65 32.27
C ALA H 70 -37.03 -24.36 30.94
N ASP H 71 -38.19 -24.66 30.37
CA ASP H 71 -38.23 -25.34 29.08
C ASP H 71 -37.68 -24.45 27.99
N SER H 72 -37.04 -25.06 27.01
CA SER H 72 -36.49 -24.30 25.93
C SER H 72 -37.45 -24.29 24.77
N ALA H 73 -37.28 -23.33 23.89
CA ALA H 73 -38.11 -23.21 22.70
C ALA H 73 -37.18 -23.66 21.57
N THR H 74 -37.69 -24.48 20.67
CA THR H 74 -36.92 -24.98 19.54
C THR H 74 -37.63 -24.75 18.22
N VAL H 75 -36.89 -24.37 17.18
CA VAL H 75 -37.48 -24.14 15.88
C VAL H 75 -36.44 -24.60 14.85
N SER H 76 -36.90 -25.29 13.81
CA SER H 76 -36.02 -25.80 12.75
C SER H 76 -36.68 -25.54 11.41
N TYR H 77 -35.89 -25.49 10.34
CA TYR H 77 -36.44 -25.25 9.02
C TYR H 77 -35.43 -25.69 7.96
N ASP H 78 -35.91 -26.39 6.95
CA ASP H 78 -35.03 -26.86 5.88
C ASP H 78 -34.79 -25.74 4.89
N VAL H 79 -33.53 -25.38 4.71
CA VAL H 79 -33.17 -24.32 3.78
C VAL H 79 -31.76 -24.51 3.24
N ASP H 80 -31.63 -24.48 1.93
CA ASP H 80 -30.31 -24.65 1.33
C ASP H 80 -29.76 -23.24 1.16
N LEU H 81 -28.88 -22.84 2.08
CA LEU H 81 -28.29 -21.52 2.03
C LEU H 81 -27.49 -21.20 0.78
N ASP H 82 -27.09 -22.21 0.02
CA ASP H 82 -26.31 -21.99 -1.21
C ASP H 82 -27.15 -21.19 -2.20
N ASN H 83 -28.48 -21.34 -2.10
CA ASN H 83 -29.40 -20.65 -2.99
C ASN H 83 -30.00 -19.39 -2.40
N VAL H 84 -29.66 -19.07 -1.15
CA VAL H 84 -30.22 -17.87 -0.55
C VAL H 84 -29.22 -16.76 -0.30
N LEU H 85 -28.04 -17.11 0.23
CA LEU H 85 -26.99 -16.13 0.54
C LEU H 85 -25.80 -16.11 -0.39
N PRO H 86 -25.16 -14.93 -0.54
CA PRO H 86 -23.98 -14.91 -1.42
C PRO H 86 -22.85 -15.70 -0.74
N GLU H 87 -21.82 -16.03 -1.50
CA GLU H 87 -20.70 -16.80 -0.97
C GLU H 87 -20.08 -16.15 0.28
N TRP H 88 -19.94 -14.83 0.24
CA TRP H 88 -19.38 -14.09 1.36
C TRP H 88 -20.46 -13.26 2.02
N VAL H 89 -20.49 -13.27 3.35
CA VAL H 89 -21.50 -12.52 4.09
C VAL H 89 -20.89 -11.97 5.36
N ARG H 90 -21.71 -11.31 6.16
CA ARG H 90 -21.27 -10.75 7.42
C ARG H 90 -22.34 -11.27 8.37
N VAL H 91 -21.96 -11.55 9.61
CA VAL H 91 -22.93 -12.05 10.58
C VAL H 91 -23.09 -10.98 11.66
N GLY H 92 -24.27 -10.92 12.28
CA GLY H 92 -24.45 -9.92 13.30
C GLY H 92 -25.68 -10.10 14.14
N LEU H 93 -25.88 -9.13 15.01
CA LEU H 93 -27.03 -9.15 15.91
C LEU H 93 -27.81 -7.86 15.69
N SER H 94 -29.13 -7.97 15.74
CA SER H 94 -29.99 -6.81 15.53
C SER H 94 -31.10 -6.75 16.59
N ALA H 95 -31.57 -5.54 16.87
CA ALA H 95 -32.63 -5.34 17.84
C ALA H 95 -33.30 -4.00 17.60
N SER H 96 -34.56 -3.90 18.04
CA SER H 96 -35.33 -2.68 17.87
C SER H 96 -36.47 -2.56 18.89
N THR H 97 -36.98 -1.34 19.01
CA THR H 97 -38.09 -1.02 19.91
C THR H 97 -39.00 -0.11 19.09
N GLY H 98 -40.21 0.15 19.57
CA GLY H 98 -41.11 1.01 18.83
C GLY H 98 -41.84 1.91 19.81
N LEU H 99 -43.14 1.70 19.92
CA LEU H 99 -43.98 2.45 20.84
C LEU H 99 -43.64 1.86 22.20
N TYR H 100 -43.49 0.55 22.19
CA TYR H 100 -43.15 -0.20 23.39
C TYR H 100 -41.65 -0.50 23.31
N LYS H 101 -41.00 -0.52 24.46
CA LYS H 101 -39.57 -0.78 24.55
C LYS H 101 -39.15 -1.92 25.45
N GLU H 102 -37.84 -2.13 25.52
CA GLU H 102 -37.21 -3.19 26.32
C GLU H 102 -35.71 -2.99 26.10
N THR H 103 -34.91 -3.55 26.99
CA THR H 103 -33.47 -3.40 26.82
C THR H 103 -33.13 -4.63 25.98
N ASN H 104 -32.16 -4.46 25.08
CA ASN H 104 -31.72 -5.54 24.21
C ASN H 104 -30.21 -5.67 24.47
N THR H 105 -29.90 -6.13 25.68
CA THR H 105 -28.52 -6.29 26.11
C THR H 105 -27.93 -7.65 25.74
N ILE H 106 -26.75 -7.61 25.13
CA ILE H 106 -26.07 -8.84 24.73
C ILE H 106 -24.87 -8.96 25.68
N LEU H 107 -24.84 -10.04 26.47
CA LEU H 107 -23.75 -10.26 27.41
C LEU H 107 -22.59 -11.05 26.86
N SER H 108 -22.80 -11.83 25.80
CA SER H 108 -21.74 -12.62 25.19
C SER H 108 -22.21 -13.07 23.82
N TRP H 109 -21.25 -13.38 22.94
CA TRP H 109 -21.56 -13.83 21.59
C TRP H 109 -20.38 -14.58 20.99
N SER H 110 -20.64 -15.72 20.38
CA SER H 110 -19.57 -16.49 19.78
C SER H 110 -20.09 -17.04 18.47
N PHE H 111 -19.17 -17.28 17.55
CA PHE H 111 -19.53 -17.79 16.25
C PHE H 111 -18.40 -18.65 15.72
N THR H 112 -18.75 -19.74 15.05
CA THR H 112 -17.74 -20.63 14.50
C THR H 112 -18.27 -21.06 13.16
N SER H 113 -17.45 -20.90 12.13
CA SER H 113 -17.80 -21.26 10.77
C SER H 113 -16.69 -22.15 10.22
N LYS H 114 -17.07 -23.25 9.58
CA LYS H 114 -16.10 -24.18 9.01
C LYS H 114 -16.48 -24.61 7.59
N LEU H 115 -15.47 -24.68 6.74
CA LEU H 115 -15.62 -25.07 5.33
C LEU H 115 -14.62 -26.17 5.01
N LYS H 116 -15.09 -27.34 4.60
CA LYS H 116 -14.19 -28.44 4.26
C LYS H 116 -14.29 -28.71 2.77
N SER H 117 -13.16 -28.58 2.07
CA SER H 117 -13.11 -28.82 0.63
C SER H 117 -12.62 -30.21 0.26
N ASN H 118 -12.52 -30.47 -1.03
CA ASN H 118 -12.05 -31.77 -1.53
C ASN H 118 -10.56 -31.99 -1.31
N SER H 119 -10.15 -32.04 -0.04
CA SER H 119 -8.75 -32.25 0.31
C SER H 119 -8.57 -32.73 1.75
N THR H 120 -7.45 -33.40 1.99
CA THR H 120 -7.10 -33.95 3.31
C THR H 120 -6.93 -32.91 4.41
N HIS H 121 -7.82 -32.98 5.40
CA HIS H 121 -7.82 -32.07 6.55
C HIS H 121 -7.85 -30.59 6.15
N GLU H 122 -8.05 -30.33 4.87
CA GLU H 122 -8.11 -28.97 4.35
C GLU H 122 -9.43 -28.34 4.68
N THR H 123 -9.45 -27.76 5.87
CA THR H 123 -10.61 -27.10 6.41
C THR H 123 -10.27 -25.64 6.65
N ASN H 124 -11.17 -24.74 6.27
CA ASN H 124 -10.94 -23.32 6.48
C ASN H 124 -11.90 -23.00 7.61
N ALA H 125 -11.48 -22.20 8.59
CA ALA H 125 -12.38 -21.88 9.68
C ALA H 125 -12.19 -20.49 10.23
N LEU H 126 -13.23 -20.01 10.88
CA LEU H 126 -13.24 -18.68 11.50
C LEU H 126 -13.99 -18.86 12.80
N HIS H 127 -13.46 -18.26 13.86
CA HIS H 127 -14.09 -18.35 15.15
C HIS H 127 -13.76 -17.13 15.99
N PHE H 128 -14.78 -16.59 16.63
CA PHE H 128 -14.60 -15.43 17.48
C PHE H 128 -15.50 -15.64 18.69
N MET H 129 -15.07 -15.10 19.83
CA MET H 129 -15.83 -15.24 21.06
C MET H 129 -15.68 -13.99 21.90
N PHE H 130 -16.81 -13.37 22.23
CA PHE H 130 -16.82 -12.16 23.04
C PHE H 130 -17.53 -12.48 24.32
N ASN H 131 -16.82 -12.40 25.44
CA ASN H 131 -17.43 -12.69 26.74
C ASN H 131 -17.50 -11.39 27.50
N GLN H 132 -16.92 -10.37 26.90
CA GLN H 132 -16.88 -9.04 27.48
C GLN H 132 -16.65 -8.10 26.31
N PHE H 133 -17.42 -7.03 26.23
CA PHE H 133 -17.27 -6.08 25.15
C PHE H 133 -16.61 -4.83 25.74
N SER H 134 -15.65 -4.24 25.03
CA SER H 134 -14.99 -3.04 25.54
C SER H 134 -15.63 -1.83 24.89
N LYS H 135 -15.29 -0.65 25.38
CA LYS H 135 -15.84 0.59 24.85
C LYS H 135 -15.38 0.85 23.41
N ASP H 136 -14.18 0.39 23.10
CA ASP H 136 -13.60 0.55 21.77
C ASP H 136 -13.37 -0.87 21.24
N GLN H 137 -14.46 -1.48 20.80
CA GLN H 137 -14.46 -2.82 20.25
C GLN H 137 -14.19 -2.71 18.76
N LYS H 138 -12.93 -2.51 18.41
CA LYS H 138 -12.54 -2.36 17.00
C LYS H 138 -12.86 -3.47 16.01
N ASP H 139 -13.24 -4.65 16.48
CA ASP H 139 -13.55 -5.72 15.54
C ASP H 139 -15.04 -5.87 15.33
N LEU H 140 -15.77 -4.83 15.71
CA LEU H 140 -17.22 -4.82 15.56
C LEU H 140 -17.64 -3.56 14.82
N ILE H 141 -18.63 -3.69 13.94
CA ILE H 141 -19.12 -2.57 13.17
C ILE H 141 -20.47 -2.28 13.82
N LEU H 142 -20.55 -1.18 14.58
CA LEU H 142 -21.80 -0.84 15.24
C LEU H 142 -22.62 0.08 14.34
N GLN H 143 -23.90 -0.22 14.21
CA GLN H 143 -24.80 0.58 13.38
C GLN H 143 -26.00 0.99 14.23
N GLY H 144 -26.63 2.10 13.88
CA GLY H 144 -27.77 2.56 14.64
C GLY H 144 -27.41 3.05 16.02
N ASP H 145 -28.21 2.65 17.01
CA ASP H 145 -27.99 3.05 18.39
C ASP H 145 -27.15 2.10 19.23
N ALA H 146 -26.61 1.07 18.58
CA ALA H 146 -25.79 0.08 19.28
C ALA H 146 -24.52 0.71 19.85
N THR H 147 -24.24 0.38 21.11
CA THR H 147 -23.05 0.88 21.81
C THR H 147 -22.51 -0.24 22.69
N THR H 148 -21.21 -0.16 22.99
CA THR H 148 -20.56 -1.17 23.83
C THR H 148 -19.95 -0.46 25.02
N GLY H 149 -19.43 -1.23 25.98
CA GLY H 149 -18.81 -0.63 27.16
C GLY H 149 -19.61 -0.55 28.43
N THR H 150 -20.94 -0.43 28.29
CA THR H 150 -21.86 -0.33 29.43
C THR H 150 -21.76 -1.60 30.29
N ASP H 151 -20.83 -1.59 31.25
CA ASP H 151 -20.61 -2.74 32.14
C ASP H 151 -20.06 -3.94 31.39
N GLY H 152 -19.32 -3.68 30.31
CA GLY H 152 -18.75 -4.76 29.52
C GLY H 152 -19.79 -5.48 28.63
N ASN H 153 -20.94 -4.84 28.43
CA ASN H 153 -22.02 -5.40 27.60
C ASN H 153 -22.21 -4.62 26.31
N LEU H 154 -23.05 -5.20 25.45
CA LEU H 154 -23.39 -4.62 24.15
C LEU H 154 -24.87 -4.24 24.18
N GLU H 155 -25.15 -2.95 24.14
CA GLU H 155 -26.54 -2.49 24.15
C GLU H 155 -26.95 -2.24 22.72
N LEU H 156 -27.72 -3.16 22.15
CA LEU H 156 -28.17 -3.00 20.78
C LEU H 156 -29.03 -1.75 20.57
N THR H 157 -29.95 -1.49 21.49
CA THR H 157 -30.81 -0.32 21.39
C THR H 157 -30.57 0.66 22.54
N ARG H 158 -30.85 1.94 22.26
CA ARG H 158 -30.68 3.03 23.19
C ARG H 158 -31.22 2.77 24.61
N VAL H 159 -30.38 3.05 25.59
CA VAL H 159 -30.72 2.86 27.00
C VAL H 159 -30.22 4.12 27.68
N SER H 160 -30.95 4.59 28.70
CA SER H 160 -30.57 5.80 29.44
C SER H 160 -29.51 5.59 30.52
N SER H 161 -29.13 6.70 31.15
CA SER H 161 -28.13 6.73 32.23
C SER H 161 -28.55 5.86 33.42
N ASN H 162 -29.86 5.86 33.67
CA ASN H 162 -30.43 5.08 34.77
C ASN H 162 -30.81 3.67 34.32
N GLY H 163 -30.42 3.32 33.10
CA GLY H 163 -30.71 2.00 32.55
C GLY H 163 -32.09 1.75 31.95
N SER H 164 -32.88 2.79 31.74
CA SER H 164 -34.21 2.58 31.15
C SER H 164 -34.18 2.52 29.62
N PRO H 165 -34.99 1.64 29.03
CA PRO H 165 -35.00 1.52 27.57
C PRO H 165 -35.79 2.62 26.88
N GLN H 166 -35.35 2.98 25.68
CA GLN H 166 -36.01 4.02 24.90
C GLN H 166 -36.82 3.37 23.78
N GLY H 167 -37.86 4.06 23.34
CA GLY H 167 -38.70 3.54 22.27
C GLY H 167 -38.16 4.05 20.95
N SER H 168 -38.66 3.47 19.86
CA SER H 168 -38.24 3.86 18.51
C SER H 168 -36.71 3.86 18.38
N SER H 169 -36.09 2.72 18.65
CA SER H 169 -34.64 2.55 18.57
C SER H 169 -34.25 1.30 17.78
N VAL H 170 -33.13 1.40 17.04
CA VAL H 170 -32.59 0.29 16.23
C VAL H 170 -31.09 0.28 16.37
N GLY H 171 -30.53 -0.91 16.41
CA GLY H 171 -29.09 -1.06 16.53
C GLY H 171 -28.69 -2.45 16.08
N ARG H 172 -27.49 -2.52 15.52
CA ARG H 172 -26.94 -3.78 15.03
C ARG H 172 -25.45 -3.74 15.29
N ALA H 173 -24.88 -4.93 15.33
CA ALA H 173 -23.46 -5.09 15.56
C ALA H 173 -23.10 -6.25 14.64
N LEU H 174 -22.15 -6.02 13.75
CA LEU H 174 -21.72 -7.05 12.83
C LEU H 174 -20.23 -7.26 13.05
N PHE H 175 -19.79 -8.49 12.85
CA PHE H 175 -18.37 -8.80 13.03
C PHE H 175 -17.66 -8.17 11.84
N TYR H 176 -16.56 -7.51 12.12
CA TYR H 176 -15.78 -6.83 11.12
C TYR H 176 -15.42 -7.64 9.89
N ALA H 177 -14.81 -8.80 10.06
CA ALA H 177 -14.43 -9.62 8.92
C ALA H 177 -15.55 -10.33 8.19
N PRO H 178 -15.47 -10.37 6.84
CA PRO H 178 -16.48 -11.05 6.03
C PRO H 178 -16.28 -12.53 6.32
N VAL H 179 -17.37 -13.29 6.24
CA VAL H 179 -17.31 -14.72 6.49
C VAL H 179 -17.63 -15.46 5.19
N HIS H 180 -16.83 -16.48 4.87
CA HIS H 180 -17.05 -17.25 3.65
C HIS H 180 -18.01 -18.37 4.08
N ILE H 181 -19.31 -18.09 4.00
CA ILE H 181 -20.35 -19.03 4.39
C ILE H 181 -20.54 -20.35 3.64
N TRP H 182 -20.23 -20.38 2.36
CA TRP H 182 -20.38 -21.61 1.59
C TRP H 182 -19.52 -21.54 0.34
N GLU H 183 -19.30 -22.70 -0.24
CA GLU H 183 -18.50 -22.77 -1.44
C GLU H 183 -18.96 -24.03 -2.16
N SER H 184 -19.06 -23.91 -3.49
CA SER H 184 -19.48 -25.01 -4.35
C SER H 184 -18.65 -26.29 -4.19
N SER H 185 -17.36 -26.11 -3.90
CA SER H 185 -16.42 -27.23 -3.73
C SER H 185 -16.30 -27.70 -2.30
N ALA H 186 -17.21 -27.28 -1.44
CA ALA H 186 -17.17 -27.68 -0.04
C ALA H 186 -17.92 -28.98 0.22
N VAL H 187 -17.20 -29.96 0.78
CA VAL H 187 -17.81 -31.25 1.09
C VAL H 187 -18.80 -30.98 2.21
N VAL H 188 -18.36 -30.22 3.21
CA VAL H 188 -19.21 -29.89 4.36
C VAL H 188 -18.94 -28.42 4.73
N ALA H 189 -20.00 -27.69 5.05
CA ALA H 189 -19.92 -26.29 5.43
C ALA H 189 -20.87 -26.19 6.62
N SER H 190 -20.44 -25.54 7.69
CA SER H 190 -21.32 -25.43 8.85
C SER H 190 -20.96 -24.25 9.69
N PHE H 191 -21.88 -23.84 10.54
CA PHE H 191 -21.63 -22.72 11.42
C PHE H 191 -22.44 -22.92 12.68
N GLU H 192 -22.06 -22.18 13.71
CA GLU H 192 -22.72 -22.27 15.00
C GLU H 192 -22.58 -20.92 15.68
N ALA H 193 -23.66 -20.43 16.25
CA ALA H 193 -23.61 -19.16 16.93
C ALA H 193 -24.26 -19.32 18.28
N THR H 194 -23.83 -18.51 19.24
CA THR H 194 -24.38 -18.57 20.58
C THR H 194 -24.28 -17.18 21.16
N PHE H 195 -25.25 -16.81 21.97
CA PHE H 195 -25.23 -15.49 22.58
C PHE H 195 -26.20 -15.46 23.71
N THR H 196 -25.86 -14.69 24.74
CA THR H 196 -26.71 -14.56 25.91
C THR H 196 -27.25 -13.14 25.90
N PHE H 197 -28.51 -13.00 26.26
CA PHE H 197 -29.13 -11.68 26.27
C PHE H 197 -29.93 -11.46 27.54
N LEU H 198 -30.29 -10.20 27.75
CA LEU H 198 -31.06 -9.80 28.90
C LEU H 198 -32.09 -8.78 28.42
N ILE H 199 -33.33 -9.23 28.32
CA ILE H 199 -34.42 -8.35 27.89
C ILE H 199 -35.19 -7.90 29.13
N LYS H 200 -35.12 -6.61 29.43
CA LYS H 200 -35.81 -6.06 30.59
C LYS H 200 -36.74 -4.97 30.12
N SER H 201 -37.99 -5.01 30.57
CA SER H 201 -38.96 -4.01 30.16
C SER H 201 -39.84 -3.54 31.32
N PRO H 202 -39.93 -2.22 31.51
CA PRO H 202 -40.72 -1.59 32.57
C PRO H 202 -42.18 -1.45 32.16
N ASP H 203 -42.46 -1.41 30.87
CA ASP H 203 -43.84 -1.27 30.41
C ASP H 203 -44.59 -2.58 30.16
N SER H 204 -45.91 -2.44 30.03
CA SER H 204 -46.86 -3.53 29.79
C SER H 204 -46.43 -4.70 28.92
N HIS H 205 -46.24 -4.44 27.63
CA HIS H 205 -45.81 -5.49 26.73
C HIS H 205 -44.49 -5.05 26.12
N PRO H 206 -43.43 -5.84 26.36
CA PRO H 206 -42.10 -5.53 25.82
C PRO H 206 -42.13 -5.60 24.30
N ALA H 207 -41.18 -4.93 23.67
CA ALA H 207 -41.08 -4.89 22.23
C ALA H 207 -39.69 -4.33 21.89
N ASP H 208 -39.13 -4.70 20.75
CA ASP H 208 -39.75 -5.60 19.79
C ASP H 208 -39.07 -6.97 19.63
N GLY H 209 -37.77 -7.03 19.84
CA GLY H 209 -37.06 -8.29 19.72
C GLY H 209 -35.60 -8.12 19.39
N ILE H 210 -34.90 -9.25 19.32
CA ILE H 210 -33.47 -9.30 18.99
C ILE H 210 -33.38 -10.37 17.91
N ALA H 211 -32.39 -10.25 17.04
CA ALA H 211 -32.24 -11.24 15.98
C ALA H 211 -30.81 -11.46 15.57
N PHE H 212 -30.46 -12.72 15.37
CA PHE H 212 -29.12 -13.03 14.94
C PHE H 212 -29.34 -13.06 13.42
N PHE H 213 -28.44 -12.48 12.65
CA PHE H 213 -28.62 -12.50 11.22
C PHE H 213 -27.35 -12.64 10.42
N ILE H 214 -27.53 -13.05 9.16
CA ILE H 214 -26.45 -13.25 8.21
C ILE H 214 -26.89 -12.39 7.01
N SER H 215 -25.98 -11.61 6.45
CA SER H 215 -26.35 -10.78 5.32
C SER H 215 -25.21 -10.48 4.36
N ASN H 216 -25.52 -9.73 3.31
CA ASN H 216 -24.52 -9.37 2.32
C ASN H 216 -23.53 -8.48 3.06
N ILE H 217 -22.27 -8.55 2.66
CA ILE H 217 -21.22 -7.76 3.29
C ILE H 217 -21.55 -6.30 3.64
N ASP H 218 -21.92 -5.51 2.64
CA ASP H 218 -22.26 -4.09 2.82
C ASP H 218 -23.63 -3.74 3.39
N SER H 219 -24.31 -4.69 4.02
CA SER H 219 -25.62 -4.40 4.58
C SER H 219 -25.62 -3.27 5.62
N SER H 220 -26.77 -2.60 5.74
CA SER H 220 -26.93 -1.49 6.68
C SER H 220 -28.40 -1.37 7.11
N ILE H 221 -28.69 -0.67 8.20
CA ILE H 221 -30.07 -0.54 8.65
C ILE H 221 -31.00 0.14 7.64
N PRO H 222 -32.07 -0.55 7.23
CA PRO H 222 -33.03 0.01 6.26
C PRO H 222 -33.74 1.17 6.94
N SER H 223 -34.03 2.25 6.20
CA SER H 223 -34.71 3.41 6.77
C SER H 223 -36.04 3.01 7.38
N GLY H 224 -36.34 3.59 8.55
CA GLY H 224 -37.58 3.30 9.23
C GLY H 224 -37.82 1.85 9.63
N SER H 225 -36.77 1.08 9.84
CA SER H 225 -36.94 -0.32 10.22
C SER H 225 -36.95 -0.54 11.75
N THR H 226 -37.36 0.49 12.49
CA THR H 226 -37.44 0.36 13.95
C THR H 226 -38.68 -0.50 14.14
N GLY H 227 -39.17 -0.60 15.37
CA GLY H 227 -40.34 -1.41 15.60
C GLY H 227 -40.28 -2.85 15.08
N ARG H 228 -41.46 -3.39 14.75
CA ARG H 228 -41.62 -4.73 14.24
C ARG H 228 -40.73 -5.19 13.09
N LEU H 229 -39.92 -4.29 12.53
CA LEU H 229 -39.04 -4.69 11.41
C LEU H 229 -37.67 -5.20 11.86
N LEU H 230 -37.41 -5.07 13.16
CA LEU H 230 -36.17 -5.52 13.76
C LEU H 230 -34.85 -5.00 13.18
N GLY H 231 -34.90 -3.85 12.51
CA GLY H 231 -33.69 -3.29 11.92
C GLY H 231 -33.11 -4.18 10.81
N LEU H 232 -33.95 -5.11 10.34
CA LEU H 232 -33.54 -6.05 9.29
C LEU H 232 -34.20 -5.86 7.93
N PHE H 233 -35.51 -5.63 7.95
CA PHE H 233 -36.27 -5.46 6.72
C PHE H 233 -36.80 -4.05 6.45
N PRO H 234 -36.88 -3.65 5.15
CA PRO H 234 -37.36 -2.35 4.69
C PRO H 234 -38.89 -2.21 4.74
N ASP H 235 -39.59 -3.34 4.64
CA ASP H 235 -41.05 -3.35 4.68
C ASP H 235 -41.49 -4.66 5.31
N ALA H 236 -42.80 -4.86 5.43
CA ALA H 236 -43.31 -6.09 6.03
C ALA H 236 -43.79 -7.15 5.04
N ASN H 237 -43.33 -7.08 3.79
CA ASN H 237 -43.74 -8.06 2.77
C ASN H 237 -42.98 -9.38 2.97
C1 MAN I . -3.15 22.57 25.81
C2 MAN I . -2.79 23.98 25.36
C3 MAN I . -3.85 24.57 24.41
C4 MAN I . -4.32 23.56 23.35
C5 MAN I . -4.63 22.22 23.96
C6 MAN I . -4.89 21.24 22.85
O1 MAN I . -4.26 22.62 26.65
O2 MAN I . -1.49 23.98 24.75
O3 MAN I . -3.33 25.73 23.73
O4 MAN I . -5.51 24.03 22.71
O5 MAN I . -3.48 21.74 24.70
O6 MAN I . -3.63 20.89 22.28
C1 MAN I . -3.68 26.97 24.25
C2 MAN I . -3.17 28.09 23.35
C3 MAN I . -1.67 28.27 23.48
C4 MAN I . -1.31 28.47 24.95
C5 MAN I . -1.79 27.24 25.69
C6 MAN I . -1.42 27.21 27.16
O2 MAN I . -3.79 29.31 23.75
O3 MAN I . -1.24 29.38 22.72
O4 MAN I . 0.11 28.60 25.08
O5 MAN I . -3.21 27.13 25.58
O6 MAN I . -2.25 28.10 27.88
C1 NAG I . -5.08 29.56 23.27
C2 NAG I . -5.76 30.56 24.22
C3 NAG I . -7.13 30.99 23.68
C4 NAG I . -7.02 31.44 22.23
C5 NAG I . -6.31 30.39 21.37
C6 NAG I . -5.99 30.94 19.99
C7 NAG I . -5.40 30.48 26.61
C8 NAG I . -5.62 29.72 27.90
N2 NAG I . -5.90 29.93 25.52
O3 NAG I . -7.64 32.07 24.45
O4 NAG I . -8.32 31.69 21.72
O5 NAG I . -5.03 30.05 21.94
O6 NAG I . -5.09 32.04 20.08
O7 NAG I . -4.79 31.55 26.62
C1 MAN I . -3.72 19.91 21.30
C2 MAN I . -2.30 19.47 20.95
C3 MAN I . -1.52 20.58 20.26
C4 MAN I . -2.34 21.18 19.09
C5 MAN I . -3.75 21.55 19.57
C6 MAN I . -4.64 22.06 18.48
O2 MAN I . -2.36 18.31 20.14
O3 MAN I . -0.28 20.10 19.77
O4 MAN I . -1.68 22.32 18.57
O5 MAN I . -4.38 20.39 20.14
O6 MAN I . -5.04 21.01 17.62
C1 NAG I . -1.52 17.27 20.54
C2 NAG I . -1.94 16.01 19.83
C3 NAG I . -0.98 14.89 20.16
C4 NAG I . 0.46 15.32 19.89
C5 NAG I . 0.72 16.55 20.73
C6 NAG I . 2.13 17.12 20.75
C7 NAG I . -4.24 15.30 19.50
C8 NAG I . -5.58 15.02 20.16
N2 NAG I . -3.27 15.69 20.32
O3 NAG I . -1.30 13.74 19.39
O4 NAG I . 1.33 14.26 20.25
O5 NAG I . -0.16 17.58 20.30
O6 NAG I . 2.43 17.77 19.54
O7 NAG I . -4.06 15.11 18.30
C1 MAN J . 27.35 -15.83 -35.09
C2 MAN J . 26.84 -14.89 -36.20
C3 MAN J . 27.74 -13.67 -36.41
C4 MAN J . 28.20 -13.04 -35.12
C5 MAN J . 28.76 -14.10 -34.15
C6 MAN J . 29.07 -13.46 -32.81
O1 MAN J . 28.45 -16.55 -35.55
O2 MAN J . 25.51 -14.48 -35.91
O3 MAN J . 27.05 -12.66 -37.17
O4 MAN J . 29.21 -12.09 -35.40
O5 MAN J . 27.75 -15.10 -33.91
O6 MAN J . 27.82 -13.19 -32.15
C1 MAN J . 27.40 -12.58 -38.53
C2 MAN J . 26.79 -11.31 -39.14
C3 MAN J . 25.27 -11.45 -39.30
C4 MAN J . 24.92 -12.76 -40.03
C5 MAN J . 25.55 -13.92 -39.26
C6 MAN J . 25.24 -15.31 -39.81
O2 MAN J . 27.36 -11.12 -40.45
O3 MAN J . 24.75 -10.33 -40.02
O4 MAN J . 23.51 -12.91 -40.08
O5 MAN J . 26.98 -13.74 -39.23
O6 MAN J . 26.08 -15.62 -40.90
C1 NAG J . 28.66 -10.61 -40.51
C2 NAG J . 29.29 -11.12 -41.82
C3 NAG J . 30.63 -10.43 -42.12
C4 NAG J . 30.46 -8.91 -42.05
C5 NAG J . 29.87 -8.51 -40.69
C6 NAG J . 29.56 -7.03 -40.65
C7 NAG J . 28.97 -13.38 -42.66
C8 NAG J . 29.24 -14.86 -42.45
N2 NAG J . 29.49 -12.56 -41.74
O3 NAG J . 31.06 -10.81 -43.41
O4 NAG J . 31.72 -8.28 -42.23
O5 NAG J . 28.62 -9.19 -40.47
O6 NAG J . 28.41 -6.72 -41.46
O7 NAG J . 28.29 -12.98 -43.62
C1 MAN J . 27.91 -12.62 -30.87
C2 MAN J . 26.51 -12.62 -30.30
C3 MAN J . 25.60 -11.65 -31.03
C4 MAN J . 26.25 -10.26 -31.15
C5 MAN J . 27.65 -10.41 -31.72
C6 MAN J . 28.41 -9.10 -31.89
O2 MAN J . 26.56 -12.32 -28.91
O3 MAN J . 24.34 -11.54 -30.37
O4 MAN J . 25.46 -9.47 -32.02
O5 MAN J . 28.43 -11.30 -30.90
O6 MAN J . 28.99 -8.66 -30.66
C1 NAG J . 25.87 -13.25 -28.13
C2 NAG J . 26.39 -13.12 -26.70
C3 NAG J . 25.54 -13.96 -25.76
C4 NAG J . 24.07 -13.62 -25.94
C5 NAG J . 23.71 -13.92 -27.38
C6 NAG J . 22.23 -13.78 -27.76
C7 NAG J . 28.73 -12.93 -26.08
C8 NAG J . 30.11 -13.54 -26.13
N2 NAG J . 27.76 -13.61 -26.68
O3 NAG J . 25.94 -13.70 -24.42
O4 NAG J . 23.31 -14.41 -25.04
O5 NAG J . 24.47 -13.08 -28.25
O6 NAG J . 21.87 -12.44 -28.01
O7 NAG J . 28.55 -11.85 -25.53
C1 MAN K . 44.37 58.60 -18.65
C2 MAN K . 44.29 57.75 -17.37
C3 MAN K . 44.80 56.33 -17.58
C4 MAN K . 44.27 55.72 -18.86
C5 MAN K . 44.46 56.66 -20.05
C6 MAN K . 43.82 56.09 -21.30
O1 MAN K . 45.68 58.89 -18.95
O2 MAN K . 42.97 57.74 -16.88
O3 MAN K . 44.35 55.51 -16.49
O4 MAN K . 44.92 54.48 -19.10
O5 MAN K . 43.80 57.90 -19.76
O6 MAN K . 42.39 56.15 -21.13
C1 MAN K . 45.33 55.17 -15.55
C2 MAN K . 44.78 54.10 -14.59
C3 MAN K . 43.73 54.74 -13.66
C4 MAN K . 44.26 56.01 -13.00
C5 MAN K . 44.73 56.96 -14.09
C6 MAN K . 45.26 58.28 -13.58
O2 MAN K . 45.85 53.54 -13.81
O3 MAN K . 43.33 53.81 -12.64
O4 MAN K . 43.25 56.62 -12.21
O5 MAN K . 45.77 56.32 -14.85
O6 MAN K . 46.64 58.18 -13.29
C1 NAG K . 46.65 52.52 -14.36
C2 NAG K . 48.03 52.60 -13.68
C3 NAG K . 48.94 51.45 -14.11
C4 NAG K . 48.23 50.13 -13.86
C5 NAG K . 46.88 50.10 -14.59
C6 NAG K . 46.11 48.85 -14.22
C7 NAG K . 49.04 54.71 -13.08
C8 NAG K . 49.69 56.00 -13.56
N2 NAG K . 48.64 53.86 -14.03
O3 NAG K . 50.12 51.52 -13.31
O4 NAG K . 49.05 49.03 -14.29
O5 NAG K . 46.07 51.23 -14.18
O6 NAG K . 45.74 48.84 -12.85
O7 NAG K . 48.95 54.46 -11.87
C1 MAN K . 41.62 55.77 -22.21
C2 MAN K . 40.22 56.25 -21.94
C3 MAN K . 39.63 55.54 -20.71
C4 MAN K . 39.77 54.02 -20.86
C5 MAN K . 41.22 53.65 -21.18
C6 MAN K . 41.44 52.16 -21.40
O2 MAN K . 39.42 56.03 -23.11
O3 MAN K . 38.28 55.89 -20.52
O4 MAN K . 39.39 53.38 -19.65
O5 MAN K . 41.62 54.35 -22.37
O6 MAN K . 41.03 51.73 -22.69
C1 NAG K . 38.70 57.18 -23.51
C2 NAG K . 38.30 57.04 -24.98
C3 NAG K . 37.35 58.16 -25.38
C4 NAG K . 36.16 58.21 -24.39
C5 NAG K . 36.75 58.51 -23.03
C6 NAG K . 35.75 58.77 -21.90
C7 NAG K . 39.74 56.28 -26.77
C8 NAG K . 41.05 56.48 -27.52
N2 NAG K . 39.51 57.12 -25.78
O3 NAG K . 36.90 57.94 -26.70
O4 NAG K . 35.24 59.20 -24.78
O5 NAG K . 37.59 57.41 -22.64
O6 NAG K . 35.20 57.56 -21.39
O7 NAG K . 38.98 55.37 -27.09
C1 MAN L . -23.93 36.49 -49.47
C2 MAN L . -23.78 35.01 -49.22
C3 MAN L . -24.23 34.62 -47.79
C4 MAN L . -23.74 35.58 -46.72
C5 MAN L . -23.95 37.03 -47.13
C6 MAN L . -23.29 37.96 -46.14
O1 MAN L . -25.28 36.83 -49.53
O2 MAN L . -22.44 34.64 -49.46
O3 MAN L . -23.73 33.30 -47.47
O4 MAN L . -24.42 35.35 -45.50
O5 MAN L . -23.33 37.25 -48.41
O6 MAN L . -21.86 37.82 -46.27
C1 MAN L . -24.66 32.28 -47.54
C2 MAN L . -24.06 31.00 -46.98
C3 MAN L . -23.01 30.44 -47.94
C4 MAN L . -23.60 30.28 -49.33
C5 MAN L . -24.08 31.65 -49.77
C6 MAN L . -24.65 31.70 -51.19
O2 MAN L . -25.10 30.01 -46.81
O3 MAN L . -22.51 29.19 -47.49
O4 MAN L . -22.61 29.77 -50.22
O5 MAN L . -25.11 32.10 -48.87
O6 MAN L . -25.99 31.24 -51.22
C1 NAG L . -25.98 30.17 -45.73
C2 NAG L . -27.34 29.64 -46.18
C3 NAG L . -28.35 29.54 -45.04
C4 NAG L . -27.74 28.76 -43.89
C5 NAG L . -26.40 29.36 -43.46
C6 NAG L . -25.71 28.45 -42.46
C7 NAG L . -28.24 30.01 -48.38
C8 NAG L . -28.79 31.01 -49.38
N2 NAG L . -27.88 30.51 -47.20
O3 NAG L . -29.49 28.84 -45.50
O4 NAG L . -28.66 28.75 -42.80
O5 NAG L . -25.50 29.45 -44.59
O6 NAG L . -25.25 27.24 -43.07
O7 NAG L . -28.15 28.80 -48.65
C1 MAN L . -21.11 38.64 -45.45
C2 MAN L . -19.69 38.60 -46.00
C3 MAN L . -19.06 37.22 -45.81
C4 MAN L . -19.16 36.79 -44.36
C5 MAN L . -20.63 36.87 -43.92
C6 MAN L . -20.89 36.45 -42.51
O2 MAN L . -18.89 39.61 -45.38
O3 MAN L . -17.72 37.20 -46.24
O4 MAN L . -18.69 35.46 -44.22
O5 MAN L . -21.12 38.21 -44.10
O6 MAN L . -20.69 37.52 -41.61
C1 NAG L . -18.18 40.36 -46.30
C2 NAG L . -17.77 41.65 -45.64
C3 NAG L . -16.89 42.45 -46.59
C4 NAG L . -15.73 41.59 -47.07
C5 NAG L . -16.31 40.39 -47.80
C6 NAG L . -15.29 39.46 -48.42
C7 NAG L . -19.14 42.92 -44.10
C8 NAG L . -20.44 43.67 -43.86
N2 NAG L . -18.97 42.39 -45.31
O3 NAG L . -16.40 43.60 -45.93
O4 NAG L . -14.94 42.35 -47.96
O5 NAG L . -17.09 39.64 -46.86
O6 NAG L . -14.59 38.73 -47.43
O7 NAG L . -18.31 42.83 -43.21
C1 MAN M . 5.69 -29.53 63.08
C2 MAN M . 6.15 -28.29 62.32
C3 MAN M . 5.01 -27.28 62.14
C4 MAN M . 3.74 -27.94 61.66
C5 MAN M . 3.39 -29.11 62.54
C6 MAN M . 2.18 -29.82 61.99
O1 MAN M . 5.45 -29.21 64.41
O2 MAN M . 6.69 -28.66 61.06
O3 MAN M . 5.38 -26.28 61.18
O4 MAN M . 2.69 -26.99 61.70
O5 MAN M . 4.48 -30.05 62.51
O6 MAN M . 2.57 -30.45 60.76
C1 MAN M . 5.81 -25.06 61.71
C2 MAN M . 5.94 -24.05 60.57
C3 MAN M . 7.11 -24.42 59.67
C4 MAN M . 8.38 -24.51 60.52
C5 MAN M . 8.14 -25.59 61.56
C6 MAN M . 9.33 -25.82 62.44
O2 MAN M . 6.20 -22.76 61.13
O3 MAN M . 7.28 -23.44 58.66
O4 MAN M . 9.50 -24.86 59.72
O5 MAN M . 7.03 -25.20 62.40
O6 MAN M . 9.44 -24.78 63.39
C1 NAG M . 5.10 -22.05 61.59
C2 NAG M . 5.60 -21.06 62.64
C3 NAG M . 4.49 -20.10 63.06
C4 NAG M . 3.88 -19.43 61.84
C5 NAG M . 3.37 -20.52 60.89
C6 NAG M . 2.77 -19.97 59.60
C7 NAG M . 7.32 -21.60 64.25
C8 NAG M . 7.73 -22.45 65.45
N2 NAG M . 6.09 -21.81 63.77
O3 NAG M . 5.04 -19.10 63.92
O4 NAG M . 2.81 -18.59 62.23
O5 NAG M . 4.45 -21.38 60.51
O6 NAG M . 3.76 -19.36 58.78
O7 NAG M . 8.10 -20.78 63.77
C1 MAN M . 1.56 -31.17 60.15
C2 MAN M . 2.19 -32.00 59.04
C3 MAN M . 2.67 -31.11 57.89
C4 MAN M . 1.60 -30.13 57.45
C5 MAN M . 1.06 -29.38 58.66
C6 MAN M . -0.07 -28.44 58.31
O2 MAN M . 1.25 -32.98 58.55
O3 MAN M . 3.05 -31.90 56.78
O4 MAN M . 2.15 -29.22 56.52
O5 MAN M . 0.55 -30.32 59.63
O6 MAN M . -1.28 -29.15 58.19
C1 NAG M . 1.75 -34.27 58.54
C2 NAG M . 0.58 -35.23 58.49
C3 NAG M . 1.08 -36.66 58.29
C4 NAG M . 1.99 -36.71 57.06
C5 NAG M . 3.14 -35.81 57.36
C6 NAG M . 4.37 -35.83 56.43
C7 NAG M . -1.45 -35.02 59.78
C8 NAG M . -2.09 -34.94 61.14
N2 NAG M . -0.14 -35.16 59.75
O3 NAG M . -0.04 -37.52 58.14
O4 NAG M . 2.44 -38.02 56.85
O5 NAG M . 2.65 -34.47 57.45
O6 NAG M . 4.27 -34.91 55.37
O7 NAG M . -2.13 -34.99 58.77
C1 MAN N . -23.14 -67.58 1.22
C2 MAN N . -23.86 -66.40 0.58
C3 MAN N . -22.94 -65.61 -0.36
C4 MAN N . -21.54 -65.39 0.21
C5 MAN N . -20.97 -66.66 0.85
C6 MAN N . -19.69 -66.34 1.60
O1 MAN N . -22.85 -68.53 0.24
O2 MAN N . -24.41 -65.56 1.58
O3 MAN N . -23.53 -64.32 -0.64
O4 MAN N . -20.67 -64.97 -0.84
O5 MAN N . -21.91 -67.17 1.82
O6 MAN N . -20.04 -65.58 2.78
C1 MAN N . -23.98 -64.18 -1.95
C2 MAN N . -24.35 -62.72 -2.24
C3 MAN N . -25.56 -62.28 -1.39
C4 MAN N . -26.71 -63.27 -1.58
C5 MAN N . -26.24 -64.72 -1.33
C6 MAN N . -27.32 -65.75 -1.64
O2 MAN N . -24.71 -62.63 -3.64
O3 MAN N . -26.00 -60.97 -1.78
O4 MAN N . -27.76 -62.94 -0.66
O5 MAN N . -25.11 -65.01 -2.20
O6 MAN N . -27.38 -66.01 -3.05
C1 NAG N . -23.60 -62.57 -4.50
C2 NAG N . -23.98 -63.13 -5.88
C3 NAG N . -22.86 -62.91 -6.89
C4 NAG N . -22.38 -61.46 -6.86
C5 NAG N . -21.98 -61.09 -5.45
C6 NAG N . -21.55 -59.66 -5.27
C7 NAG N . -25.38 -65.04 -6.28
C8 NAG N . -25.67 -66.51 -6.13
N2 NAG N . -24.28 -64.54 -5.74
O3 NAG N . -23.34 -63.22 -8.19
O4 NAG N . -21.27 -61.29 -7.74
O5 NAG N . -23.10 -61.25 -4.59
O6 NAG N . -22.56 -58.75 -5.69
O7 NAG N . -26.12 -64.35 -6.91
C1 MAN N . -18.97 -65.28 3.63
C2 MAN N . -19.56 -64.93 4.98
C3 MAN N . -20.39 -63.63 4.91
C4 MAN N . -19.57 -62.52 4.30
C5 MAN N . -18.98 -62.98 2.97
C6 MAN N . -18.07 -61.95 2.32
O2 MAN N . -18.52 -64.83 5.95
O3 MAN N . -20.85 -63.25 6.20
O4 MAN N . -20.41 -61.41 4.09
O5 MAN N . -18.20 -64.18 3.16
O6 MAN N . -16.75 -62.03 2.82
C1 NAG N . -18.78 -65.61 7.08
C2 NAG N . -17.47 -65.87 7.84
C3 NAG N . -17.76 -66.51 9.20
C4 NAG N . -18.83 -65.70 9.96
C5 NAG N . -20.09 -65.69 9.09
C6 NAG N . -21.33 -65.06 9.72
C7 NAG N . -15.38 -66.48 6.74
C8 NAG N . -14.63 -67.52 5.91
N2 NAG N . -16.64 -66.77 7.05
O3 NAG N . -16.57 -66.60 9.96
O4 NAG N . -19.09 -66.29 11.22
O5 NAG N . -19.81 -65.01 7.87
O6 NAG N . -21.37 -63.65 9.53
O7 NAG N . -14.83 -65.44 7.08
C1 MAN O . 25.02 -4.22 -2.79
C2 MAN O . 25.43 -5.16 -1.64
C3 MAN O . 25.25 -6.63 -2.03
C4 MAN O . 23.92 -6.87 -2.72
C5 MAN O . 23.68 -5.89 -3.84
C6 MAN O . 22.28 -6.07 -4.39
O1 MAN O . 25.95 -4.30 -3.82
O2 MAN O . 24.70 -4.86 -0.46
O3 MAN O . 25.31 -7.47 -0.86
O4 MAN O . 23.93 -8.18 -3.27
O5 MAN O . 23.73 -4.55 -3.32
O6 MAN O . 21.34 -5.58 -3.41
C1 MAN O . 26.51 -8.14 -0.65
C2 MAN O . 26.38 -9.11 0.52
C3 MAN O . 26.22 -8.37 1.83
C4 MAN O . 27.39 -7.39 1.99
C5 MAN O . 27.42 -6.46 0.77
C6 MAN O . 28.52 -5.43 0.81
O2 MAN O . 27.59 -9.87 0.62
O3 MAN O . 26.21 -9.29 2.91
O4 MAN O . 27.20 -6.65 3.18
O5 MAN O . 27.58 -7.23 -0.42
O6 MAN O . 29.77 -6.01 0.49
C1 NAG O . 27.76 -10.83 -0.35
C2 NAG O . 29.22 -11.25 -0.35
C3 NAG O . 29.46 -12.45 -1.26
C4 NAG O . 28.45 -13.56 -0.98
C5 NAG O . 27.04 -12.98 -1.07
C6 NAG O . 25.96 -13.98 -0.75
C7 NAG O . 31.12 -9.72 -0.20
C8 NAG O . 31.85 -8.54 -0.83
N2 NAG O . 30.02 -10.13 -0.84
O3 NAG O . 30.77 -12.96 -1.07
O4 NAG O . 28.59 -14.60 -1.92
O5 NAG O . 26.91 -11.94 -0.12
O6 NAG O . 26.06 -14.45 0.59
O7 NAG O . 31.53 -10.23 0.85
C1 MAN O . 20.00 -5.61 -3.81
C2 MAN O . 19.20 -4.82 -2.78
C3 MAN O . 19.21 -5.53 -1.41
C4 MAN O . 18.79 -6.99 -1.56
C5 MAN O . 19.63 -7.67 -2.66
C6 MAN O . 19.25 -9.10 -2.93
O2 MAN O . 17.86 -4.65 -3.24
O3 MAN O . 18.33 -4.87 -0.52
O4 MAN O . 19.00 -7.64 -0.32
O5 MAN O . 19.49 -6.94 -3.91
O6 MAN O . 18.02 -9.19 -3.64
C1 NAG O . 17.49 -3.31 -3.26
C2 NAG O . 16.27 -3.15 -4.15
C3 NAG O . 15.63 -1.78 -3.96
C4 NAG O . 15.40 -1.51 -2.49
C5 NAG O . 16.78 -1.53 -1.84
C6 NAG O . 16.85 -1.07 -0.40
C7 NAG O . 16.04 -4.07 -6.39
C8 NAG O . 16.58 -4.13 -7.81
N2 NAG O . 16.71 -3.29 -5.53
O3 NAG O . 14.40 -1.72 -4.66
O4 NAG O . 14.79 -0.24 -2.32
O5 NAG O . 17.29 -2.85 -1.93
O6 NAG O . 16.27 -2.01 0.48
O7 NAG O . 15.05 -4.73 -6.06
C1 MAN P . -50.82 -0.32 15.42
C2 MAN P . -51.08 -1.79 15.75
C3 MAN P . -50.77 -2.14 17.22
C4 MAN P . -49.47 -1.49 17.69
C5 MAN P . -49.40 -0.02 17.31
C6 MAN P . -48.06 0.60 17.68
O1 MAN P . -51.79 0.49 15.99
O2 MAN P . -50.34 -2.64 14.87
O3 MAN P . -50.65 -3.57 17.38
O4 MAN P . -49.40 -1.63 19.10
O5 MAN P . -49.54 0.13 15.89
O6 MAN P . -47.07 0.16 16.74
C1 MAN P . -51.78 -4.25 17.87
C2 MAN P . -51.47 -5.73 18.13
C3 MAN P . -51.23 -6.47 16.82
C4 MAN P . -52.44 -6.28 15.93
C5 MAN P . -52.68 -4.78 15.70
C6 MAN P . -53.91 -4.48 14.85
O2 MAN P . -52.62 -6.34 18.74
O3 MAN P . -51.06 -7.86 17.06
O4 MAN P . -52.24 -6.95 14.69
O5 MAN P . -52.87 -4.13 16.98
O6 MAN P . -55.11 -4.63 15.60
C1 NAG P . -52.91 -6.00 20.05
C2 NAG P . -54.27 -6.66 20.44
C3 NAG P . -54.51 -6.68 21.95
C4 NAG P . -53.27 -7.16 22.68
C5 NAG P . -52.13 -6.27 22.30
C6 NAG P . -50.85 -6.63 23.01
C7 NAG P . -56.27 -6.54 19.04
C8 NAG P . -57.30 -5.62 18.43
N2 NAG P . -55.34 -5.93 19.78
O3 NAG P . -55.58 -7.55 22.26
O4 NAG P . -53.47 -7.11 24.08
O5 NAG P . -51.85 -6.40 20.90
O6 NAG P . -50.40 -7.92 22.62
O7 NAG P . -56.37 -7.76 18.93
C1 MAN P . -45.76 0.64 16.96
C2 MAN P . -44.93 0.34 15.71
C3 MAN P . -44.74 -1.18 15.55
C4 MAN P . -44.23 -1.83 16.82
C5 MAN P . -45.08 -1.40 18.03
C6 MAN P . -44.55 -1.91 19.35
O2 MAN P . -43.68 1.05 15.76
O3 MAN P . -43.82 -1.45 14.50
O4 MAN P . -44.31 -3.25 16.67
O5 MAN P . -45.14 0.04 18.10
O6 MAN P . -43.51 -1.07 19.85
C1 NAG P . -43.39 1.72 14.56
C2 NAG P . -42.31 2.79 14.79
C3 NAG P . -41.86 3.40 13.46
C4 NAG P . -41.51 2.31 12.44
C5 NAG P . -42.71 1.38 12.28
C6 NAG P . -42.51 0.25 11.28
C7 NAG P . -42.22 4.28 16.71
C8 NAG P . -42.93 5.37 17.52
N2 NAG P . -42.87 3.82 15.64
O3 NAG P . -40.75 4.27 13.67
O4 NAG P . -41.18 2.88 11.18
O5 NAG P . -43.01 0.79 13.55
O6 NAG P . -41.78 -0.84 11.82
O7 NAG P . -41.09 3.90 17.03
MN MN Q . 4.58 28.07 14.29
CA CA R . 1.15 25.99 15.82
MN MN S . 18.70 -3.71 -35.28
CA CA T . 22.00 -5.64 -34.25
MN MN U . 34.04 49.56 -12.55
CA CA V . 36.87 50.52 -15.71
MN MN W . -13.15 27.75 -43.63
CA CA X . -15.88 30.88 -43.17
MN MN Y . 5.91 -25.46 48.77
CA CA Z . 3.85 -26.29 52.26
MN MN AA . -25.49 -53.10 5.07
CA CA BA . -23.00 -56.27 3.56
MN MN CA . 17.95 -10.65 8.91
CA CA DA . 18.50 -10.09 4.58
MN MN EA . -42.23 -12.66 14.29
CA CA FA . -43.40 -9.15 16.48
#